data_4L08
#
_entry.id   4L08
#
_cell.length_a   74.449
_cell.length_b   167.045
_cell.length_c   175.018
_cell.angle_alpha   90.000
_cell.angle_beta   90.000
_cell.angle_gamma   90.000
#
_symmetry.space_group_name_H-M   'P 2 21 21'
#
loop_
_entity.id
_entity.type
_entity.pdbx_description
1 polymer 'Hydrolase, isochorismatase family'
2 non-polymer 'MALEIC ACID'
3 water water
#
_entity_poly.entity_id   1
_entity_poly.type   'polypeptide(L)'
_entity_poly.pdbx_seq_one_letter_code
;MSQKEVYDAAGFGNPVSRGVHPAIIVVDFSYGFTDLQYPTASDASLQMSRTKEICDLARALEFPVIFTTIAYHPGEIPML
PWLEKSSGMAALLYGSRLVEIDMATGIQPNDVVVVKKGASSFFGSTLSSLLAGTNTDTVVVTGATTSGAVRATVVDAVQS
GFKVLVPADCCADRAKGPHEASLYDIQQKYGDVTDSDDILKWLRSVAG
;
_entity_poly.pdbx_strand_id   B,A,C,D,E,F,G,H
#
loop_
_chem_comp.id
_chem_comp.type
_chem_comp.name
_chem_comp.formula
MAE non-polymer 'MALEIC ACID' 'C4 H4 O4'
#
# COMPACT_ATOMS: atom_id res chain seq x y z
N GLN A 3 28.39 -16.27 -12.16
CA GLN A 3 27.70 -17.34 -11.35
C GLN A 3 26.27 -17.54 -11.81
N LYS A 4 25.55 -16.42 -12.00
CA LYS A 4 24.16 -16.46 -12.49
C LYS A 4 24.08 -17.19 -13.82
N GLU A 5 25.04 -16.91 -14.71
CA GLU A 5 25.12 -17.55 -16.02
C GLU A 5 25.42 -19.04 -15.92
N VAL A 6 26.25 -19.42 -14.95
CA VAL A 6 26.63 -20.82 -14.72
C VAL A 6 25.42 -21.65 -14.30
N TYR A 7 24.63 -21.11 -13.37
CA TYR A 7 23.46 -21.81 -12.83
C TYR A 7 22.29 -21.87 -13.81
N ASP A 8 22.13 -20.84 -14.63
CA ASP A 8 21.06 -20.78 -15.62
C ASP A 8 21.27 -21.75 -16.80
N ALA A 9 22.54 -21.95 -17.17
CA ALA A 9 22.92 -22.90 -18.21
C ALA A 9 22.86 -24.34 -17.71
N ALA A 10 23.18 -24.53 -16.44
CA ALA A 10 23.04 -25.83 -15.78
C ALA A 10 21.58 -26.18 -15.53
N GLY A 11 20.69 -25.22 -15.80
CA GLY A 11 19.25 -25.44 -15.73
C GLY A 11 18.68 -25.34 -14.33
N PHE A 12 19.24 -24.46 -13.50
CA PHE A 12 18.74 -24.23 -12.16
C PHE A 12 17.87 -22.98 -12.09
N GLY A 13 16.98 -22.93 -11.11
CA GLY A 13 16.22 -21.72 -10.80
C GLY A 13 14.87 -21.58 -11.48
N ASN A 14 14.44 -22.63 -12.18
CA ASN A 14 13.14 -22.65 -12.84
C ASN A 14 11.97 -22.57 -11.84
N PRO A 15 10.89 -21.87 -12.21
CA PRO A 15 9.72 -21.77 -11.32
C PRO A 15 9.02 -23.12 -11.14
N VAL A 16 8.42 -23.33 -9.97
CA VAL A 16 7.65 -24.54 -9.70
C VAL A 16 6.16 -24.26 -9.96
N SER A 17 5.51 -25.18 -10.68
CA SER A 17 4.07 -25.09 -10.91
C SER A 17 3.34 -25.76 -9.76
N ARG A 18 2.55 -24.96 -9.04
CA ARG A 18 1.94 -25.37 -7.79
C ARG A 18 0.73 -26.29 -8.00
N GLY A 19 0.58 -27.26 -7.11
CA GLY A 19 -0.53 -28.21 -7.17
C GLY A 19 -1.81 -27.65 -6.55
N VAL A 20 -2.73 -28.54 -6.22
CA VAL A 20 -4.03 -28.15 -5.67
C VAL A 20 -4.39 -28.86 -4.35
N HIS A 21 -3.39 -29.43 -3.68
CA HIS A 21 -3.58 -30.04 -2.36
C HIS A 21 -2.45 -29.68 -1.45
N PRO A 22 -2.51 -28.48 -0.86
CA PRO A 22 -1.38 -28.00 -0.07
C PRO A 22 -1.37 -28.51 1.36
N ALA A 23 -0.18 -28.57 1.95
CA ALA A 23 0.00 -28.88 3.35
C ALA A 23 1.08 -27.95 3.87
N ILE A 24 0.95 -27.52 5.12
CA ILE A 24 1.97 -26.67 5.73
C ILE A 24 2.76 -27.46 6.78
N ILE A 25 4.08 -27.42 6.64
CA ILE A 25 4.99 -28.08 7.56
C ILE A 25 5.75 -27.06 8.38
N VAL A 26 5.52 -27.08 9.70
CA VAL A 26 6.20 -26.17 10.60
C VAL A 26 7.36 -26.92 11.27
N VAL A 27 8.58 -26.52 10.90
CA VAL A 27 9.77 -27.26 11.31
C VAL A 27 10.42 -26.69 12.57
N ASP A 28 10.44 -27.51 13.62
CA ASP A 28 11.16 -27.23 14.87
C ASP A 28 10.97 -25.81 15.42
N PHE A 29 9.72 -25.37 15.49
CA PHE A 29 9.39 -24.14 16.19
C PHE A 29 9.02 -24.46 17.65
N SER A 30 9.86 -25.29 18.28
CA SER A 30 9.72 -25.58 19.69
C SER A 30 10.49 -24.55 20.52
N TYR A 31 10.29 -24.56 21.84
CA TYR A 31 10.93 -23.59 22.72
C TYR A 31 12.46 -23.64 22.68
N GLY A 32 12.99 -24.84 22.49
CA GLY A 32 14.43 -25.04 22.33
C GLY A 32 15.08 -24.21 21.23
N PHE A 33 14.30 -23.88 20.20
CA PHE A 33 14.80 -23.14 19.05
C PHE A 33 14.25 -21.70 18.91
N THR A 34 13.33 -21.32 19.80
CA THR A 34 12.61 -20.04 19.68
C THR A 34 12.66 -19.18 20.95
N ASP A 35 13.04 -19.78 22.07
CA ASP A 35 13.14 -19.06 23.35
C ASP A 35 14.59 -18.79 23.73
N LEU A 36 14.96 -17.52 23.75
CA LEU A 36 16.35 -17.08 23.92
C LEU A 36 17.04 -17.49 25.23
N GLN A 37 16.26 -17.95 26.21
CA GLN A 37 16.86 -18.42 27.47
C GLN A 37 17.70 -19.68 27.26
N TYR A 38 17.45 -20.41 26.18
CA TYR A 38 18.23 -21.59 25.82
C TYR A 38 19.27 -21.22 24.74
N PRO A 39 20.52 -21.70 24.92
CA PRO A 39 21.61 -21.31 24.01
C PRO A 39 21.47 -21.86 22.58
N THR A 40 20.53 -22.78 22.37
CA THR A 40 20.29 -23.39 21.07
C THR A 40 19.24 -22.65 20.24
N ALA A 41 18.73 -21.54 20.78
CA ALA A 41 17.59 -20.83 20.18
C ALA A 41 17.98 -19.59 19.37
N SER A 42 17.08 -19.18 18.49
CA SER A 42 17.21 -17.95 17.70
C SER A 42 16.00 -17.04 17.91
N ASP A 43 16.12 -15.78 17.51
CA ASP A 43 14.98 -14.86 17.53
C ASP A 43 14.00 -15.26 16.44
N ALA A 44 12.81 -15.69 16.84
CA ALA A 44 11.81 -16.18 15.89
C ALA A 44 10.47 -15.47 16.02
N SER A 45 10.44 -14.39 16.82
CA SER A 45 9.21 -13.65 17.11
C SER A 45 8.41 -13.25 15.85
N LEU A 46 9.06 -12.54 14.93
CA LEU A 46 8.40 -12.09 13.69
C LEU A 46 7.94 -13.26 12.82
N GLN A 47 8.83 -14.21 12.60
CA GLN A 47 8.55 -15.36 11.72
C GLN A 47 7.46 -16.30 12.25
N MET A 48 7.38 -16.45 13.57
CA MET A 48 6.32 -17.27 14.19
C MET A 48 4.93 -16.67 14.01
N SER A 49 4.82 -15.35 14.06
CA SER A 49 3.55 -14.67 13.82
C SER A 49 3.11 -14.80 12.36
N ARG A 50 4.07 -14.81 11.44
CA ARG A 50 3.80 -15.05 10.01
C ARG A 50 3.28 -16.46 9.77
N THR A 51 3.92 -17.44 10.41
CA THR A 51 3.51 -18.84 10.31
C THR A 51 2.12 -19.05 10.92
N LYS A 52 1.85 -18.35 12.02
CA LYS A 52 0.54 -18.35 12.66
C LYS A 52 -0.59 -17.97 11.69
N GLU A 53 -0.39 -16.89 10.93
CA GLU A 53 -1.37 -16.45 9.92
C GLU A 53 -1.62 -17.52 8.86
N ILE A 54 -0.54 -18.13 8.37
CA ILE A 54 -0.61 -19.21 7.37
C ILE A 54 -1.35 -20.43 7.91
N CYS A 55 -0.96 -20.87 9.11
CA CYS A 55 -1.57 -22.05 9.73
C CYS A 55 -3.04 -21.86 10.05
N ASP A 56 -3.40 -20.68 10.58
CA ASP A 56 -4.79 -20.35 10.88
C ASP A 56 -5.67 -20.33 9.63
N LEU A 57 -5.07 -19.93 8.50
CA LEU A 57 -5.78 -19.95 7.22
C LEU A 57 -6.01 -21.38 6.77
N ALA A 58 -4.94 -22.18 6.77
CA ALA A 58 -4.99 -23.56 6.28
C ALA A 58 -5.92 -24.45 7.09
N ARG A 59 -5.95 -24.24 8.40
CA ARG A 59 -6.83 -25.00 9.29
C ARG A 59 -8.30 -24.69 8.99
N ALA A 60 -8.58 -23.42 8.69
CA ALA A 60 -9.92 -22.98 8.30
C ALA A 60 -10.32 -23.50 6.91
N LEU A 61 -9.35 -23.63 6.03
CA LEU A 61 -9.57 -24.17 4.68
C LEU A 61 -9.42 -25.69 4.61
N GLU A 62 -9.20 -26.31 5.77
CA GLU A 62 -9.08 -27.77 5.92
C GLU A 62 -7.87 -28.41 5.21
N PHE A 63 -6.77 -27.67 5.14
CA PHE A 63 -5.51 -28.22 4.67
C PHE A 63 -4.71 -28.73 5.88
N PRO A 64 -3.97 -29.84 5.71
CA PRO A 64 -3.19 -30.40 6.83
C PRO A 64 -2.09 -29.46 7.31
N VAL A 65 -2.01 -29.28 8.62
CA VAL A 65 -0.96 -28.50 9.26
C VAL A 65 -0.20 -29.45 10.17
N ILE A 66 1.08 -29.65 9.86
CA ILE A 66 1.90 -30.60 10.60
C ILE A 66 3.13 -29.90 11.19
N PHE A 67 3.28 -30.03 12.50
CA PHE A 67 4.43 -29.50 13.23
C PHE A 67 5.42 -30.62 13.47
N THR A 68 6.71 -30.27 13.51
CA THR A 68 7.76 -31.24 13.81
C THR A 68 8.65 -30.76 14.96
N THR A 69 9.03 -31.68 15.84
CA THR A 69 9.95 -31.35 16.92
C THR A 69 11.05 -32.42 17.06
N ILE A 70 12.19 -31.99 17.58
CA ILE A 70 13.27 -32.90 17.91
C ILE A 70 13.17 -33.22 19.39
N ALA A 71 13.13 -34.50 19.72
CA ALA A 71 13.04 -34.96 21.10
C ALA A 71 13.78 -36.27 21.29
N TYR A 72 14.48 -36.40 22.42
CA TYR A 72 15.28 -37.59 22.70
C TYR A 72 14.95 -38.20 24.05
N HIS A 73 15.05 -39.53 24.12
CA HIS A 73 15.14 -40.24 25.39
C HIS A 73 16.59 -40.18 25.80
N PRO A 74 16.87 -40.29 27.12
CA PRO A 74 18.27 -40.28 27.57
C PRO A 74 19.11 -41.44 27.00
N GLY A 75 18.47 -42.57 26.70
CA GLY A 75 19.16 -43.73 26.14
C GLY A 75 19.61 -43.59 24.70
N GLU A 76 19.00 -42.65 23.97
CA GLU A 76 19.30 -42.41 22.56
C GLU A 76 20.56 -41.58 22.30
N ILE A 77 20.93 -40.74 23.27
CA ILE A 77 22.08 -39.84 23.14
C ILE A 77 23.39 -40.51 22.67
N PRO A 78 23.83 -41.60 23.36
CA PRO A 78 25.08 -42.24 22.93
C PRO A 78 24.95 -43.00 21.60
N MET A 79 23.71 -43.24 21.17
CA MET A 79 23.44 -44.06 19.99
C MET A 79 23.49 -43.28 18.68
N LEU A 80 23.28 -41.97 18.73
CA LEU A 80 23.21 -41.14 17.53
C LEU A 80 24.42 -40.24 17.33
N PRO A 81 25.22 -40.50 16.28
CA PRO A 81 26.47 -39.76 16.02
C PRO A 81 26.28 -38.27 15.70
N TRP A 82 25.06 -37.87 15.37
CA TRP A 82 24.75 -36.47 15.15
C TRP A 82 24.84 -35.68 16.42
N LEU A 83 24.52 -36.34 17.54
CA LEU A 83 24.60 -35.74 18.87
C LEU A 83 26.05 -35.56 19.37
N GLU A 84 26.99 -36.24 18.72
CA GLU A 84 28.40 -36.03 18.99
C GLU A 84 28.86 -34.68 18.38
N LYS A 85 28.44 -34.43 17.14
CA LYS A 85 28.75 -33.18 16.44
C LYS A 85 28.00 -31.98 17.00
N SER A 86 26.71 -32.16 17.23
CA SER A 86 25.83 -31.12 17.75
C SER A 86 25.34 -31.52 19.14
N SER A 87 26.20 -31.33 20.14
CA SER A 87 25.94 -31.76 21.51
C SER A 87 24.82 -30.97 22.20
N GLY A 88 24.51 -29.78 21.69
CA GLY A 88 23.44 -28.95 22.24
C GLY A 88 22.06 -29.56 22.08
N MET A 89 21.88 -30.36 21.03
CA MET A 89 20.63 -31.05 20.74
C MET A 89 20.28 -32.12 21.79
N ALA A 90 21.26 -32.50 22.60
CA ALA A 90 21.06 -33.50 23.66
C ALA A 90 20.18 -32.97 24.78
N ALA A 91 20.02 -31.65 24.86
CA ALA A 91 19.16 -31.02 25.85
C ALA A 91 17.68 -31.21 25.51
N LEU A 92 17.40 -31.50 24.24
CA LEU A 92 16.05 -31.66 23.72
C LEU A 92 15.46 -33.01 24.17
N LEU A 93 15.12 -33.10 25.45
CA LEU A 93 14.68 -34.36 26.07
C LEU A 93 13.16 -34.43 26.20
N TYR A 94 12.63 -35.64 25.97
CA TYR A 94 11.23 -35.95 26.26
C TYR A 94 10.84 -35.47 27.65
N GLY A 95 9.69 -34.81 27.75
CA GLY A 95 9.17 -34.34 29.02
C GLY A 95 9.63 -32.95 29.45
N SER A 96 10.58 -32.38 28.71
CA SER A 96 11.09 -31.05 29.04
C SER A 96 10.36 -29.96 28.26
N ARG A 97 10.54 -28.70 28.69
CA ARG A 97 9.93 -27.54 28.05
C ARG A 97 10.53 -27.28 26.66
N LEU A 98 11.79 -27.65 26.50
CA LEU A 98 12.56 -27.48 25.26
C LEU A 98 11.85 -28.09 24.03
N VAL A 99 11.18 -29.21 24.28
CA VAL A 99 10.55 -30.03 23.25
C VAL A 99 9.18 -29.52 22.79
N GLU A 100 8.43 -28.93 23.72
CA GLU A 100 7.08 -28.44 23.44
C GLU A 100 7.08 -27.36 22.35
N ILE A 101 6.07 -27.42 21.48
CA ILE A 101 5.90 -26.43 20.41
C ILE A 101 5.55 -25.06 21.02
N ASP A 102 6.23 -24.02 20.54
CA ASP A 102 5.97 -22.64 20.99
C ASP A 102 4.52 -22.23 20.75
N MET A 103 3.86 -21.73 21.78
CA MET A 103 2.45 -21.32 21.68
C MET A 103 2.21 -20.11 20.77
N ALA A 104 3.28 -19.37 20.46
CA ALA A 104 3.21 -18.23 19.54
C ALA A 104 2.89 -18.64 18.10
N THR A 105 3.02 -19.94 17.81
CA THR A 105 2.67 -20.50 16.50
C THR A 105 1.16 -20.66 16.33
N GLY A 106 0.45 -20.69 17.46
CA GLY A 106 -1.00 -20.88 17.46
C GLY A 106 -1.37 -22.33 17.25
N ILE A 107 -0.49 -23.23 17.69
CA ILE A 107 -0.72 -24.68 17.59
C ILE A 107 -2.00 -25.08 18.31
N GLN A 108 -2.84 -25.84 17.62
CA GLN A 108 -4.11 -26.31 18.16
C GLN A 108 -3.97 -27.79 18.53
N PRO A 109 -4.65 -28.23 19.61
CA PRO A 109 -4.58 -29.63 20.08
C PRO A 109 -4.76 -30.69 18.98
N ASN A 110 -5.60 -30.43 18.00
CA ASN A 110 -5.87 -31.39 16.93
C ASN A 110 -4.81 -31.40 15.81
N ASP A 111 -3.85 -30.48 15.88
CA ASP A 111 -2.74 -30.44 14.93
C ASP A 111 -1.75 -31.54 15.22
N VAL A 112 -1.32 -32.24 14.17
CA VAL A 112 -0.39 -33.36 14.27
C VAL A 112 1.03 -32.85 14.57
N VAL A 113 1.65 -33.45 15.59
CA VAL A 113 3.05 -33.20 15.89
C VAL A 113 3.84 -34.48 15.59
N VAL A 114 4.88 -34.38 14.76
CA VAL A 114 5.77 -35.53 14.55
C VAL A 114 7.11 -35.33 15.25
N VAL A 115 7.55 -36.38 15.94
CA VAL A 115 8.82 -36.38 16.66
C VAL A 115 9.90 -36.96 15.74
N LYS A 116 11.04 -36.28 15.67
CA LYS A 116 12.15 -36.74 14.84
C LYS A 116 13.46 -36.67 15.63
N LYS A 117 14.48 -37.38 15.14
CA LYS A 117 15.76 -37.46 15.85
C LYS A 117 16.90 -36.83 15.07
N GLY A 118 16.63 -36.47 13.81
CA GLY A 118 17.62 -35.82 12.96
C GLY A 118 17.19 -34.43 12.52
N ALA A 119 17.93 -33.87 11.57
CA ALA A 119 17.67 -32.53 11.05
C ALA A 119 16.44 -32.48 10.14
N SER A 120 16.39 -33.38 9.16
CA SER A 120 15.27 -33.47 8.23
C SER A 120 14.00 -33.99 8.88
N SER A 121 12.87 -33.43 8.47
CA SER A 121 11.57 -33.80 9.01
C SER A 121 11.05 -35.12 8.46
N PHE A 122 11.63 -35.55 7.34
CA PHE A 122 11.19 -36.77 6.66
C PHE A 122 11.95 -38.02 7.10
N PHE A 123 13.20 -37.82 7.54
CA PHE A 123 14.07 -38.94 7.90
C PHE A 123 13.64 -39.62 9.19
N GLY A 124 13.38 -40.93 9.10
CA GLY A 124 12.98 -41.73 10.25
C GLY A 124 11.72 -41.25 10.93
N SER A 125 10.81 -40.67 10.14
CA SER A 125 9.57 -40.12 10.67
C SER A 125 8.41 -40.53 9.77
N THR A 126 7.20 -40.18 10.18
CA THR A 126 5.99 -40.59 9.49
C THR A 126 5.46 -39.52 8.54
N LEU A 127 6.19 -38.41 8.42
CA LEU A 127 5.73 -37.26 7.65
C LEU A 127 5.35 -37.59 6.21
N SER A 128 6.21 -38.33 5.53
CA SER A 128 5.96 -38.73 4.14
C SER A 128 4.61 -39.46 3.96
N SER A 129 4.33 -40.41 4.85
CA SER A 129 3.10 -41.19 4.83
C SER A 129 1.85 -40.33 5.06
N LEU A 130 1.97 -39.36 5.97
CA LEU A 130 0.91 -38.41 6.27
C LEU A 130 0.57 -37.59 5.03
N LEU A 131 1.61 -37.11 4.36
CA LEU A 131 1.46 -36.32 3.13
C LEU A 131 0.85 -37.13 1.98
N ALA A 132 1.31 -38.36 1.79
CA ALA A 132 0.81 -39.23 0.74
C ALA A 132 -0.63 -39.70 1.00
N GLY A 133 -0.94 -39.97 2.27
CA GLY A 133 -2.28 -40.39 2.68
C GLY A 133 -3.33 -39.30 2.54
N THR A 134 -2.90 -38.04 2.67
CA THR A 134 -3.81 -36.90 2.51
C THR A 134 -3.83 -36.37 1.08
N ASN A 135 -3.17 -37.08 0.16
CA ASN A 135 -3.06 -36.69 -1.25
C ASN A 135 -2.44 -35.31 -1.48
N THR A 136 -1.43 -34.98 -0.70
CA THR A 136 -0.72 -33.71 -0.82
C THR A 136 0.17 -33.70 -2.06
N ASP A 137 0.15 -32.58 -2.79
CA ASP A 137 1.04 -32.39 -3.94
C ASP A 137 2.05 -31.26 -3.74
N THR A 138 1.73 -30.33 -2.84
CA THR A 138 2.58 -29.17 -2.59
C THR A 138 2.71 -28.93 -1.09
N VAL A 139 3.93 -28.70 -0.64
CA VAL A 139 4.17 -28.38 0.77
C VAL A 139 4.80 -27.01 0.92
N VAL A 140 4.28 -26.23 1.86
CA VAL A 140 4.92 -24.98 2.24
C VAL A 140 5.68 -25.21 3.55
N VAL A 141 7.00 -25.06 3.47
CA VAL A 141 7.90 -25.34 4.58
C VAL A 141 8.25 -24.05 5.31
N THR A 142 8.06 -24.06 6.62
CA THR A 142 8.37 -22.94 7.50
C THR A 142 9.16 -23.47 8.69
N GLY A 143 9.86 -22.61 9.41
CA GLY A 143 10.47 -23.02 10.67
C GLY A 143 11.88 -22.55 10.97
N ALA A 144 12.58 -23.34 11.78
CA ALA A 144 13.94 -23.06 12.20
C ALA A 144 14.72 -24.38 12.34
N THR A 145 16.00 -24.38 11.97
CA THR A 145 16.68 -23.23 11.38
C THR A 145 16.78 -23.40 9.87
N THR A 146 16.86 -22.28 9.16
CA THR A 146 16.84 -22.28 7.70
C THR A 146 18.02 -23.01 7.07
N SER A 147 19.20 -22.87 7.67
CA SER A 147 20.39 -23.59 7.21
C SER A 147 20.46 -25.00 7.80
N GLY A 148 19.57 -25.30 8.74
CA GLY A 148 19.56 -26.60 9.39
C GLY A 148 18.39 -27.47 8.97
N ALA A 149 17.41 -27.60 9.86
CA ALA A 149 16.26 -28.47 9.65
C ALA A 149 15.37 -28.08 8.49
N VAL A 150 15.24 -26.78 8.24
CA VAL A 150 14.39 -26.32 7.14
C VAL A 150 14.92 -26.81 5.80
N ARG A 151 16.17 -26.47 5.48
CA ARG A 151 16.80 -26.94 4.24
C ARG A 151 16.76 -28.47 4.10
N ALA A 152 17.14 -29.16 5.18
CA ALA A 152 17.08 -30.63 5.21
C ALA A 152 15.68 -31.16 4.93
N THR A 153 14.66 -30.49 5.46
CA THR A 153 13.27 -30.82 5.19
C THR A 153 12.89 -30.50 3.74
N VAL A 154 13.32 -29.33 3.27
CA VAL A 154 13.07 -28.88 1.90
C VAL A 154 13.64 -29.90 0.90
N VAL A 155 14.91 -30.26 1.06
CA VAL A 155 15.58 -31.23 0.19
C VAL A 155 14.86 -32.58 0.19
N ASP A 156 14.53 -33.07 1.39
CA ASP A 156 13.82 -34.34 1.51
C ASP A 156 12.39 -34.30 0.97
N ALA A 157 11.76 -33.12 1.02
CA ALA A 157 10.39 -32.96 0.51
C ALA A 157 10.32 -33.05 -1.01
N VAL A 158 11.26 -32.41 -1.71
CA VAL A 158 11.30 -32.48 -3.17
C VAL A 158 11.64 -33.89 -3.63
N GLN A 159 12.59 -34.51 -2.93
CA GLN A 159 13.00 -35.88 -3.23
C GLN A 159 11.85 -36.86 -3.04
N SER A 160 10.98 -36.58 -2.07
CA SER A 160 9.86 -37.45 -1.72
C SER A 160 8.66 -37.36 -2.69
N GLY A 161 8.72 -36.44 -3.64
CA GLY A 161 7.68 -36.31 -4.66
C GLY A 161 6.73 -35.14 -4.46
N PHE A 162 7.12 -34.17 -3.62
CA PHE A 162 6.27 -33.02 -3.33
C PHE A 162 6.92 -31.72 -3.79
N LYS A 163 6.09 -30.82 -4.30
CA LYS A 163 6.55 -29.49 -4.71
C LYS A 163 6.70 -28.59 -3.48
N VAL A 164 7.79 -27.85 -3.41
CA VAL A 164 8.14 -27.10 -2.20
C VAL A 164 8.10 -25.58 -2.39
N LEU A 165 7.34 -24.94 -1.50
CA LEU A 165 7.31 -23.49 -1.40
C LEU A 165 7.84 -23.12 -0.03
N VAL A 166 8.75 -22.15 0.01
CA VAL A 166 9.25 -21.68 1.29
C VAL A 166 9.19 -20.15 1.39
N PRO A 167 8.42 -19.65 2.37
CA PRO A 167 8.35 -18.22 2.63
C PRO A 167 9.51 -17.77 3.50
N ALA A 168 10.26 -16.77 3.03
CA ALA A 168 11.42 -16.22 3.75
C ALA A 168 10.98 -15.50 5.02
N ASP A 169 9.78 -14.91 4.97
CA ASP A 169 9.07 -14.39 6.14
C ASP A 169 9.09 -15.34 7.32
N CYS A 170 9.07 -16.65 7.02
CA CYS A 170 8.77 -17.67 8.01
C CYS A 170 9.96 -18.49 8.49
N CYS A 171 11.15 -18.17 7.98
CA CYS A 171 12.36 -18.91 8.33
C CYS A 171 13.28 -18.12 9.25
N ALA A 172 13.71 -18.75 10.32
CA ALA A 172 14.60 -18.14 11.29
C ALA A 172 15.89 -18.94 11.42
N ASP A 173 17.01 -18.23 11.53
CA ASP A 173 18.31 -18.85 11.78
C ASP A 173 19.07 -18.04 12.84
N ARG A 174 20.16 -18.59 13.33
CA ARG A 174 20.96 -17.91 14.35
C ARG A 174 22.06 -17.00 13.76
N ALA A 175 22.21 -17.07 12.43
CA ALA A 175 23.22 -16.26 11.73
C ALA A 175 22.78 -15.91 10.30
N LYS A 176 23.06 -14.67 9.89
CA LYS A 176 22.61 -14.14 8.60
C LYS A 176 23.24 -14.85 7.39
N GLY A 177 24.53 -15.19 7.51
CA GLY A 177 25.29 -15.82 6.43
C GLY A 177 24.71 -17.14 5.96
N PRO A 178 24.67 -18.16 6.86
CA PRO A 178 24.03 -19.45 6.60
C PRO A 178 22.59 -19.33 6.08
N HIS A 179 21.86 -18.34 6.59
CA HIS A 179 20.48 -18.06 6.21
C HIS A 179 20.33 -17.77 4.73
N GLU A 180 21.11 -16.81 4.23
CA GLU A 180 21.05 -16.41 2.82
C GLU A 180 21.56 -17.51 1.88
N ALA A 181 22.60 -18.21 2.31
CA ALA A 181 23.19 -19.32 1.54
C ALA A 181 22.19 -20.44 1.29
N SER A 182 21.38 -20.76 2.30
CA SER A 182 20.37 -21.80 2.17
C SER A 182 19.20 -21.37 1.30
N LEU A 183 18.72 -20.13 1.49
CA LEU A 183 17.65 -19.59 0.67
C LEU A 183 18.07 -19.55 -0.80
N TYR A 184 19.34 -19.25 -1.04
CA TYR A 184 19.90 -19.27 -2.39
C TYR A 184 19.89 -20.69 -3.00
N ASP A 185 20.43 -21.66 -2.26
CA ASP A 185 20.49 -23.04 -2.72
C ASP A 185 19.10 -23.63 -2.99
N ILE A 186 18.14 -23.29 -2.12
CA ILE A 186 16.76 -23.75 -2.25
C ILE A 186 16.11 -23.17 -3.52
N GLN A 187 16.26 -21.86 -3.69
CA GLN A 187 15.74 -21.16 -4.86
C GLN A 187 16.29 -21.71 -6.18
N GLN A 188 17.56 -22.11 -6.17
CA GLN A 188 18.19 -22.68 -7.36
C GLN A 188 17.80 -24.14 -7.60
N LYS A 189 17.79 -24.95 -6.55
CA LYS A 189 17.79 -26.40 -6.72
C LYS A 189 16.54 -27.13 -6.25
N TYR A 190 15.85 -26.61 -5.24
CA TYR A 190 14.87 -27.43 -4.50
C TYR A 190 13.43 -26.91 -4.46
N GLY A 191 13.25 -25.59 -4.36
CA GLY A 191 11.90 -25.02 -4.28
C GLY A 191 11.84 -23.53 -4.50
N ASP A 192 10.63 -22.98 -4.55
CA ASP A 192 10.46 -21.54 -4.72
C ASP A 192 10.48 -20.81 -3.39
N VAL A 193 11.39 -19.83 -3.29
CA VAL A 193 11.46 -18.95 -2.14
C VAL A 193 10.57 -17.73 -2.41
N THR A 194 9.67 -17.47 -1.47
CA THR A 194 8.75 -16.33 -1.55
C THR A 194 8.58 -15.70 -0.17
N ASP A 195 7.47 -14.98 0.02
CA ASP A 195 7.11 -14.45 1.32
C ASP A 195 5.75 -15.00 1.76
N SER A 196 5.37 -14.70 3.00
CA SER A 196 4.07 -15.13 3.50
C SER A 196 2.92 -14.52 2.70
N ASP A 197 3.05 -13.24 2.32
CA ASP A 197 2.02 -12.55 1.53
C ASP A 197 1.58 -13.30 0.26
N ASP A 198 2.52 -14.00 -0.38
CA ASP A 198 2.21 -14.78 -1.58
C ASP A 198 1.43 -16.07 -1.27
N ILE A 199 1.81 -16.75 -0.20
CA ILE A 199 1.16 -18.03 0.14
C ILE A 199 -0.26 -17.82 0.67
N LEU A 200 -0.50 -16.72 1.40
CA LEU A 200 -1.84 -16.35 1.88
C LEU A 200 -2.82 -16.24 0.71
N LYS A 201 -2.42 -15.52 -0.33
CA LYS A 201 -3.24 -15.33 -1.52
C LYS A 201 -3.43 -16.64 -2.27
N TRP A 202 -2.34 -17.38 -2.42
CA TRP A 202 -2.37 -18.64 -3.16
C TRP A 202 -3.28 -19.67 -2.52
N LEU A 203 -3.17 -19.83 -1.20
CA LEU A 203 -4.03 -20.76 -0.46
C LEU A 203 -5.52 -20.44 -0.60
N ARG A 204 -5.86 -19.15 -0.59
CA ARG A 204 -7.25 -18.72 -0.75
C ARG A 204 -7.78 -19.07 -2.14
N SER A 205 -6.94 -18.91 -3.16
CA SER A 205 -7.35 -19.18 -4.53
C SER A 205 -7.51 -20.67 -4.86
N VAL A 206 -6.78 -21.53 -4.15
CA VAL A 206 -6.91 -22.98 -4.36
C VAL A 206 -8.17 -23.54 -3.68
N ALA A 207 -8.60 -22.85 -2.61
CA ALA A 207 -9.82 -23.23 -1.89
C ALA A 207 -11.09 -22.74 -2.60
N GLY A 208 -10.93 -21.73 -3.44
CA GLY A 208 -12.06 -21.14 -4.17
C GLY A 208 -12.40 -19.75 -3.62
N GLN B 3 -16.32 41.23 -8.66
CA GLN B 3 -16.44 40.00 -7.82
C GLN B 3 -16.95 40.32 -6.41
N LYS B 4 -16.51 41.45 -5.86
CA LYS B 4 -16.97 41.90 -4.54
C LYS B 4 -18.45 42.30 -4.57
N GLU B 5 -18.88 42.90 -5.67
CA GLU B 5 -20.28 43.28 -5.86
C GLU B 5 -21.17 42.04 -5.95
N VAL B 6 -20.64 40.99 -6.57
CA VAL B 6 -21.33 39.69 -6.69
C VAL B 6 -21.54 39.05 -5.31
N TYR B 7 -20.46 38.98 -4.52
CA TYR B 7 -20.49 38.35 -3.21
C TYR B 7 -21.29 39.12 -2.16
N ASP B 8 -21.30 40.45 -2.26
CA ASP B 8 -22.07 41.30 -1.34
C ASP B 8 -23.57 41.21 -1.57
N ALA B 9 -23.97 41.21 -2.85
CA ALA B 9 -25.38 41.06 -3.22
C ALA B 9 -25.90 39.66 -2.86
N ALA B 10 -25.03 38.67 -2.99
CA ALA B 10 -25.33 37.30 -2.59
C ALA B 10 -25.44 37.13 -1.07
N GLY B 11 -24.94 38.11 -0.32
CA GLY B 11 -25.08 38.14 1.13
C GLY B 11 -23.90 37.55 1.90
N PHE B 12 -22.73 37.50 1.27
CA PHE B 12 -21.52 36.97 1.88
C PHE B 12 -20.66 38.09 2.48
N GLY B 13 -19.72 37.69 3.34
CA GLY B 13 -18.73 38.62 3.89
C GLY B 13 -19.16 39.38 5.12
N ASN B 14 -20.34 39.03 5.66
CA ASN B 14 -20.85 39.66 6.87
C ASN B 14 -20.03 39.29 8.10
N PRO B 15 -19.89 40.22 9.06
CA PRO B 15 -19.15 39.91 10.28
C PRO B 15 -19.95 39.00 11.22
N VAL B 16 -19.25 38.18 12.00
CA VAL B 16 -19.92 37.33 13.00
C VAL B 16 -19.97 38.03 14.36
N SER B 17 -21.18 38.09 14.93
CA SER B 17 -21.36 38.54 16.30
C SER B 17 -20.87 37.44 17.23
N ARG B 18 -19.89 37.77 18.07
CA ARG B 18 -19.18 36.79 18.86
C ARG B 18 -19.94 36.38 20.13
N GLY B 19 -19.80 35.12 20.52
CA GLY B 19 -20.43 34.60 21.72
C GLY B 19 -19.64 34.90 22.98
N VAL B 20 -20.03 34.25 24.08
CA VAL B 20 -19.42 34.51 25.38
C VAL B 20 -18.84 33.25 26.02
N HIS B 21 -18.81 32.16 25.25
CA HIS B 21 -18.20 30.90 25.71
C HIS B 21 -17.25 30.38 24.67
N PRO B 22 -16.00 30.88 24.68
CA PRO B 22 -15.02 30.53 23.65
C PRO B 22 -14.33 29.19 23.90
N ALA B 23 -13.82 28.60 22.83
CA ALA B 23 -12.97 27.41 22.91
C ALA B 23 -11.93 27.46 21.79
N ILE B 24 -10.74 26.96 22.07
CA ILE B 24 -9.67 26.94 21.06
C ILE B 24 -9.53 25.55 20.45
N ILE B 25 -9.50 25.50 19.13
CA ILE B 25 -9.21 24.27 18.41
C ILE B 25 -7.90 24.46 17.67
N VAL B 26 -6.93 23.61 17.97
CA VAL B 26 -5.65 23.61 17.27
C VAL B 26 -5.62 22.39 16.35
N VAL B 27 -5.61 22.64 15.05
CA VAL B 27 -5.77 21.58 14.06
C VAL B 27 -4.44 21.06 13.52
N ASP B 28 -4.14 19.79 13.86
CA ASP B 28 -3.01 19.04 13.31
C ASP B 28 -1.64 19.72 13.38
N PHE B 29 -1.37 20.39 14.49
CA PHE B 29 -0.02 20.88 14.77
C PHE B 29 0.84 19.77 15.35
N SER B 30 0.79 18.60 14.71
CA SER B 30 1.64 17.47 15.06
C SER B 30 2.97 17.56 14.30
N TYR B 31 3.96 16.80 14.73
CA TYR B 31 5.29 16.81 14.11
C TYR B 31 5.26 16.44 12.63
N GLY B 32 4.32 15.55 12.26
CA GLY B 32 4.13 15.17 10.86
C GLY B 32 3.82 16.32 9.92
N PHE B 33 3.27 17.41 10.45
CA PHE B 33 2.91 18.60 9.66
C PHE B 33 3.76 19.83 9.98
N THR B 34 4.59 19.74 11.03
CA THR B 34 5.37 20.90 11.50
C THR B 34 6.89 20.72 11.46
N ASP B 35 7.35 19.48 11.37
CA ASP B 35 8.79 19.19 11.33
C ASP B 35 9.23 18.89 9.90
N LEU B 36 10.06 19.78 9.36
CA LEU B 36 10.44 19.75 7.93
C LEU B 36 11.22 18.51 7.45
N GLN B 37 11.73 17.71 8.38
CA GLN B 37 12.36 16.44 8.01
C GLN B 37 11.37 15.48 7.34
N TYR B 38 10.08 15.67 7.62
CA TYR B 38 9.01 14.88 7.02
C TYR B 38 8.44 15.58 5.79
N PRO B 39 8.18 14.82 4.71
CA PRO B 39 7.71 15.39 3.44
C PRO B 39 6.29 15.96 3.49
N THR B 40 5.51 15.54 4.49
CA THR B 40 4.13 16.00 4.67
C THR B 40 4.03 17.32 5.45
N ALA B 41 5.18 17.88 5.84
CA ALA B 41 5.22 19.01 6.77
C ALA B 41 5.37 20.39 6.11
N SER B 42 5.11 21.42 6.90
CA SER B 42 5.22 22.81 6.47
C SER B 42 5.89 23.63 7.58
N ASP B 43 6.49 24.75 7.22
CA ASP B 43 7.09 25.65 8.19
C ASP B 43 5.99 26.30 9.02
N ALA B 44 6.01 26.03 10.32
CA ALA B 44 4.98 26.53 11.23
C ALA B 44 5.56 27.19 12.48
N SER B 45 6.78 27.71 12.35
CA SER B 45 7.50 28.31 13.48
C SER B 45 6.76 29.48 14.12
N LEU B 46 6.44 30.49 13.32
CA LEU B 46 5.78 31.69 13.80
C LEU B 46 4.33 31.44 14.19
N GLN B 47 3.65 30.58 13.44
CA GLN B 47 2.23 30.31 13.67
C GLN B 47 1.98 29.50 14.94
N MET B 48 2.92 28.62 15.29
CA MET B 48 2.85 27.89 16.55
C MET B 48 3.10 28.79 17.75
N SER B 49 3.94 29.81 17.57
CA SER B 49 4.20 30.81 18.61
C SER B 49 2.99 31.64 18.95
N ARG B 50 2.20 32.02 17.94
CA ARG B 50 0.99 32.81 18.13
C ARG B 50 -0.12 31.95 18.75
N THR B 51 -0.20 30.70 18.31
CA THR B 51 -1.14 29.72 18.85
C THR B 51 -0.84 29.46 20.34
N LYS B 52 0.45 29.33 20.66
CA LYS B 52 0.92 29.13 22.04
C LYS B 52 0.42 30.22 22.99
N GLU B 53 0.49 31.48 22.56
CA GLU B 53 0.01 32.61 23.36
C GLU B 53 -1.50 32.55 23.57
N ILE B 54 -2.22 32.19 22.51
CA ILE B 54 -3.67 32.04 22.54
C ILE B 54 -4.09 30.93 23.51
N CYS B 55 -3.47 29.76 23.38
CA CYS B 55 -3.78 28.61 24.22
C CYS B 55 -3.46 28.87 25.70
N ASP B 56 -2.34 29.55 25.95
CA ASP B 56 -1.91 29.88 27.32
C ASP B 56 -2.86 30.87 27.99
N LEU B 57 -3.42 31.79 27.20
CA LEU B 57 -4.41 32.74 27.69
C LEU B 57 -5.70 31.99 28.05
N ALA B 58 -6.19 31.18 27.10
CA ALA B 58 -7.44 30.44 27.24
C ALA B 58 -7.39 29.47 28.41
N ARG B 59 -6.26 28.79 28.57
CA ARG B 59 -6.05 27.85 29.66
C ARG B 59 -6.12 28.56 31.01
N ALA B 60 -5.53 29.76 31.07
CA ALA B 60 -5.57 30.59 32.28
C ALA B 60 -6.96 31.16 32.56
N LEU B 61 -7.72 31.43 31.50
CA LEU B 61 -9.11 31.90 31.63
C LEU B 61 -10.09 30.73 31.76
N GLU B 62 -9.54 29.51 31.80
CA GLU B 62 -10.29 28.26 31.93
C GLU B 62 -11.30 28.01 30.80
N PHE B 63 -10.94 28.45 29.60
CA PHE B 63 -11.66 28.10 28.38
C PHE B 63 -11.05 26.82 27.83
N PRO B 64 -11.89 25.90 27.29
CA PRO B 64 -11.40 24.64 26.74
C PRO B 64 -10.39 24.85 25.62
N VAL B 65 -9.32 24.05 25.65
CA VAL B 65 -8.30 24.06 24.61
C VAL B 65 -8.16 22.62 24.12
N ILE B 66 -8.42 22.42 22.83
CA ILE B 66 -8.45 21.08 22.25
C ILE B 66 -7.51 20.98 21.05
N PHE B 67 -6.58 20.03 21.13
CA PHE B 67 -5.66 19.71 20.04
C PHE B 67 -6.16 18.49 19.27
N THR B 68 -6.14 18.57 17.94
CA THR B 68 -6.53 17.44 17.10
C THR B 68 -5.32 16.91 16.33
N THR B 69 -5.32 15.61 16.08
CA THR B 69 -4.26 14.96 15.32
C THR B 69 -4.82 13.83 14.44
N ILE B 70 -4.13 13.57 13.32
CA ILE B 70 -4.49 12.44 12.45
C ILE B 70 -3.56 11.26 12.76
N ALA B 71 -4.14 10.09 12.99
CA ALA B 71 -3.40 8.88 13.34
C ALA B 71 -4.12 7.61 12.89
N TYR B 72 -3.36 6.68 12.32
CA TYR B 72 -3.92 5.45 11.78
C TYR B 72 -3.28 4.19 12.35
N HIS B 73 -4.08 3.13 12.46
CA HIS B 73 -3.58 1.77 12.59
C HIS B 73 -3.26 1.28 11.21
N PRO B 74 -2.32 0.33 11.07
CA PRO B 74 -2.00 -0.21 9.74
C PRO B 74 -3.19 -0.88 9.04
N GLY B 75 -4.08 -1.50 9.81
CA GLY B 75 -5.27 -2.15 9.27
C GLY B 75 -6.30 -1.19 8.69
N GLU B 76 -6.22 0.07 9.09
CA GLU B 76 -7.13 1.11 8.62
C GLU B 76 -6.75 1.70 7.26
N ILE B 77 -5.45 1.67 6.94
CA ILE B 77 -4.94 2.22 5.67
C ILE B 77 -5.73 1.76 4.43
N PRO B 78 -5.89 0.43 4.22
CA PRO B 78 -6.58 -0.04 3.01
C PRO B 78 -8.10 0.17 3.05
N MET B 79 -8.63 0.50 4.22
CA MET B 79 -10.07 0.65 4.41
C MET B 79 -10.61 2.05 4.07
N LEU B 80 -9.73 3.05 4.04
CA LEU B 80 -10.14 4.44 3.83
C LEU B 80 -9.66 4.98 2.48
N PRO B 81 -10.62 5.38 1.62
CA PRO B 81 -10.35 5.87 0.25
C PRO B 81 -9.54 7.16 0.20
N TRP B 82 -9.49 7.90 1.31
CA TRP B 82 -8.70 9.13 1.39
C TRP B 82 -7.23 8.84 1.34
N LEU B 83 -6.85 7.68 1.86
CA LEU B 83 -5.45 7.24 1.89
C LEU B 83 -4.96 6.79 0.52
N GLU B 84 -5.90 6.51 -0.39
CA GLU B 84 -5.56 6.22 -1.78
C GLU B 84 -5.22 7.52 -2.51
N LYS B 85 -6.03 8.55 -2.28
CA LYS B 85 -5.83 9.86 -2.90
C LYS B 85 -4.64 10.58 -2.30
N SER B 86 -4.65 10.71 -0.97
CA SER B 86 -3.56 11.33 -0.22
C SER B 86 -2.79 10.26 0.55
N SER B 87 -1.87 9.58 -0.15
CA SER B 87 -1.16 8.43 0.41
C SER B 87 -0.10 8.80 1.45
N GLY B 88 0.38 10.04 1.42
CA GLY B 88 1.39 10.51 2.37
C GLY B 88 0.91 10.46 3.82
N MET B 89 -0.39 10.61 3.99
CA MET B 89 -1.04 10.56 5.31
C MET B 89 -0.97 9.19 5.95
N ALA B 90 -0.58 8.18 5.18
CA ALA B 90 -0.41 6.82 5.70
C ALA B 90 0.84 6.66 6.57
N ALA B 91 1.73 7.65 6.52
CA ALA B 91 2.93 7.68 7.36
C ALA B 91 2.62 8.02 8.82
N LEU B 92 1.39 8.50 9.05
CA LEU B 92 0.96 8.96 10.36
C LEU B 92 0.40 7.82 11.22
N LEU B 93 1.29 6.98 11.72
CA LEU B 93 0.91 5.78 12.46
C LEU B 93 0.88 5.98 13.96
N TYR B 94 -0.02 5.26 14.64
CA TYR B 94 0.00 5.17 16.10
C TYR B 94 1.37 4.69 16.58
N GLY B 95 1.87 5.31 17.63
CA GLY B 95 3.16 4.95 18.20
C GLY B 95 4.35 5.57 17.49
N SER B 96 4.08 6.26 16.38
CA SER B 96 5.12 6.99 15.66
C SER B 96 5.27 8.39 16.23
N ARG B 97 6.33 9.07 15.83
CA ARG B 97 6.63 10.41 16.31
C ARG B 97 5.80 11.49 15.57
N LEU B 98 5.41 11.20 14.34
CA LEU B 98 4.74 12.19 13.47
C LEU B 98 3.35 12.54 14.00
N VAL B 99 2.82 11.66 14.85
CA VAL B 99 1.46 11.76 15.37
C VAL B 99 1.39 12.61 16.65
N GLU B 100 2.52 12.75 17.33
CA GLU B 100 2.61 13.55 18.56
C GLU B 100 2.54 15.05 18.26
N ILE B 101 1.88 15.78 19.15
CA ILE B 101 1.73 17.23 19.02
C ILE B 101 3.07 17.91 19.29
N ASP B 102 3.39 18.90 18.45
CA ASP B 102 4.63 19.67 18.57
C ASP B 102 4.64 20.46 19.87
N MET B 103 5.70 20.26 20.67
CA MET B 103 5.86 20.94 21.96
C MET B 103 5.96 22.47 21.84
N ALA B 104 6.23 22.96 20.63
CA ALA B 104 6.30 24.39 20.35
C ALA B 104 4.94 25.08 20.54
N THR B 105 3.88 24.28 20.59
CA THR B 105 2.52 24.77 20.84
C THR B 105 2.29 25.06 22.32
N GLY B 106 3.05 24.38 23.19
CA GLY B 106 2.92 24.56 24.64
C GLY B 106 1.88 23.63 25.25
N ILE B 107 1.53 22.56 24.52
CA ILE B 107 0.56 21.58 24.97
C ILE B 107 0.87 21.05 26.39
N GLN B 108 -0.15 21.02 27.23
CA GLN B 108 -0.04 20.55 28.60
C GLN B 108 -0.66 19.15 28.71
N PRO B 109 -0.13 18.32 29.64
CA PRO B 109 -0.61 16.93 29.78
C PRO B 109 -2.12 16.79 30.02
N ASN B 110 -2.77 17.83 30.53
CA ASN B 110 -4.21 17.79 30.79
C ASN B 110 -5.08 18.32 29.63
N ASP B 111 -4.44 18.82 28.57
CA ASP B 111 -5.17 19.30 27.40
C ASP B 111 -5.66 18.13 26.56
N VAL B 112 -6.93 18.17 26.18
CA VAL B 112 -7.57 17.11 25.41
C VAL B 112 -6.98 17.03 24.00
N VAL B 113 -6.61 15.82 23.60
CA VAL B 113 -6.19 15.54 22.23
C VAL B 113 -7.23 14.62 21.59
N VAL B 114 -7.77 15.01 20.44
CA VAL B 114 -8.68 14.12 19.72
C VAL B 114 -8.05 13.56 18.45
N VAL B 115 -8.26 12.26 18.24
CA VAL B 115 -7.77 11.55 17.08
C VAL B 115 -8.85 11.46 16.01
N LYS B 116 -8.48 11.84 14.79
CA LYS B 116 -9.39 11.83 13.66
C LYS B 116 -8.77 11.10 12.49
N LYS B 117 -9.59 10.66 11.55
CA LYS B 117 -9.11 9.87 10.42
C LYS B 117 -9.17 10.63 9.10
N GLY B 118 -9.82 11.79 9.10
CA GLY B 118 -9.93 12.62 7.91
C GLY B 118 -9.36 14.01 8.07
N ALA B 119 -9.71 14.89 7.14
CA ALA B 119 -9.32 16.30 7.17
C ALA B 119 -10.03 17.07 8.30
N SER B 120 -11.36 16.98 8.33
CA SER B 120 -12.16 17.72 9.32
C SER B 120 -12.01 17.16 10.73
N SER B 121 -11.83 18.07 11.69
CA SER B 121 -11.68 17.71 13.09
C SER B 121 -13.00 17.28 13.73
N PHE B 122 -14.10 17.51 13.04
CA PHE B 122 -15.43 17.14 13.53
C PHE B 122 -15.90 15.78 13.00
N PHE B 123 -15.46 15.41 11.80
CA PHE B 123 -15.93 14.17 11.18
C PHE B 123 -15.36 12.92 11.85
N GLY B 124 -16.26 12.05 12.28
CA GLY B 124 -15.90 10.78 12.91
C GLY B 124 -15.16 10.95 14.23
N SER B 125 -15.37 12.09 14.88
CA SER B 125 -14.65 12.43 16.10
C SER B 125 -15.63 12.90 17.17
N THR B 126 -15.10 13.11 18.38
CA THR B 126 -15.90 13.52 19.53
C THR B 126 -15.92 15.05 19.73
N LEU B 127 -15.35 15.78 18.78
CA LEU B 127 -15.20 17.24 18.91
C LEU B 127 -16.50 17.99 19.20
N SER B 128 -17.55 17.71 18.42
CA SER B 128 -18.86 18.34 18.64
C SER B 128 -19.38 18.15 20.07
N SER B 129 -19.20 16.93 20.59
CA SER B 129 -19.73 16.56 21.91
C SER B 129 -19.02 17.29 23.05
N LEU B 130 -17.71 17.44 22.92
CA LEU B 130 -16.90 18.16 23.91
C LEU B 130 -17.26 19.64 23.93
N LEU B 131 -17.45 20.20 22.74
CA LEU B 131 -17.86 21.60 22.59
C LEU B 131 -19.25 21.88 23.16
N ALA B 132 -20.24 21.06 22.79
CA ALA B 132 -21.60 21.20 23.29
C ALA B 132 -21.70 20.89 24.79
N GLY B 133 -20.94 19.89 25.22
CA GLY B 133 -20.86 19.52 26.64
C GLY B 133 -20.33 20.63 27.51
N THR B 134 -19.41 21.42 26.97
CA THR B 134 -18.83 22.57 27.68
C THR B 134 -19.62 23.87 27.43
N ASN B 135 -20.73 23.76 26.71
CA ASN B 135 -21.63 24.89 26.44
C ASN B 135 -20.98 25.98 25.58
N THR B 136 -20.03 25.58 24.72
CA THR B 136 -19.30 26.50 23.84
C THR B 136 -20.19 27.12 22.77
N ASP B 137 -19.96 28.38 22.45
CA ASP B 137 -20.68 29.05 21.37
C ASP B 137 -19.78 29.61 20.26
N THR B 138 -18.51 29.83 20.60
CA THR B 138 -17.57 30.39 19.63
C THR B 138 -16.26 29.61 19.64
N VAL B 139 -15.83 29.15 18.47
CA VAL B 139 -14.56 28.44 18.36
C VAL B 139 -13.54 29.28 17.59
N VAL B 140 -12.31 29.31 18.10
CA VAL B 140 -11.20 29.87 17.33
C VAL B 140 -10.35 28.74 16.77
N VAL B 141 -10.30 28.68 15.44
CA VAL B 141 -9.65 27.59 14.73
C VAL B 141 -8.27 28.02 14.25
N THR B 142 -7.27 27.22 14.63
CA THR B 142 -5.88 27.46 14.25
C THR B 142 -5.27 26.13 13.78
N GLY B 143 -4.12 26.19 13.09
CA GLY B 143 -3.38 24.98 12.77
C GLY B 143 -2.87 24.83 11.35
N ALA B 144 -2.85 23.58 10.86
CA ALA B 144 -2.36 23.24 9.53
C ALA B 144 -3.08 22.01 8.97
N THR B 145 -3.39 22.00 7.67
CA THR B 145 -3.07 23.09 6.75
C THR B 145 -4.30 23.96 6.48
N THR B 146 -4.06 25.19 6.06
CA THR B 146 -5.14 26.16 5.84
C THR B 146 -6.16 25.65 4.82
N SER B 147 -5.67 25.15 3.69
CA SER B 147 -6.53 24.63 2.62
C SER B 147 -6.94 23.17 2.85
N GLY B 148 -6.49 22.59 3.95
CA GLY B 148 -6.77 21.20 4.27
C GLY B 148 -7.64 21.07 5.50
N ALA B 149 -7.04 20.63 6.60
CA ALA B 149 -7.75 20.35 7.84
C ALA B 149 -8.38 21.57 8.51
N VAL B 150 -7.75 22.73 8.38
CA VAL B 150 -8.29 23.97 8.94
C VAL B 150 -9.62 24.30 8.26
N ARG B 151 -9.58 24.41 6.93
CA ARG B 151 -10.76 24.70 6.11
C ARG B 151 -11.90 23.72 6.41
N ALA B 152 -11.59 22.43 6.39
CA ALA B 152 -12.54 21.36 6.67
C ALA B 152 -13.15 21.48 8.06
N THR B 153 -12.34 21.87 9.04
CA THR B 153 -12.78 22.07 10.41
C THR B 153 -13.65 23.32 10.56
N VAL B 154 -13.23 24.41 9.91
CA VAL B 154 -13.96 25.67 9.91
C VAL B 154 -15.38 25.47 9.36
N VAL B 155 -15.47 24.79 8.22
CA VAL B 155 -16.76 24.50 7.59
C VAL B 155 -17.68 23.63 8.46
N ASP B 156 -17.11 22.59 9.05
CA ASP B 156 -17.88 21.71 9.93
C ASP B 156 -18.24 22.39 11.25
N ALA B 157 -17.39 23.30 11.71
CA ALA B 157 -17.65 24.05 12.93
C ALA B 157 -18.89 24.91 12.79
N VAL B 158 -18.96 25.70 11.71
CA VAL B 158 -20.13 26.57 11.47
C VAL B 158 -21.40 25.75 11.21
N GLN B 159 -21.26 24.60 10.55
CA GLN B 159 -22.38 23.69 10.32
C GLN B 159 -22.88 23.05 11.60
N SER B 160 -21.99 22.84 12.57
CA SER B 160 -22.35 22.23 13.86
C SER B 160 -22.97 23.23 14.85
N GLY B 161 -23.08 24.49 14.44
CA GLY B 161 -23.74 25.52 15.25
C GLY B 161 -22.81 26.39 16.07
N PHE B 162 -21.53 26.44 15.71
CA PHE B 162 -20.56 27.28 16.40
C PHE B 162 -20.08 28.42 15.53
N LYS B 163 -20.01 29.61 16.12
CA LYS B 163 -19.45 30.79 15.46
C LYS B 163 -17.94 30.65 15.35
N VAL B 164 -17.40 30.98 14.17
CA VAL B 164 -15.99 30.68 13.87
C VAL B 164 -15.13 31.94 13.70
N LEU B 165 -14.03 31.96 14.42
CA LEU B 165 -12.99 32.96 14.26
C LEU B 165 -11.70 32.24 13.91
N VAL B 166 -11.02 32.71 12.87
CA VAL B 166 -9.72 32.16 12.51
C VAL B 166 -8.66 33.26 12.38
N PRO B 167 -7.59 33.16 13.17
CA PRO B 167 -6.45 34.07 13.04
C PRO B 167 -5.53 33.62 11.91
N ALA B 168 -5.42 34.45 10.87
CA ALA B 168 -4.53 34.18 9.75
C ALA B 168 -3.10 34.06 10.23
N ASP B 169 -2.84 34.71 11.37
CA ASP B 169 -1.57 34.67 12.09
C ASP B 169 -1.16 33.25 12.52
N CYS B 170 -2.15 32.37 12.72
CA CYS B 170 -1.91 31.04 13.28
C CYS B 170 -2.14 29.89 12.31
N CYS B 171 -2.31 30.21 11.02
CA CYS B 171 -2.57 29.19 10.00
C CYS B 171 -1.39 29.00 9.08
N ALA B 172 -0.96 27.76 8.93
CA ALA B 172 0.17 27.40 8.07
C ALA B 172 -0.28 26.49 6.94
N ASP B 173 0.36 26.65 5.78
CA ASP B 173 0.12 25.78 4.63
C ASP B 173 1.45 25.48 3.94
N ARG B 174 1.40 24.69 2.87
CA ARG B 174 2.61 24.31 2.14
C ARG B 174 2.81 25.14 0.87
N ALA B 175 1.82 25.97 0.53
CA ALA B 175 1.89 26.92 -0.58
C ALA B 175 0.96 28.11 -0.36
N LYS B 176 1.35 29.28 -0.86
CA LYS B 176 0.57 30.52 -0.66
C LYS B 176 -0.78 30.52 -1.37
N GLY B 177 -0.79 29.99 -2.59
CA GLY B 177 -2.00 29.97 -3.44
C GLY B 177 -3.22 29.38 -2.75
N PRO B 178 -3.16 28.08 -2.41
CA PRO B 178 -4.26 27.41 -1.68
C PRO B 178 -4.54 28.03 -0.32
N HIS B 179 -3.52 28.65 0.28
CA HIS B 179 -3.64 29.32 1.58
C HIS B 179 -4.53 30.53 1.51
N GLU B 180 -4.29 31.40 0.53
CA GLU B 180 -5.05 32.64 0.38
C GLU B 180 -6.47 32.38 -0.13
N ALA B 181 -6.62 31.35 -0.96
CA ALA B 181 -7.92 30.94 -1.48
C ALA B 181 -8.86 30.44 -0.38
N SER B 182 -8.32 29.70 0.57
CA SER B 182 -9.09 29.21 1.72
C SER B 182 -9.46 30.33 2.70
N LEU B 183 -8.55 31.28 2.89
CA LEU B 183 -8.84 32.44 3.75
C LEU B 183 -9.91 33.33 3.14
N TYR B 184 -9.95 33.36 1.80
CA TYR B 184 -10.97 34.13 1.08
C TYR B 184 -12.34 33.47 1.23
N ASP B 185 -12.38 32.14 1.04
CA ASP B 185 -13.63 31.38 1.14
C ASP B 185 -14.25 31.44 2.54
N ILE B 186 -13.39 31.36 3.56
CA ILE B 186 -13.84 31.42 4.96
C ILE B 186 -14.43 32.80 5.29
N GLN B 187 -13.69 33.86 4.95
CA GLN B 187 -14.13 35.23 5.18
C GLN B 187 -15.47 35.53 4.52
N GLN B 188 -15.74 34.91 3.38
CA GLN B 188 -17.02 35.10 2.69
C GLN B 188 -18.14 34.22 3.25
N LYS B 189 -17.90 32.92 3.32
CA LYS B 189 -18.96 31.96 3.59
C LYS B 189 -19.05 31.43 5.04
N TYR B 190 -17.90 31.32 5.72
CA TYR B 190 -17.84 30.47 6.92
C TYR B 190 -17.52 31.12 8.27
N GLY B 191 -16.50 31.98 8.32
CA GLY B 191 -16.11 32.63 9.57
C GLY B 191 -15.31 33.91 9.39
N ASP B 192 -15.03 34.60 10.49
CA ASP B 192 -14.23 35.83 10.46
C ASP B 192 -12.74 35.56 10.52
N VAL B 193 -12.02 35.96 9.47
CA VAL B 193 -10.58 35.93 9.45
C VAL B 193 -10.04 37.18 10.15
N THR B 194 -9.24 36.97 11.19
CA THR B 194 -8.60 38.07 11.94
C THR B 194 -7.13 37.77 12.18
N ASP B 195 -6.57 38.41 13.22
CA ASP B 195 -5.22 38.11 13.69
C ASP B 195 -5.22 37.68 15.17
N SER B 196 -4.08 37.19 15.65
CA SER B 196 -3.97 36.73 17.03
C SER B 196 -4.04 37.87 18.05
N ASP B 197 -3.68 39.08 17.63
CA ASP B 197 -3.80 40.26 18.49
C ASP B 197 -5.26 40.56 18.86
N ASP B 198 -6.16 40.39 17.90
CA ASP B 198 -7.58 40.60 18.11
C ASP B 198 -8.17 39.54 19.05
N ILE B 199 -7.82 38.27 18.83
CA ILE B 199 -8.39 37.20 19.66
C ILE B 199 -7.88 37.24 21.11
N LEU B 200 -6.67 37.75 21.31
CA LEU B 200 -6.12 37.89 22.67
C LEU B 200 -6.90 38.91 23.50
N LYS B 201 -7.16 40.09 22.91
CA LYS B 201 -7.96 41.12 23.58
C LYS B 201 -9.38 40.61 23.82
N TRP B 202 -9.97 40.03 22.78
CA TRP B 202 -11.35 39.54 22.83
C TRP B 202 -11.57 38.49 23.90
N LEU B 203 -10.70 37.51 23.97
CA LEU B 203 -10.78 36.46 25.00
C LEU B 203 -10.79 37.05 26.41
N ARG B 204 -9.92 38.04 26.64
CA ARG B 204 -9.83 38.70 27.94
C ARG B 204 -11.10 39.49 28.24
N SER B 205 -11.67 40.14 27.21
CA SER B 205 -12.93 40.88 27.33
C SER B 205 -14.06 40.01 27.86
N VAL B 206 -14.27 38.85 27.23
CA VAL B 206 -15.34 37.94 27.66
C VAL B 206 -15.12 37.39 29.07
N ALA B 207 -13.86 37.10 29.41
CA ALA B 207 -13.52 36.65 30.76
C ALA B 207 -13.81 37.72 31.81
N GLY B 208 -13.59 38.99 31.45
CA GLY B 208 -13.85 40.11 32.34
C GLY B 208 -15.36 40.41 32.47
N GLN C 3 25.86 -15.23 -34.74
CA GLN C 3 26.07 -13.84 -34.25
C GLN C 3 27.45 -13.69 -33.60
N LYS C 4 27.84 -14.67 -32.79
CA LYS C 4 29.12 -14.65 -32.09
C LYS C 4 30.30 -14.59 -33.07
N GLU C 5 30.20 -15.35 -34.16
CA GLU C 5 31.24 -15.40 -35.19
C GLU C 5 31.25 -14.14 -36.06
N VAL C 6 30.08 -13.57 -36.30
CA VAL C 6 29.92 -12.38 -37.15
C VAL C 6 30.59 -11.15 -36.52
N TYR C 7 30.37 -10.96 -35.22
CA TYR C 7 30.96 -9.86 -34.47
C TYR C 7 32.48 -9.97 -34.37
N ASP C 8 32.99 -11.20 -34.24
CA ASP C 8 34.43 -11.47 -34.16
C ASP C 8 35.14 -11.15 -35.48
N ALA C 9 34.55 -11.59 -36.60
CA ALA C 9 35.11 -11.32 -37.93
C ALA C 9 35.13 -9.82 -38.24
N ALA C 10 34.14 -9.11 -37.71
CA ALA C 10 34.03 -7.66 -37.89
C ALA C 10 35.02 -6.88 -37.02
N GLY C 11 35.68 -7.57 -36.10
CA GLY C 11 36.74 -6.97 -35.29
C GLY C 11 36.31 -6.42 -33.94
N PHE C 12 35.15 -6.86 -33.47
CA PHE C 12 34.60 -6.40 -32.19
C PHE C 12 34.95 -7.35 -31.04
N GLY C 13 34.91 -6.83 -29.83
CA GLY C 13 35.02 -7.64 -28.62
C GLY C 13 36.40 -7.74 -28.01
N ASN C 14 37.36 -7.04 -28.61
CA ASN C 14 38.75 -7.03 -28.15
C ASN C 14 38.91 -6.51 -26.72
N PRO C 15 39.94 -6.98 -25.99
CA PRO C 15 40.18 -6.41 -24.66
C PRO C 15 40.85 -5.03 -24.76
N VAL C 16 40.52 -4.14 -23.83
CA VAL C 16 41.18 -2.84 -23.75
C VAL C 16 42.29 -2.89 -22.71
N SER C 17 43.51 -2.52 -23.14
CA SER C 17 44.64 -2.41 -22.23
C SER C 17 44.48 -1.17 -21.37
N ARG C 18 44.42 -1.38 -20.06
CA ARG C 18 44.14 -0.32 -19.11
C ARG C 18 45.34 0.60 -18.92
N GLY C 19 45.06 1.87 -18.63
CA GLY C 19 46.09 2.88 -18.42
C GLY C 19 46.45 3.01 -16.96
N VAL C 20 47.18 4.08 -16.63
CA VAL C 20 47.69 4.28 -15.27
C VAL C 20 47.18 5.57 -14.60
N HIS C 21 46.24 6.24 -15.25
CA HIS C 21 45.59 7.42 -14.67
C HIS C 21 44.10 7.24 -14.70
N PRO C 22 43.54 6.52 -13.72
CA PRO C 22 42.11 6.25 -13.73
C PRO C 22 41.27 7.42 -13.19
N ALA C 23 40.02 7.47 -13.63
CA ALA C 23 39.02 8.35 -13.07
C ALA C 23 37.72 7.58 -12.92
N ILE C 24 36.89 7.99 -11.96
CA ILE C 24 35.59 7.37 -11.77
C ILE C 24 34.49 8.37 -12.10
N ILE C 25 33.65 8.01 -13.07
CA ILE C 25 32.47 8.81 -13.38
C ILE C 25 31.23 8.08 -12.86
N VAL C 26 30.47 8.78 -12.02
CA VAL C 26 29.21 8.26 -11.49
C VAL C 26 28.07 9.02 -12.17
N VAL C 27 27.31 8.30 -12.99
CA VAL C 27 26.28 8.91 -13.82
C VAL C 27 24.90 8.85 -13.17
N ASP C 28 24.31 10.02 -12.92
CA ASP C 28 22.93 10.18 -12.46
C ASP C 28 22.48 9.26 -11.32
N PHE C 29 23.31 9.13 -10.29
CA PHE C 29 22.85 8.53 -9.05
C PHE C 29 22.31 9.64 -8.16
N SER C 30 21.26 10.30 -8.65
CA SER C 30 20.53 11.31 -7.90
C SER C 30 19.20 10.70 -7.48
N TYR C 31 18.56 11.31 -6.47
CA TYR C 31 17.31 10.77 -5.92
C TYR C 31 16.23 10.53 -6.98
N GLY C 32 16.20 11.38 -8.00
CA GLY C 32 15.27 11.23 -9.12
C GLY C 32 15.34 9.88 -9.81
N PHE C 33 16.51 9.26 -9.78
CA PHE C 33 16.74 7.98 -10.43
C PHE C 33 16.91 6.81 -9.46
N THR C 34 16.96 7.10 -8.16
CA THR C 34 17.27 6.08 -7.16
C THR C 34 16.21 5.90 -6.08
N ASP C 35 15.49 6.97 -5.74
CA ASP C 35 14.44 6.91 -4.73
C ASP C 35 13.11 6.54 -5.38
N LEU C 36 12.58 5.37 -4.99
CA LEU C 36 11.39 4.77 -5.62
C LEU C 36 10.09 5.56 -5.51
N GLN C 37 10.08 6.61 -4.70
CA GLN C 37 8.92 7.51 -4.65
C GLN C 37 8.68 8.20 -5.99
N TYR C 38 9.74 8.35 -6.78
CA TYR C 38 9.66 9.01 -8.08
C TYR C 38 9.48 8.00 -9.21
N PRO C 39 8.58 8.29 -10.17
CA PRO C 39 8.33 7.36 -11.29
C PRO C 39 9.52 7.14 -12.21
N THR C 40 10.48 8.08 -12.21
CA THR C 40 11.69 7.97 -13.04
C THR C 40 12.77 7.06 -12.43
N ALA C 41 12.57 6.63 -11.19
CA ALA C 41 13.60 5.92 -10.43
C ALA C 41 13.67 4.42 -10.66
N SER C 42 14.80 3.83 -10.28
CA SER C 42 15.02 2.39 -10.33
C SER C 42 15.64 1.94 -9.01
N ASP C 43 15.52 0.64 -8.69
CA ASP C 43 16.16 0.08 -7.49
C ASP C 43 17.67 0.05 -7.68
N ALA C 44 18.36 0.86 -6.89
CA ALA C 44 19.81 1.05 -7.01
C ALA C 44 20.58 0.78 -5.72
N SER C 45 19.92 0.12 -4.76
CA SER C 45 20.53 -0.15 -3.45
C SER C 45 21.88 -0.85 -3.54
N LEU C 46 21.90 -2.01 -4.20
CA LEU C 46 23.10 -2.85 -4.32
C LEU C 46 24.20 -2.19 -5.13
N GLN C 47 23.84 -1.57 -6.25
CA GLN C 47 24.80 -0.92 -7.13
C GLN C 47 25.42 0.32 -6.48
N MET C 48 24.64 1.06 -5.71
CA MET C 48 25.14 2.25 -5.03
C MET C 48 26.22 1.94 -3.99
N SER C 49 26.06 0.84 -3.26
CA SER C 49 27.05 0.45 -2.26
C SER C 49 28.34 -0.09 -2.90
N ARG C 50 28.23 -0.70 -4.08
CA ARG C 50 29.41 -1.14 -4.83
C ARG C 50 30.20 0.06 -5.39
N THR C 51 29.48 1.09 -5.84
CA THR C 51 30.10 2.31 -6.34
C THR C 51 30.72 3.10 -5.19
N LYS C 52 30.08 3.03 -4.03
CA LYS C 52 30.61 3.66 -2.81
C LYS C 52 31.97 3.09 -2.43
N GLU C 53 32.15 1.79 -2.64
CA GLU C 53 33.42 1.12 -2.38
C GLU C 53 34.50 1.61 -3.34
N ILE C 54 34.16 1.63 -4.64
CA ILE C 54 35.05 2.10 -5.69
C ILE C 54 35.48 3.55 -5.45
N CYS C 55 34.51 4.43 -5.20
CA CYS C 55 34.78 5.85 -5.01
C CYS C 55 35.64 6.13 -3.77
N ASP C 56 35.34 5.44 -2.66
CA ASP C 56 36.12 5.59 -1.43
C ASP C 56 37.59 5.27 -1.64
N LEU C 57 37.86 4.19 -2.37
CA LEU C 57 39.23 3.79 -2.70
C LEU C 57 39.90 4.82 -3.61
N ALA C 58 39.19 5.20 -4.68
CA ALA C 58 39.70 6.14 -5.67
C ALA C 58 40.02 7.52 -5.10
N ARG C 59 39.14 8.01 -4.21
CA ARG C 59 39.29 9.31 -3.57
C ARG C 59 40.50 9.34 -2.62
N ALA C 60 40.71 8.23 -1.92
CA ALA C 60 41.85 8.07 -1.02
C ALA C 60 43.17 7.95 -1.82
N LEU C 61 43.09 7.33 -3.00
CA LEU C 61 44.26 7.17 -3.87
C LEU C 61 44.51 8.38 -4.78
N GLU C 62 43.76 9.46 -4.53
CA GLU C 62 43.89 10.71 -5.30
C GLU C 62 43.61 10.55 -6.79
N PHE C 63 42.61 9.72 -7.12
CA PHE C 63 42.09 9.59 -8.47
C PHE C 63 40.78 10.37 -8.56
N PRO C 64 40.58 11.13 -9.66
CA PRO C 64 39.38 11.96 -9.79
C PRO C 64 38.09 11.16 -9.67
N VAL C 65 37.18 11.65 -8.82
CA VAL C 65 35.84 11.09 -8.69
C VAL C 65 34.85 12.18 -9.09
N ILE C 66 34.07 11.91 -10.13
CA ILE C 66 33.17 12.90 -10.69
C ILE C 66 31.73 12.39 -10.79
N PHE C 67 30.84 13.08 -10.08
CA PHE C 67 29.41 12.79 -10.10
C PHE C 67 28.73 13.67 -11.15
N THR C 68 27.78 13.10 -11.89
CA THR C 68 26.99 13.87 -12.85
C THR C 68 25.51 13.82 -12.50
N THR C 69 24.80 14.89 -12.86
CA THR C 69 23.38 14.99 -12.60
C THR C 69 22.68 15.78 -13.72
N ILE C 70 21.42 15.44 -13.96
CA ILE C 70 20.59 16.19 -14.89
C ILE C 70 19.79 17.22 -14.09
N ALA C 71 19.88 18.49 -14.47
CA ALA C 71 19.12 19.56 -13.82
C ALA C 71 18.73 20.65 -14.81
N TYR C 72 17.49 21.12 -14.71
CA TYR C 72 16.97 22.14 -15.63
C TYR C 72 16.43 23.38 -14.92
N HIS C 73 16.64 24.54 -15.54
CA HIS C 73 15.90 25.74 -15.19
C HIS C 73 14.56 25.63 -15.86
N PRO C 74 13.49 26.15 -15.22
CA PRO C 74 12.15 26.02 -15.80
C PRO C 74 12.03 26.61 -17.21
N GLY C 75 12.85 27.61 -17.51
CA GLY C 75 12.88 28.24 -18.83
C GLY C 75 13.48 27.37 -19.93
N GLU C 76 14.18 26.31 -19.53
CA GLU C 76 14.81 25.39 -20.49
C GLU C 76 13.86 24.30 -21.02
N ILE C 77 12.79 24.00 -20.27
CA ILE C 77 11.86 22.93 -20.64
C ILE C 77 11.32 23.05 -22.08
N PRO C 78 10.78 24.24 -22.47
CA PRO C 78 10.28 24.39 -23.83
C PRO C 78 11.38 24.43 -24.90
N MET C 79 12.63 24.64 -24.49
CA MET C 79 13.74 24.81 -25.43
C MET C 79 14.37 23.50 -25.88
N LEU C 80 14.31 22.46 -25.03
CA LEU C 80 14.98 21.19 -25.31
C LEU C 80 14.03 20.09 -25.75
N PRO C 81 14.15 19.64 -27.01
CA PRO C 81 13.26 18.63 -27.61
C PRO C 81 13.33 17.24 -26.95
N TRP C 82 14.39 16.98 -26.17
CA TRP C 82 14.50 15.72 -25.44
C TRP C 82 13.43 15.62 -24.40
N LEU C 83 13.08 16.76 -23.81
CA LEU C 83 12.03 16.85 -22.80
C LEU C 83 10.63 16.62 -23.38
N GLU C 84 10.51 16.65 -24.70
CA GLU C 84 9.25 16.33 -25.39
C GLU C 84 9.07 14.81 -25.46
N LYS C 85 10.16 14.09 -25.76
CA LYS C 85 10.15 12.63 -25.79
C LYS C 85 10.09 12.04 -24.38
N SER C 86 11.04 12.44 -23.55
CA SER C 86 11.12 12.02 -22.16
C SER C 86 10.64 13.18 -21.29
N SER C 87 9.32 13.27 -21.12
CA SER C 87 8.69 14.37 -20.38
C SER C 87 8.89 14.27 -18.88
N GLY C 88 9.19 13.07 -18.39
CA GLY C 88 9.45 12.83 -16.96
C GLY C 88 10.73 13.48 -16.48
N MET C 89 11.66 13.72 -17.40
CA MET C 89 12.94 14.39 -17.09
C MET C 89 12.76 15.86 -16.73
N ALA C 90 11.61 16.43 -17.08
CA ALA C 90 11.31 17.83 -16.80
C ALA C 90 11.05 18.09 -15.31
N ALA C 91 10.84 17.01 -14.55
CA ALA C 91 10.67 17.11 -13.10
C ALA C 91 11.98 17.43 -12.37
N LEU C 92 13.10 17.21 -13.05
CA LEU C 92 14.43 17.42 -12.44
C LEU C 92 14.89 18.87 -12.61
N LEU C 93 14.41 19.75 -11.74
CA LEU C 93 14.79 21.16 -11.82
C LEU C 93 15.74 21.55 -10.69
N TYR C 94 16.50 22.61 -10.93
CA TYR C 94 17.32 23.23 -9.88
C TYR C 94 16.48 23.49 -8.66
N GLY C 95 17.00 23.13 -7.49
CA GLY C 95 16.32 23.36 -6.22
C GLY C 95 15.47 22.20 -5.75
N SER C 96 15.29 21.19 -6.61
CA SER C 96 14.50 20.02 -6.25
C SER C 96 15.38 18.95 -5.58
N ARG C 97 14.73 18.05 -4.85
CA ARG C 97 15.41 16.89 -4.25
C ARG C 97 15.88 15.90 -5.32
N LEU C 98 15.07 15.76 -6.37
CA LEU C 98 15.36 14.86 -7.51
C LEU C 98 16.79 15.00 -8.01
N VAL C 99 17.31 16.23 -7.94
CA VAL C 99 18.59 16.63 -8.52
C VAL C 99 19.79 16.34 -7.60
N GLU C 100 19.52 16.18 -6.31
CA GLU C 100 20.58 15.92 -5.33
C GLU C 100 21.14 14.52 -5.49
N ILE C 101 22.46 14.39 -5.42
CA ILE C 101 23.12 13.09 -5.43
C ILE C 101 22.74 12.31 -4.17
N ASP C 102 22.38 11.05 -4.33
CA ASP C 102 21.98 10.19 -3.23
C ASP C 102 23.11 10.01 -2.22
N MET C 103 22.80 10.19 -0.93
CA MET C 103 23.78 10.03 0.15
C MET C 103 24.36 8.61 0.24
N ALA C 104 23.64 7.64 -0.32
CA ALA C 104 24.08 6.25 -0.34
C ALA C 104 25.33 6.02 -1.21
N THR C 105 25.59 6.96 -2.12
CA THR C 105 26.79 6.94 -2.96
C THR C 105 28.06 7.20 -2.13
N GLY C 106 27.88 7.88 -1.01
CA GLY C 106 28.98 8.25 -0.13
C GLY C 106 29.66 9.52 -0.57
N ILE C 107 28.95 10.31 -1.37
CA ILE C 107 29.50 11.58 -1.90
C ILE C 107 30.08 12.46 -0.80
N GLN C 108 31.24 13.04 -1.07
CA GLN C 108 31.97 13.86 -0.11
C GLN C 108 31.95 15.32 -0.57
N PRO C 109 31.98 16.29 0.37
CA PRO C 109 31.83 17.73 0.06
C PRO C 109 32.73 18.27 -1.05
N ASN C 110 33.93 17.71 -1.21
CA ASN C 110 34.89 18.19 -2.20
C ASN C 110 34.81 17.50 -3.57
N ASP C 111 33.99 16.45 -3.68
CA ASP C 111 33.80 15.73 -4.94
C ASP C 111 33.05 16.58 -5.96
N VAL C 112 33.57 16.62 -7.18
CA VAL C 112 33.01 17.45 -8.24
C VAL C 112 31.68 16.90 -8.75
N VAL C 113 30.68 17.77 -8.85
CA VAL C 113 29.38 17.44 -9.42
C VAL C 113 29.19 18.27 -10.69
N VAL C 114 29.04 17.59 -11.83
CA VAL C 114 28.74 18.30 -13.08
C VAL C 114 27.26 18.18 -13.48
N VAL C 115 26.67 19.31 -13.85
CA VAL C 115 25.28 19.37 -14.27
C VAL C 115 25.20 19.28 -15.79
N LYS C 116 24.33 18.38 -16.28
CA LYS C 116 24.15 18.19 -17.71
C LYS C 116 22.67 18.32 -18.09
N LYS C 117 22.41 18.44 -19.39
CA LYS C 117 21.05 18.67 -19.88
C LYS C 117 20.53 17.52 -20.74
N GLY C 118 21.40 16.57 -21.07
CA GLY C 118 21.03 15.38 -21.83
C GLY C 118 21.43 14.07 -21.15
N ALA C 119 21.32 12.99 -21.89
CA ALA C 119 21.71 11.67 -21.40
C ALA C 119 23.22 11.55 -21.17
N SER C 120 24.00 11.88 -22.20
CA SER C 120 25.46 11.78 -22.15
C SER C 120 26.07 12.79 -21.20
N SER C 121 26.97 12.32 -20.34
CA SER C 121 27.65 13.16 -19.36
C SER C 121 28.68 14.09 -20.00
N PHE C 122 29.02 13.80 -21.26
CA PHE C 122 30.03 14.56 -21.98
C PHE C 122 29.44 15.69 -22.82
N PHE C 123 28.23 15.47 -23.34
CA PHE C 123 27.60 16.45 -24.22
C PHE C 123 27.14 17.69 -23.47
N GLY C 124 27.59 18.85 -23.96
CA GLY C 124 27.22 20.14 -23.38
C GLY C 124 27.69 20.36 -21.97
N SER C 125 28.76 19.66 -21.58
CA SER C 125 29.27 19.70 -20.23
C SER C 125 30.77 19.90 -20.22
N THR C 126 31.32 20.12 -19.04
CA THR C 126 32.75 20.35 -18.87
C THR C 126 33.55 19.08 -18.51
N LEU C 127 32.87 17.93 -18.46
CA LEU C 127 33.48 16.68 -18.03
C LEU C 127 34.78 16.34 -18.79
N SER C 128 34.71 16.43 -20.11
CA SER C 128 35.87 16.19 -20.97
C SER C 128 37.09 17.03 -20.58
N SER C 129 36.86 18.28 -20.19
CA SER C 129 37.95 19.18 -19.79
C SER C 129 38.54 18.81 -18.44
N LEU C 130 37.67 18.40 -17.51
CA LEU C 130 38.09 17.93 -16.19
C LEU C 130 38.96 16.69 -16.32
N LEU C 131 38.54 15.77 -17.18
CA LEU C 131 39.29 14.53 -17.44
C LEU C 131 40.65 14.79 -18.10
N ALA C 132 40.67 15.60 -19.15
CA ALA C 132 41.92 15.91 -19.87
C ALA C 132 42.87 16.74 -19.01
N GLY C 133 42.34 17.71 -18.28
CA GLY C 133 43.12 18.55 -17.37
C GLY C 133 43.79 17.80 -16.23
N THR C 134 43.29 16.60 -15.93
CA THR C 134 43.91 15.74 -14.92
C THR C 134 44.75 14.60 -15.53
N ASN C 135 44.96 14.63 -16.85
CA ASN C 135 45.76 13.64 -17.57
C ASN C 135 45.23 12.20 -17.47
N THR C 136 43.91 12.08 -17.40
CA THR C 136 43.23 10.78 -17.30
C THR C 136 43.34 10.01 -18.60
N ASP C 137 43.61 8.71 -18.51
CA ASP C 137 43.63 7.83 -19.68
C ASP C 137 42.51 6.78 -19.68
N THR C 138 42.05 6.40 -18.49
CA THR C 138 41.05 5.35 -18.32
C THR C 138 39.93 5.83 -17.42
N VAL C 139 38.70 5.48 -17.76
CA VAL C 139 37.54 5.86 -16.95
C VAL C 139 36.72 4.63 -16.56
N VAL C 140 36.21 4.62 -15.34
CA VAL C 140 35.24 3.60 -14.97
C VAL C 140 33.88 4.27 -14.81
N VAL C 141 32.94 3.83 -15.63
CA VAL C 141 31.61 4.42 -15.71
C VAL C 141 30.61 3.57 -14.93
N THR C 142 29.92 4.21 -14.01
CA THR C 142 28.91 3.58 -13.17
C THR C 142 27.67 4.45 -13.17
N GLY C 143 26.55 3.93 -12.69
CA GLY C 143 25.36 4.75 -12.48
C GLY C 143 24.06 4.26 -13.06
N ALA C 144 23.20 5.20 -13.43
CA ALA C 144 21.87 4.91 -13.96
C ALA C 144 21.47 5.94 -15.02
N THR C 145 20.70 5.52 -16.03
CA THR C 145 20.37 4.11 -16.28
C THR C 145 21.31 3.55 -17.33
N THR C 146 21.53 2.24 -17.28
CA THR C 146 22.52 1.58 -18.12
C THR C 146 22.20 1.62 -19.62
N SER C 147 20.91 1.66 -19.94
CA SER C 147 20.47 1.80 -21.33
C SER C 147 20.29 3.26 -21.77
N GLY C 148 20.45 4.18 -20.82
CA GLY C 148 20.28 5.60 -21.09
C GLY C 148 21.57 6.37 -20.94
N ALA C 149 21.72 7.01 -19.77
CA ALA C 149 22.84 7.90 -19.50
C ALA C 149 24.19 7.19 -19.43
N VAL C 150 24.20 5.97 -18.88
CA VAL C 150 25.43 5.19 -18.79
C VAL C 150 25.96 4.82 -20.18
N ARG C 151 25.09 4.25 -21.02
CA ARG C 151 25.46 3.87 -22.38
C ARG C 151 25.87 5.09 -23.21
N ALA C 152 25.11 6.18 -23.08
CA ALA C 152 25.43 7.43 -23.77
C ALA C 152 26.78 7.97 -23.32
N THR C 153 27.02 7.96 -22.01
CA THR C 153 28.29 8.39 -21.43
C THR C 153 29.46 7.52 -21.90
N VAL C 154 29.23 6.20 -21.91
CA VAL C 154 30.25 5.23 -22.34
C VAL C 154 30.71 5.49 -23.78
N VAL C 155 29.76 5.62 -24.69
CA VAL C 155 30.04 5.90 -26.11
C VAL C 155 30.81 7.20 -26.28
N ASP C 156 30.36 8.25 -25.59
CA ASP C 156 31.04 9.53 -25.62
C ASP C 156 32.43 9.51 -24.98
N ALA C 157 32.63 8.62 -24.00
CA ALA C 157 33.93 8.48 -23.35
C ALA C 157 34.99 7.96 -24.31
N VAL C 158 34.69 6.86 -25.00
CA VAL C 158 35.62 6.27 -25.97
C VAL C 158 35.92 7.27 -27.08
N GLN C 159 34.87 7.87 -27.62
CA GLN C 159 34.98 8.84 -28.70
C GLN C 159 35.87 10.02 -28.35
N SER C 160 35.97 10.31 -27.05
CA SER C 160 36.72 11.47 -26.55
C SER C 160 38.21 11.17 -26.33
N GLY C 161 38.59 9.90 -26.48
CA GLY C 161 39.98 9.48 -26.32
C GLY C 161 40.31 8.88 -24.96
N PHE C 162 39.31 8.23 -24.34
CA PHE C 162 39.48 7.58 -23.05
C PHE C 162 39.09 6.12 -23.11
N LYS C 163 39.97 5.25 -22.60
CA LYS C 163 39.65 3.83 -22.45
C LYS C 163 38.56 3.69 -21.40
N VAL C 164 37.63 2.75 -21.61
CA VAL C 164 36.45 2.65 -20.76
C VAL C 164 36.29 1.28 -20.11
N LEU C 165 36.00 1.28 -18.81
CA LEU C 165 35.62 0.09 -18.08
C LEU C 165 34.28 0.36 -17.40
N VAL C 166 33.37 -0.61 -17.51
CA VAL C 166 32.09 -0.49 -16.81
C VAL C 166 31.77 -1.76 -16.02
N PRO C 167 31.72 -1.64 -14.68
CA PRO C 167 31.33 -2.77 -13.84
C PRO C 167 29.82 -2.95 -13.82
N ALA C 168 29.36 -4.13 -14.22
CA ALA C 168 27.93 -4.47 -14.25
C ALA C 168 27.30 -4.49 -12.86
N ASP C 169 28.14 -4.66 -11.83
CA ASP C 169 27.74 -4.56 -10.43
C ASP C 169 27.19 -3.18 -10.07
N CYS C 170 27.50 -2.19 -10.89
CA CYS C 170 27.28 -0.79 -10.53
C CYS C 170 26.30 -0.04 -11.44
N CYS C 171 25.69 -0.76 -12.37
CA CYS C 171 24.72 -0.17 -13.29
C CYS C 171 23.29 -0.60 -12.96
N ALA C 172 22.40 0.37 -12.81
CA ALA C 172 20.99 0.11 -12.54
C ALA C 172 20.09 0.49 -13.72
N ASP C 173 18.95 -0.17 -13.84
CA ASP C 173 17.96 0.18 -14.86
C ASP C 173 16.54 -0.14 -14.39
N ARG C 174 15.55 0.31 -15.17
CA ARG C 174 14.15 0.05 -14.87
C ARG C 174 13.65 -1.28 -15.46
N ALA C 175 14.40 -1.82 -16.42
CA ALA C 175 14.07 -3.11 -17.03
C ALA C 175 15.34 -3.88 -17.40
N LYS C 176 15.29 -5.20 -17.28
CA LYS C 176 16.45 -6.08 -17.51
C LYS C 176 16.84 -6.20 -18.99
N GLY C 177 15.84 -6.14 -19.87
CA GLY C 177 16.05 -6.24 -21.33
C GLY C 177 17.01 -5.22 -21.90
N PRO C 178 16.68 -3.91 -21.79
CA PRO C 178 17.57 -2.83 -22.22
C PRO C 178 18.91 -2.83 -21.48
N HIS C 179 18.88 -3.20 -20.19
CA HIS C 179 20.08 -3.33 -19.38
C HIS C 179 21.06 -4.30 -20.01
N GLU C 180 20.61 -5.53 -20.26
CA GLU C 180 21.47 -6.58 -20.83
C GLU C 180 21.92 -6.28 -22.26
N ALA C 181 21.03 -5.67 -23.04
CA ALA C 181 21.31 -5.30 -24.43
C ALA C 181 22.38 -4.21 -24.52
N SER C 182 22.35 -3.26 -23.59
CA SER C 182 23.34 -2.19 -23.54
C SER C 182 24.72 -2.70 -23.16
N LEU C 183 24.76 -3.61 -22.19
CA LEU C 183 26.02 -4.21 -21.77
C LEU C 183 26.67 -5.05 -22.87
N TYR C 184 25.84 -5.71 -23.69
CA TYR C 184 26.32 -6.45 -24.85
C TYR C 184 26.95 -5.52 -25.87
N ASP C 185 26.29 -4.39 -26.14
CA ASP C 185 26.78 -3.38 -27.08
C ASP C 185 28.11 -2.79 -26.60
N ILE C 186 28.19 -2.46 -25.32
CA ILE C 186 29.40 -1.89 -24.73
C ILE C 186 30.56 -2.88 -24.79
N GLN C 187 30.28 -4.13 -24.40
CA GLN C 187 31.27 -5.20 -24.41
C GLN C 187 31.84 -5.46 -25.81
N GLN C 188 31.00 -5.33 -26.84
CA GLN C 188 31.45 -5.53 -28.21
C GLN C 188 32.15 -4.31 -28.80
N LYS C 189 31.59 -3.12 -28.56
CA LYS C 189 31.98 -1.93 -29.33
C LYS C 189 32.76 -0.84 -28.59
N TYR C 190 32.53 -0.66 -27.30
CA TYR C 190 32.99 0.54 -26.60
C TYR C 190 33.96 0.35 -25.41
N GLY C 191 33.64 -0.56 -24.50
CA GLY C 191 34.48 -0.78 -23.33
C GLY C 191 34.39 -2.17 -22.72
N ASP C 192 35.23 -2.43 -21.72
CA ASP C 192 35.22 -3.73 -21.03
C ASP C 192 34.19 -3.75 -19.89
N VAL C 193 33.28 -4.74 -19.96
CA VAL C 193 32.29 -4.94 -18.92
C VAL C 193 32.77 -5.99 -17.94
N THR C 194 32.88 -5.58 -16.68
CA THR C 194 33.45 -6.39 -15.61
C THR C 194 32.55 -6.27 -14.36
N ASP C 195 33.12 -6.55 -13.18
CA ASP C 195 32.45 -6.31 -11.91
C ASP C 195 33.31 -5.43 -10.99
N SER C 196 32.73 -4.94 -9.90
CA SER C 196 33.42 -4.04 -8.97
C SER C 196 34.64 -4.68 -8.31
N ASP C 197 34.56 -5.97 -7.99
CA ASP C 197 35.70 -6.72 -7.45
C ASP C 197 36.96 -6.57 -8.30
N ASP C 198 36.77 -6.62 -9.61
CA ASP C 198 37.87 -6.49 -10.56
C ASP C 198 38.50 -5.09 -10.54
N ILE C 199 37.67 -4.04 -10.59
CA ILE C 199 38.20 -2.67 -10.60
C ILE C 199 38.80 -2.26 -9.26
N LEU C 200 38.29 -2.83 -8.17
CA LEU C 200 38.88 -2.63 -6.84
C LEU C 200 40.31 -3.18 -6.80
N LYS C 201 40.48 -4.41 -7.26
CA LYS C 201 41.80 -5.04 -7.37
C LYS C 201 42.68 -4.26 -8.34
N TRP C 202 42.09 -3.77 -9.43
CA TRP C 202 42.83 -3.02 -10.44
C TRP C 202 43.31 -1.67 -9.96
N LEU C 203 42.48 -0.95 -9.22
CA LEU C 203 42.84 0.36 -8.68
C LEU C 203 44.03 0.31 -7.74
N ARG C 204 44.04 -0.71 -6.87
CA ARG C 204 45.14 -0.91 -5.91
C ARG C 204 46.46 -1.20 -6.63
N SER C 205 46.39 -1.98 -7.71
CA SER C 205 47.58 -2.36 -8.47
C SER C 205 48.21 -1.21 -9.27
N VAL C 206 47.38 -0.33 -9.83
CA VAL C 206 47.91 0.87 -10.51
C VAL C 206 48.58 1.84 -9.53
N ALA C 207 48.09 1.86 -8.30
CA ALA C 207 48.69 2.68 -7.23
C ALA C 207 49.86 1.98 -6.52
N GLY C 208 50.10 0.71 -6.86
CA GLY C 208 51.14 -0.09 -6.21
C GLY C 208 50.65 -0.66 -4.87
N GLN D 3 -49.87 -8.96 22.48
CA GLN D 3 -48.70 -8.09 22.13
C GLN D 3 -48.12 -8.46 20.77
N LYS D 4 -48.04 -9.76 20.48
CA LYS D 4 -47.52 -10.26 19.20
C LYS D 4 -48.33 -9.75 18.01
N GLU D 5 -49.65 -9.64 18.19
CA GLU D 5 -50.54 -9.12 17.15
C GLU D 5 -50.38 -7.61 16.95
N VAL D 6 -49.97 -6.92 18.02
CA VAL D 6 -49.78 -5.47 17.98
C VAL D 6 -48.59 -5.09 17.10
N TYR D 7 -47.45 -5.73 17.35
CA TYR D 7 -46.23 -5.47 16.60
C TYR D 7 -46.33 -5.98 15.16
N ASP D 8 -46.93 -7.16 14.98
CA ASP D 8 -47.09 -7.78 13.67
C ASP D 8 -47.89 -6.91 12.71
N ALA D 9 -49.00 -6.36 13.20
CA ALA D 9 -49.84 -5.47 12.41
C ALA D 9 -49.13 -4.15 12.11
N ALA D 10 -48.27 -3.74 13.03
CA ALA D 10 -47.48 -2.51 12.89
C ALA D 10 -46.34 -2.65 11.88
N GLY D 11 -46.09 -3.87 11.42
CA GLY D 11 -45.11 -4.14 10.37
C GLY D 11 -43.73 -4.50 10.87
N PHE D 12 -43.64 -4.85 12.15
CA PHE D 12 -42.37 -5.21 12.77
C PHE D 12 -42.14 -6.73 12.72
N GLY D 13 -40.87 -7.13 12.86
CA GLY D 13 -40.51 -8.53 13.01
C GLY D 13 -40.14 -9.27 11.73
N ASN D 14 -40.09 -8.53 10.62
CA ASN D 14 -39.73 -9.10 9.31
C ASN D 14 -38.27 -9.55 9.25
N PRO D 15 -37.99 -10.67 8.54
CA PRO D 15 -36.61 -11.13 8.42
C PRO D 15 -35.78 -10.23 7.49
N VAL D 16 -34.47 -10.14 7.77
CA VAL D 16 -33.55 -9.38 6.92
C VAL D 16 -32.84 -10.29 5.92
N SER D 17 -32.98 -9.96 4.63
CA SER D 17 -32.26 -10.68 3.59
C SER D 17 -30.80 -10.25 3.60
N ARG D 18 -29.93 -11.22 3.88
CA ARG D 18 -28.52 -10.96 4.09
C ARG D 18 -27.78 -10.65 2.79
N GLY D 19 -26.75 -9.83 2.89
CA GLY D 19 -25.93 -9.44 1.74
C GLY D 19 -24.72 -10.32 1.54
N VAL D 20 -23.76 -9.82 0.77
CA VAL D 20 -22.61 -10.60 0.34
C VAL D 20 -21.26 -10.05 0.82
N HIS D 21 -21.27 -8.89 1.48
CA HIS D 21 -20.06 -8.31 2.05
C HIS D 21 -20.18 -8.14 3.55
N PRO D 22 -19.98 -9.23 4.31
CA PRO D 22 -20.13 -9.14 5.75
C PRO D 22 -18.93 -8.49 6.45
N ALA D 23 -19.21 -7.82 7.55
CA ALA D 23 -18.19 -7.36 8.49
C ALA D 23 -18.67 -7.71 9.89
N ILE D 24 -17.75 -7.76 10.84
CA ILE D 24 -18.11 -8.11 12.20
C ILE D 24 -17.55 -7.09 13.19
N ILE D 25 -18.43 -6.57 14.05
CA ILE D 25 -18.05 -5.58 15.06
C ILE D 25 -18.11 -6.20 16.45
N VAL D 26 -16.98 -6.14 17.15
CA VAL D 26 -16.89 -6.56 18.54
C VAL D 26 -16.92 -5.32 19.42
N VAL D 27 -18.07 -5.03 20.01
CA VAL D 27 -18.22 -3.82 20.82
C VAL D 27 -17.93 -4.05 22.31
N ASP D 28 -16.93 -3.30 22.79
CA ASP D 28 -16.54 -3.23 24.19
C ASP D 28 -16.33 -4.57 24.92
N PHE D 29 -15.63 -5.48 24.25
CA PHE D 29 -15.09 -6.65 24.94
C PHE D 29 -13.70 -6.32 25.48
N SER D 30 -13.64 -5.27 26.30
CA SER D 30 -12.41 -4.84 26.94
C SER D 30 -12.41 -5.34 28.38
N TYR D 31 -11.23 -5.34 29.00
CA TYR D 31 -11.07 -5.86 30.36
C TYR D 31 -12.02 -5.20 31.35
N GLY D 32 -12.27 -3.90 31.16
CA GLY D 32 -13.18 -3.13 32.00
C GLY D 32 -14.60 -3.66 32.04
N PHE D 33 -15.01 -4.34 30.97
CA PHE D 33 -16.37 -4.88 30.86
C PHE D 33 -16.43 -6.39 30.98
N THR D 34 -15.27 -7.04 31.05
CA THR D 34 -15.19 -8.51 31.03
C THR D 34 -14.50 -9.14 32.25
N ASP D 35 -13.55 -8.42 32.85
CA ASP D 35 -12.82 -8.90 34.03
C ASP D 35 -13.59 -8.56 35.31
N LEU D 36 -13.98 -9.58 36.06
CA LEU D 36 -14.85 -9.42 37.23
C LEU D 36 -14.28 -8.58 38.40
N GLN D 37 -12.98 -8.32 38.38
CA GLN D 37 -12.34 -7.45 39.37
C GLN D 37 -12.81 -6.00 39.27
N TYR D 38 -13.30 -5.61 38.09
CA TYR D 38 -13.83 -4.28 37.87
C TYR D 38 -15.35 -4.27 38.04
N PRO D 39 -15.89 -3.30 38.79
CA PRO D 39 -17.33 -3.26 39.07
C PRO D 39 -18.20 -3.04 37.83
N THR D 40 -17.64 -2.47 36.77
CA THR D 40 -18.37 -2.22 35.52
C THR D 40 -18.52 -3.49 34.67
N ALA D 41 -17.84 -4.56 35.07
CA ALA D 41 -17.76 -5.77 34.27
C ALA D 41 -18.86 -6.80 34.54
N SER D 42 -19.03 -7.72 33.59
CA SER D 42 -19.94 -8.84 33.71
C SER D 42 -19.28 -10.12 33.17
N ASP D 43 -19.88 -11.27 33.46
CA ASP D 43 -19.35 -12.57 33.03
C ASP D 43 -19.55 -12.76 31.52
N ALA D 44 -18.45 -12.76 30.79
CA ALA D 44 -18.49 -12.85 29.33
C ALA D 44 -17.65 -14.02 28.78
N SER D 45 -17.31 -14.96 29.67
CA SER D 45 -16.45 -16.10 29.33
C SER D 45 -16.92 -16.85 28.07
N LEU D 46 -18.18 -17.26 28.09
CA LEU D 46 -18.76 -18.10 27.04
C LEU D 46 -18.93 -17.34 25.73
N GLN D 47 -19.40 -16.10 25.82
CA GLN D 47 -19.63 -15.25 24.65
C GLN D 47 -18.33 -14.79 23.95
N MET D 48 -17.26 -14.60 24.72
CA MET D 48 -15.98 -14.19 24.15
C MET D 48 -15.32 -15.27 23.29
N SER D 49 -15.45 -16.54 23.71
CA SER D 49 -14.95 -17.67 22.93
C SER D 49 -15.87 -17.95 21.73
N ARG D 50 -17.13 -17.56 21.87
CA ARG D 50 -18.12 -17.71 20.80
C ARG D 50 -17.84 -16.72 19.67
N THR D 51 -17.50 -15.48 20.02
CA THR D 51 -17.13 -14.46 19.02
C THR D 51 -15.74 -14.71 18.47
N LYS D 52 -14.90 -15.37 19.27
CA LYS D 52 -13.55 -15.76 18.83
C LYS D 52 -13.59 -16.66 17.60
N GLU D 53 -14.49 -17.64 17.62
CA GLU D 53 -14.69 -18.54 16.48
C GLU D 53 -15.21 -17.79 15.25
N ILE D 54 -16.11 -16.83 15.48
CA ILE D 54 -16.63 -15.97 14.42
C ILE D 54 -15.52 -15.07 13.85
N CYS D 55 -14.69 -14.51 14.73
CA CYS D 55 -13.59 -13.63 14.31
C CYS D 55 -12.47 -14.38 13.57
N ASP D 56 -12.15 -15.59 14.04
CA ASP D 56 -11.16 -16.45 13.38
C ASP D 56 -11.58 -16.81 11.96
N LEU D 57 -12.87 -17.16 11.80
CA LEU D 57 -13.42 -17.52 10.50
C LEU D 57 -13.43 -16.32 9.57
N ALA D 58 -13.95 -15.19 10.05
CA ALA D 58 -14.02 -13.97 9.25
C ALA D 58 -12.64 -13.45 8.86
N ARG D 59 -11.67 -13.59 9.76
CA ARG D 59 -10.30 -13.14 9.53
C ARG D 59 -9.61 -13.98 8.45
N ALA D 60 -9.99 -15.26 8.37
CA ALA D 60 -9.46 -16.18 7.37
C ALA D 60 -10.11 -16.03 6.00
N LEU D 61 -11.36 -15.54 5.97
CA LEU D 61 -12.09 -15.32 4.72
C LEU D 61 -11.94 -13.89 4.17
N GLU D 62 -11.06 -13.12 4.82
CA GLU D 62 -10.79 -11.72 4.44
C GLU D 62 -11.96 -10.75 4.65
N PHE D 63 -12.84 -11.08 5.59
CA PHE D 63 -13.91 -10.16 5.99
C PHE D 63 -13.42 -9.28 7.15
N PRO D 64 -13.80 -7.99 7.13
CA PRO D 64 -13.33 -7.03 8.15
C PRO D 64 -13.76 -7.39 9.57
N VAL D 65 -12.78 -7.47 10.46
CA VAL D 65 -13.04 -7.64 11.89
C VAL D 65 -12.61 -6.37 12.62
N ILE D 66 -13.59 -5.67 13.20
CA ILE D 66 -13.35 -4.41 13.86
C ILE D 66 -13.74 -4.48 15.34
N PHE D 67 -12.80 -4.12 16.20
CA PHE D 67 -13.03 -4.06 17.64
C PHE D 67 -13.26 -2.61 18.03
N THR D 68 -14.16 -2.39 18.99
CA THR D 68 -14.40 -1.05 19.53
C THR D 68 -14.20 -1.02 21.03
N THR D 69 -13.63 0.07 21.52
CA THR D 69 -13.42 0.25 22.95
C THR D 69 -13.77 1.67 23.40
N ILE D 70 -14.15 1.81 24.67
CA ILE D 70 -14.38 3.11 25.26
C ILE D 70 -13.15 3.56 26.05
N ALA D 71 -12.58 4.69 25.66
CA ALA D 71 -11.42 5.26 26.36
C ALA D 71 -11.51 6.78 26.45
N TYR D 72 -11.06 7.33 27.59
CA TYR D 72 -11.11 8.76 27.83
C TYR D 72 -9.76 9.34 28.22
N HIS D 73 -9.54 10.60 27.83
CA HIS D 73 -8.50 11.42 28.43
C HIS D 73 -9.04 11.96 29.72
N PRO D 74 -8.16 12.19 30.72
CA PRO D 74 -8.65 12.72 32.00
C PRO D 74 -9.34 14.08 31.85
N GLY D 75 -8.89 14.88 30.87
CA GLY D 75 -9.47 16.20 30.61
C GLY D 75 -10.84 16.17 29.95
N GLU D 76 -11.24 15.02 29.43
CA GLU D 76 -12.53 14.85 28.77
C GLU D 76 -13.67 14.60 29.77
N ILE D 77 -13.34 14.04 30.93
CA ILE D 77 -14.33 13.63 31.95
C ILE D 77 -15.34 14.74 32.33
N PRO D 78 -14.88 15.96 32.65
CA PRO D 78 -15.85 17.00 33.02
C PRO D 78 -16.63 17.57 31.84
N MET D 79 -16.24 17.21 30.62
CA MET D 79 -16.87 17.76 29.41
C MET D 79 -18.02 16.90 28.90
N LEU D 80 -18.09 15.65 29.34
CA LEU D 80 -19.08 14.71 28.83
C LEU D 80 -20.16 14.32 29.86
N PRO D 81 -21.41 14.74 29.59
CA PRO D 81 -22.55 14.51 30.50
C PRO D 81 -22.96 13.04 30.68
N TRP D 82 -22.47 12.15 29.81
CA TRP D 82 -22.71 10.72 29.98
C TRP D 82 -21.97 10.19 31.18
N LEU D 83 -20.84 10.81 31.49
CA LEU D 83 -20.04 10.44 32.65
C LEU D 83 -20.63 10.94 33.97
N GLU D 84 -21.63 11.81 33.88
CA GLU D 84 -22.38 12.26 35.05
C GLU D 84 -23.43 11.21 35.44
N LYS D 85 -24.16 10.72 34.47
CA LYS D 85 -25.12 9.62 34.67
C LYS D 85 -24.42 8.31 34.98
N SER D 86 -23.43 7.95 34.16
CA SER D 86 -22.68 6.71 34.33
C SER D 86 -21.24 7.04 34.71
N SER D 87 -21.04 7.29 36.00
CA SER D 87 -19.73 7.69 36.52
C SER D 87 -18.71 6.54 36.55
N GLY D 88 -19.20 5.31 36.45
CA GLY D 88 -18.34 4.14 36.41
C GLY D 88 -17.52 4.06 35.14
N MET D 89 -17.97 4.77 34.11
CA MET D 89 -17.30 4.81 32.82
C MET D 89 -16.03 5.67 32.84
N ALA D 90 -15.90 6.50 33.86
CA ALA D 90 -14.75 7.40 34.00
C ALA D 90 -13.44 6.68 34.33
N ALA D 91 -13.54 5.42 34.76
CA ALA D 91 -12.36 4.59 35.03
C ALA D 91 -11.63 4.18 33.74
N LEU D 92 -12.34 4.25 32.62
CA LEU D 92 -11.83 3.84 31.32
C LEU D 92 -10.89 4.89 30.71
N LEU D 93 -9.69 4.99 31.28
CA LEU D 93 -8.70 5.97 30.87
C LEU D 93 -7.69 5.40 29.87
N TYR D 94 -7.20 6.25 28.97
CA TYR D 94 -6.07 5.88 28.10
C TYR D 94 -4.92 5.40 28.98
N GLY D 95 -4.31 4.29 28.57
CA GLY D 95 -3.17 3.72 29.32
C GLY D 95 -3.55 2.80 30.46
N SER D 96 -4.85 2.63 30.70
CA SER D 96 -5.31 1.68 31.72
C SER D 96 -5.53 0.32 31.10
N ARG D 97 -5.57 -0.71 31.93
CA ARG D 97 -5.86 -2.07 31.49
C ARG D 97 -7.33 -2.19 31.09
N LEU D 98 -8.19 -1.42 31.77
CA LEU D 98 -9.65 -1.39 31.53
C LEU D 98 -10.02 -1.20 30.05
N VAL D 99 -9.12 -0.56 29.31
CA VAL D 99 -9.38 -0.12 27.94
C VAL D 99 -8.89 -1.12 26.90
N GLU D 100 -7.90 -1.94 27.28
CA GLU D 100 -7.35 -2.96 26.40
C GLU D 100 -8.37 -4.07 26.14
N ILE D 101 -8.40 -4.56 24.90
CA ILE D 101 -9.30 -5.65 24.53
C ILE D 101 -8.89 -6.96 25.20
N ASP D 102 -9.88 -7.67 25.74
CA ASP D 102 -9.68 -8.97 26.40
C ASP D 102 -9.09 -9.98 25.42
N MET D 103 -7.99 -10.62 25.81
CA MET D 103 -7.31 -11.60 24.96
C MET D 103 -8.16 -12.82 24.61
N ALA D 104 -9.14 -13.13 25.45
CA ALA D 104 -10.06 -14.26 25.24
C ALA D 104 -10.82 -14.19 23.90
N THR D 105 -10.94 -12.98 23.36
CA THR D 105 -11.58 -12.77 22.06
C THR D 105 -10.66 -13.19 20.92
N GLY D 106 -9.36 -13.23 21.20
CA GLY D 106 -8.36 -13.64 20.21
C GLY D 106 -8.07 -12.54 19.21
N ILE D 107 -7.76 -11.34 19.71
CA ILE D 107 -7.37 -10.21 18.88
C ILE D 107 -5.97 -10.41 18.33
N GLN D 108 -5.83 -10.28 17.02
CA GLN D 108 -4.53 -10.26 16.37
C GLN D 108 -4.01 -8.82 16.31
N PRO D 109 -2.68 -8.64 16.43
CA PRO D 109 -2.06 -7.31 16.45
C PRO D 109 -2.51 -6.39 15.31
N ASN D 110 -2.84 -6.96 14.15
CA ASN D 110 -3.19 -6.18 12.97
C ASN D 110 -4.68 -5.82 12.89
N ASP D 111 -5.48 -6.34 13.81
CA ASP D 111 -6.91 -6.06 13.85
C ASP D 111 -7.19 -4.62 14.32
N VAL D 112 -8.17 -4.00 13.70
CA VAL D 112 -8.48 -2.58 13.90
C VAL D 112 -9.26 -2.34 15.21
N VAL D 113 -8.78 -1.39 16.00
CA VAL D 113 -9.47 -0.97 17.22
C VAL D 113 -9.96 0.46 17.08
N VAL D 114 -11.27 0.64 17.25
CA VAL D 114 -11.91 1.95 17.18
C VAL D 114 -12.21 2.46 18.59
N VAL D 115 -11.71 3.66 18.90
CA VAL D 115 -11.96 4.28 20.19
C VAL D 115 -13.17 5.22 20.12
N LYS D 116 -14.07 5.09 21.09
CA LYS D 116 -15.31 5.86 21.11
C LYS D 116 -15.56 6.46 22.48
N LYS D 117 -16.39 7.50 22.54
CA LYS D 117 -16.64 8.23 23.78
C LYS D 117 -18.06 8.00 24.29
N GLY D 118 -18.92 7.44 23.43
CA GLY D 118 -20.29 7.12 23.81
C GLY D 118 -20.57 5.62 23.89
N ALA D 119 -21.84 5.27 23.99
CA ALA D 119 -22.27 3.88 23.99
C ALA D 119 -22.24 3.27 22.59
N SER D 120 -22.75 4.02 21.62
CA SER D 120 -22.78 3.56 20.23
C SER D 120 -21.40 3.58 19.59
N SER D 121 -21.08 2.51 18.88
CA SER D 121 -19.80 2.38 18.21
C SER D 121 -19.66 3.32 17.01
N PHE D 122 -20.78 3.91 16.58
CA PHE D 122 -20.82 4.77 15.40
C PHE D 122 -20.71 6.25 15.75
N PHE D 123 -21.25 6.64 16.90
CA PHE D 123 -21.26 8.05 17.28
C PHE D 123 -19.86 8.58 17.55
N GLY D 124 -19.51 9.64 16.81
CA GLY D 124 -18.24 10.33 16.97
C GLY D 124 -17.04 9.44 16.75
N SER D 125 -17.18 8.44 15.88
CA SER D 125 -16.11 7.50 15.57
C SER D 125 -16.00 7.32 14.05
N THR D 126 -14.98 6.58 13.63
CA THR D 126 -14.74 6.37 12.21
C THR D 126 -15.36 5.08 11.65
N LEU D 127 -16.06 4.32 12.50
CA LEU D 127 -16.59 3.01 12.13
C LEU D 127 -17.39 3.01 10.82
N SER D 128 -18.25 4.00 10.63
CA SER D 128 -19.07 4.11 9.43
C SER D 128 -18.22 4.16 8.16
N SER D 129 -17.16 4.98 8.19
CA SER D 129 -16.25 5.15 7.07
C SER D 129 -15.47 3.88 6.75
N LEU D 130 -15.11 3.14 7.79
CA LEU D 130 -14.45 1.85 7.65
C LEU D 130 -15.37 0.83 6.96
N LEU D 131 -16.62 0.83 7.37
CA LEU D 131 -17.62 -0.07 6.82
C LEU D 131 -17.96 0.28 5.37
N ALA D 132 -18.10 1.58 5.08
CA ALA D 132 -18.38 2.03 3.72
C ALA D 132 -17.19 1.85 2.80
N GLY D 133 -16.00 2.15 3.31
CA GLY D 133 -14.77 2.04 2.52
C GLY D 133 -14.39 0.61 2.16
N THR D 134 -14.94 -0.36 2.90
CA THR D 134 -14.74 -1.78 2.63
C THR D 134 -15.93 -2.39 1.89
N ASN D 135 -16.86 -1.54 1.45
CA ASN D 135 -18.04 -1.93 0.68
C ASN D 135 -18.97 -2.92 1.43
N THR D 136 -18.97 -2.81 2.76
CA THR D 136 -19.78 -3.68 3.63
C THR D 136 -21.27 -3.42 3.44
N ASP D 137 -22.06 -4.50 3.39
CA ASP D 137 -23.51 -4.40 3.26
C ASP D 137 -24.25 -5.01 4.45
N THR D 138 -23.58 -5.93 5.14
CA THR D 138 -24.16 -6.61 6.29
C THR D 138 -23.15 -6.61 7.43
N VAL D 139 -23.63 -6.36 8.65
CA VAL D 139 -22.75 -6.37 9.82
C VAL D 139 -23.21 -7.40 10.85
N VAL D 140 -22.24 -8.04 11.49
CA VAL D 140 -22.49 -8.91 12.63
C VAL D 140 -22.03 -8.19 13.89
N VAL D 141 -22.95 -7.95 14.81
CA VAL D 141 -22.66 -7.21 16.03
C VAL D 141 -22.62 -8.15 17.23
N THR D 142 -21.53 -8.07 17.99
CA THR D 142 -21.34 -8.87 19.21
C THR D 142 -20.75 -7.98 20.30
N GLY D 143 -20.76 -8.46 21.54
CA GLY D 143 -20.07 -7.76 22.62
C GLY D 143 -20.88 -7.50 23.89
N ALA D 144 -20.48 -6.43 24.60
CA ALA D 144 -21.12 -6.02 25.85
C ALA D 144 -21.25 -4.50 25.91
N THR D 145 -22.31 -3.99 26.55
CA THR D 145 -23.41 -4.79 27.07
C THR D 145 -24.57 -4.72 26.09
N THR D 146 -25.40 -5.75 26.08
CA THR D 146 -26.49 -5.88 25.11
C THR D 146 -27.58 -4.82 25.29
N SER D 147 -27.80 -4.37 26.53
CA SER D 147 -28.78 -3.32 26.80
C SER D 147 -28.18 -1.92 26.70
N GLY D 148 -26.87 -1.85 26.45
CA GLY D 148 -26.17 -0.59 26.34
C GLY D 148 -25.51 -0.41 24.98
N ALA D 149 -24.22 -0.70 24.92
CA ALA D 149 -23.41 -0.49 23.72
C ALA D 149 -23.80 -1.34 22.52
N VAL D 150 -24.20 -2.59 22.75
CA VAL D 150 -24.59 -3.48 21.66
C VAL D 150 -25.83 -2.96 20.96
N ARG D 151 -26.88 -2.67 21.73
CA ARG D 151 -28.10 -2.11 21.16
C ARG D 151 -27.87 -0.76 20.46
N ALA D 152 -27.12 0.13 21.12
CA ALA D 152 -26.80 1.44 20.56
C ALA D 152 -26.08 1.32 19.22
N THR D 153 -25.16 0.36 19.15
CA THR D 153 -24.44 0.07 17.91
C THR D 153 -25.38 -0.52 16.86
N VAL D 154 -26.26 -1.43 17.29
CA VAL D 154 -27.25 -2.06 16.42
C VAL D 154 -28.19 -1.03 15.78
N VAL D 155 -28.74 -0.14 16.61
CA VAL D 155 -29.62 0.93 16.12
C VAL D 155 -28.87 1.83 15.13
N ASP D 156 -27.64 2.20 15.48
CA ASP D 156 -26.84 3.07 14.63
C ASP D 156 -26.43 2.42 13.32
N ALA D 157 -26.20 1.10 13.37
CA ALA D 157 -25.77 0.35 12.17
C ALA D 157 -26.88 0.32 11.11
N VAL D 158 -28.10 0.00 11.53
CA VAL D 158 -29.23 -0.06 10.61
C VAL D 158 -29.58 1.34 10.06
N GLN D 159 -29.44 2.37 10.90
CA GLN D 159 -29.66 3.76 10.48
C GLN D 159 -28.64 4.22 9.45
N SER D 160 -27.43 3.66 9.53
CA SER D 160 -26.33 4.03 8.64
C SER D 160 -26.41 3.34 7.28
N GLY D 161 -27.33 2.39 7.15
CA GLY D 161 -27.54 1.69 5.88
C GLY D 161 -26.96 0.29 5.81
N PHE D 162 -26.68 -0.30 6.97
CA PHE D 162 -26.14 -1.65 7.03
C PHE D 162 -27.14 -2.62 7.64
N LYS D 163 -27.30 -3.78 7.00
CA LYS D 163 -28.15 -4.85 7.52
C LYS D 163 -27.47 -5.51 8.72
N VAL D 164 -28.24 -5.77 9.77
CA VAL D 164 -27.65 -6.18 11.05
C VAL D 164 -28.05 -7.58 11.50
N LEU D 165 -27.05 -8.36 11.89
CA LEU D 165 -27.26 -9.66 12.53
C LEU D 165 -26.61 -9.65 13.90
N VAL D 166 -27.34 -10.13 14.90
CA VAL D 166 -26.78 -10.24 16.25
C VAL D 166 -27.00 -11.62 16.85
N PRO D 167 -25.89 -12.35 17.08
CA PRO D 167 -25.91 -13.64 17.78
C PRO D 167 -26.14 -13.45 19.28
N ALA D 168 -27.24 -14.00 19.78
CA ALA D 168 -27.67 -13.84 21.18
C ALA D 168 -26.69 -14.43 22.19
N ASP D 169 -26.06 -15.54 21.81
CA ASP D 169 -25.06 -16.19 22.67
C ASP D 169 -23.69 -15.52 22.60
N CYS D 170 -23.63 -14.36 21.92
CA CYS D 170 -22.39 -13.59 21.79
C CYS D 170 -22.46 -12.25 22.52
N CYS D 171 -23.63 -11.93 23.05
CA CYS D 171 -23.85 -10.70 23.81
C CYS D 171 -23.86 -10.97 25.31
N ALA D 172 -23.25 -10.06 26.07
CA ALA D 172 -23.15 -10.18 27.52
C ALA D 172 -23.77 -8.96 28.20
N ASP D 173 -24.33 -9.17 29.39
CA ASP D 173 -24.90 -8.08 30.19
C ASP D 173 -24.75 -8.35 31.69
N ARG D 174 -25.04 -7.34 32.49
CA ARG D 174 -24.95 -7.44 33.94
C ARG D 174 -26.27 -7.90 34.60
N ALA D 175 -27.36 -7.87 33.83
CA ALA D 175 -28.67 -8.33 34.30
C ALA D 175 -29.48 -8.99 33.19
N LYS D 176 -30.18 -10.06 33.52
CA LYS D 176 -30.95 -10.86 32.55
C LYS D 176 -32.14 -10.08 31.96
N GLY D 177 -32.79 -9.28 32.79
CA GLY D 177 -33.97 -8.49 32.40
C GLY D 177 -33.77 -7.56 31.21
N PRO D 178 -32.87 -6.58 31.35
CA PRO D 178 -32.55 -5.68 30.23
C PRO D 178 -31.89 -6.38 29.03
N HIS D 179 -31.15 -7.46 29.28
CA HIS D 179 -30.56 -8.29 28.23
C HIS D 179 -31.59 -8.81 27.26
N GLU D 180 -32.66 -9.42 27.79
CA GLU D 180 -33.71 -10.00 26.96
C GLU D 180 -34.65 -8.94 26.40
N ALA D 181 -34.78 -7.82 27.12
CA ALA D 181 -35.60 -6.69 26.67
C ALA D 181 -35.04 -6.04 25.41
N SER D 182 -33.72 -5.90 25.35
CA SER D 182 -33.02 -5.36 24.18
C SER D 182 -33.08 -6.32 22.99
N LEU D 183 -32.87 -7.60 23.26
CA LEU D 183 -32.92 -8.63 22.21
C LEU D 183 -34.30 -8.72 21.59
N TYR D 184 -35.34 -8.47 22.40
CA TYR D 184 -36.70 -8.39 21.89
C TYR D 184 -36.90 -7.19 20.96
N ASP D 185 -36.39 -6.03 21.38
CA ASP D 185 -36.51 -4.79 20.61
C ASP D 185 -35.72 -4.84 19.31
N ILE D 186 -34.52 -5.42 19.36
CA ILE D 186 -33.69 -5.58 18.17
C ILE D 186 -34.39 -6.48 17.14
N GLN D 187 -34.77 -7.68 17.59
CA GLN D 187 -35.47 -8.65 16.74
C GLN D 187 -36.72 -8.07 16.10
N GLN D 188 -37.37 -7.16 16.80
CA GLN D 188 -38.60 -6.56 16.32
C GLN D 188 -38.35 -5.37 15.38
N LYS D 189 -37.32 -4.58 15.67
CA LYS D 189 -37.15 -3.27 15.03
C LYS D 189 -35.89 -3.05 14.18
N TYR D 190 -34.77 -3.65 14.58
CA TYR D 190 -33.47 -3.23 14.04
C TYR D 190 -32.65 -4.30 13.29
N GLY D 191 -32.78 -5.56 13.67
CA GLY D 191 -32.03 -6.64 13.02
C GLY D 191 -32.44 -8.03 13.50
N ASP D 192 -31.87 -9.06 12.87
CA ASP D 192 -32.21 -10.44 13.23
C ASP D 192 -31.35 -10.99 14.35
N VAL D 193 -32.00 -11.36 15.45
CA VAL D 193 -31.33 -12.03 16.56
C VAL D 193 -31.28 -13.53 16.28
N THR D 194 -30.06 -14.08 16.27
CA THR D 194 -29.86 -15.51 16.00
C THR D 194 -28.82 -16.09 16.98
N ASP D 195 -28.11 -17.15 16.53
CA ASP D 195 -27.03 -17.75 17.31
C ASP D 195 -25.76 -17.87 16.48
N SER D 196 -24.64 -18.14 17.16
CA SER D 196 -23.31 -18.21 16.52
C SER D 196 -23.17 -19.31 15.48
N ASP D 197 -23.83 -20.46 15.71
CA ASP D 197 -23.83 -21.57 14.75
C ASP D 197 -24.39 -21.14 13.40
N ASP D 198 -25.42 -20.29 13.42
CA ASP D 198 -26.05 -19.79 12.21
C ASP D 198 -25.14 -18.86 11.41
N ILE D 199 -24.46 -17.94 12.09
CA ILE D 199 -23.58 -16.97 11.41
C ILE D 199 -22.28 -17.62 10.92
N LEU D 200 -21.84 -18.66 11.62
CA LEU D 200 -20.72 -19.50 11.18
C LEU D 200 -21.04 -20.20 9.86
N LYS D 201 -22.22 -20.83 9.81
CA LYS D 201 -22.69 -21.53 8.61
C LYS D 201 -22.91 -20.54 7.46
N TRP D 202 -23.39 -19.34 7.79
CA TRP D 202 -23.66 -18.32 6.79
C TRP D 202 -22.41 -17.72 6.21
N LEU D 203 -21.41 -17.45 7.04
CA LEU D 203 -20.14 -16.88 6.56
C LEU D 203 -19.40 -17.77 5.56
N ARG D 204 -19.51 -19.09 5.76
CA ARG D 204 -18.92 -20.07 4.85
C ARG D 204 -19.58 -20.05 3.47
N SER D 205 -20.91 -19.96 3.47
CA SER D 205 -21.69 -19.95 2.23
C SER D 205 -21.50 -18.67 1.42
N VAL D 206 -21.20 -17.55 2.09
CA VAL D 206 -20.93 -16.29 1.40
C VAL D 206 -19.61 -16.35 0.66
N ALA D 207 -18.62 -16.98 1.29
CA ALA D 207 -17.27 -17.10 0.72
C ALA D 207 -17.19 -18.12 -0.41
N GLY D 208 -18.04 -19.15 -0.35
CA GLY D 208 -18.00 -20.25 -1.29
C GLY D 208 -17.10 -21.39 -0.72
N GLN E 3 29.41 -14.59 15.82
CA GLN E 3 28.76 -15.78 15.21
C GLN E 3 29.35 -17.08 15.76
N LYS E 4 30.67 -17.08 15.97
CA LYS E 4 31.38 -18.24 16.49
C LYS E 4 30.89 -18.61 17.89
N GLU E 5 30.68 -17.59 18.74
CA GLU E 5 30.18 -17.79 20.10
C GLU E 5 28.76 -18.35 20.12
N VAL E 6 27.93 -17.86 19.20
CA VAL E 6 26.54 -18.32 19.06
C VAL E 6 26.50 -19.80 18.71
N TYR E 7 27.38 -20.22 17.79
CA TYR E 7 27.48 -21.60 17.36
C TYR E 7 28.14 -22.50 18.40
N ASP E 8 29.03 -21.93 19.22
CA ASP E 8 29.67 -22.68 20.30
C ASP E 8 28.73 -22.92 21.48
N ALA E 9 27.89 -21.93 21.80
CA ALA E 9 26.93 -22.04 22.90
C ALA E 9 25.82 -23.03 22.54
N ALA E 10 25.45 -23.04 21.27
CA ALA E 10 24.45 -23.96 20.75
C ALA E 10 24.94 -25.42 20.72
N GLY E 11 26.23 -25.62 20.97
CA GLY E 11 26.81 -26.96 21.11
C GLY E 11 27.36 -27.56 19.83
N PHE E 12 27.66 -26.70 18.85
CA PHE E 12 28.19 -27.13 17.55
C PHE E 12 29.72 -27.12 17.53
N GLY E 13 30.30 -27.74 16.50
CA GLY E 13 31.74 -27.66 16.23
C GLY E 13 32.63 -28.73 16.81
N ASN E 14 32.05 -29.69 17.52
CA ASN E 14 32.82 -30.74 18.20
C ASN E 14 33.49 -31.71 17.23
N PRO E 15 34.66 -32.26 17.61
CA PRO E 15 35.29 -33.26 16.73
C PRO E 15 34.57 -34.60 16.81
N VAL E 16 34.58 -35.32 15.69
CA VAL E 16 34.06 -36.69 15.67
C VAL E 16 35.19 -37.66 16.00
N SER E 17 34.94 -38.53 16.99
CA SER E 17 35.86 -39.62 17.28
C SER E 17 35.66 -40.70 16.22
N ARG E 18 36.71 -40.91 15.42
CA ARG E 18 36.65 -41.82 14.28
C ARG E 18 36.63 -43.28 14.73
N GLY E 19 35.88 -44.09 13.99
CA GLY E 19 35.76 -45.52 14.28
C GLY E 19 36.84 -46.34 13.62
N VAL E 20 36.58 -47.64 13.47
CA VAL E 20 37.58 -48.58 12.96
C VAL E 20 37.15 -49.36 11.69
N HIS E 21 35.91 -49.12 11.25
CA HIS E 21 35.39 -49.75 10.03
C HIS E 21 35.03 -48.72 8.98
N PRO E 22 36.03 -48.23 8.23
CA PRO E 22 35.78 -47.15 7.28
C PRO E 22 35.12 -47.61 5.98
N ALA E 23 34.49 -46.66 5.29
CA ALA E 23 33.96 -46.85 3.95
C ALA E 23 34.07 -45.55 3.18
N ILE E 24 34.33 -45.64 1.87
CA ILE E 24 34.43 -44.46 1.03
C ILE E 24 33.19 -44.32 0.16
N ILE E 25 32.57 -43.15 0.21
CA ILE E 25 31.45 -42.84 -0.68
C ILE E 25 31.85 -41.73 -1.63
N VAL E 26 31.83 -42.05 -2.92
CA VAL E 26 32.15 -41.08 -3.97
C VAL E 26 30.84 -40.67 -4.63
N VAL E 27 30.45 -39.43 -4.41
CA VAL E 27 29.16 -38.94 -4.93
C VAL E 27 29.27 -38.17 -6.25
N ASP E 28 28.55 -38.69 -7.25
CA ASP E 28 28.38 -38.05 -8.55
C ASP E 28 29.65 -37.53 -9.22
N PHE E 29 30.71 -38.34 -9.21
CA PHE E 29 31.87 -38.08 -10.05
C PHE E 29 31.68 -38.75 -11.41
N SER E 30 30.50 -38.54 -12.00
CA SER E 30 30.20 -39.01 -13.34
C SER E 30 30.54 -37.90 -14.35
N TYR E 31 30.58 -38.24 -15.63
CA TYR E 31 30.97 -37.29 -16.68
C TYR E 31 30.05 -36.07 -16.74
N GLY E 32 28.79 -36.25 -16.35
CA GLY E 32 27.81 -35.17 -16.31
C GLY E 32 28.17 -34.03 -15.37
N PHE E 33 28.98 -34.32 -14.37
CA PHE E 33 29.39 -33.32 -13.38
C PHE E 33 30.90 -32.99 -13.44
N THR E 34 31.65 -33.76 -14.23
CA THR E 34 33.10 -33.59 -14.31
C THR E 34 33.63 -33.11 -15.66
N ASP E 35 32.96 -33.50 -16.75
CA ASP E 35 33.38 -33.13 -18.11
C ASP E 35 32.80 -31.79 -18.51
N LEU E 36 33.68 -30.79 -18.69
CA LEU E 36 33.26 -29.39 -18.89
C LEU E 36 32.57 -29.07 -20.22
N GLN E 37 32.46 -30.07 -21.10
CA GLN E 37 31.67 -29.92 -22.33
C GLN E 37 30.17 -29.80 -22.00
N TYR E 38 29.80 -30.26 -20.80
CA TYR E 38 28.41 -30.21 -20.33
C TYR E 38 28.19 -29.03 -19.38
N PRO E 39 27.02 -28.36 -19.51
CA PRO E 39 26.70 -27.17 -18.69
C PRO E 39 26.49 -27.48 -17.20
N THR E 40 26.12 -28.73 -16.87
CA THR E 40 25.91 -29.17 -15.49
C THR E 40 27.21 -29.44 -14.73
N ALA E 41 28.32 -29.49 -15.46
CA ALA E 41 29.62 -29.88 -14.90
C ALA E 41 30.40 -28.73 -14.31
N SER E 42 31.53 -29.07 -13.67
CA SER E 42 32.45 -28.12 -13.04
C SER E 42 33.82 -28.77 -12.94
N ASP E 43 34.88 -27.96 -12.89
CA ASP E 43 36.25 -28.47 -12.86
C ASP E 43 36.50 -29.37 -11.65
N ALA E 44 36.81 -30.63 -11.92
CA ALA E 44 37.02 -31.63 -10.88
C ALA E 44 38.30 -32.44 -11.08
N SER E 45 39.23 -31.88 -11.85
CA SER E 45 40.49 -32.56 -12.20
C SER E 45 41.33 -32.96 -10.98
N LEU E 46 41.64 -31.98 -10.13
CA LEU E 46 42.47 -32.21 -8.94
C LEU E 46 41.79 -33.12 -7.92
N GLN E 47 40.51 -32.86 -7.68
CA GLN E 47 39.73 -33.61 -6.69
C GLN E 47 39.51 -35.08 -7.07
N MET E 48 39.47 -35.36 -8.38
CA MET E 48 39.36 -36.75 -8.86
C MET E 48 40.63 -37.55 -8.63
N SER E 49 41.79 -36.94 -8.89
CA SER E 49 43.08 -37.61 -8.70
C SER E 49 43.43 -37.82 -7.23
N ARG E 50 42.80 -37.03 -6.35
CA ARG E 50 42.97 -37.20 -4.91
C ARG E 50 41.98 -38.22 -4.35
N THR E 51 40.81 -38.31 -4.97
CA THR E 51 39.82 -39.35 -4.65
C THR E 51 40.33 -40.72 -5.13
N LYS E 52 41.05 -40.71 -6.25
CA LYS E 52 41.71 -41.90 -6.77
C LYS E 52 42.70 -42.46 -5.74
N GLU E 53 43.51 -41.57 -5.16
CA GLU E 53 44.45 -41.93 -4.10
C GLU E 53 43.75 -42.61 -2.91
N ILE E 54 42.65 -42.01 -2.45
CA ILE E 54 41.87 -42.55 -1.33
C ILE E 54 41.26 -43.92 -1.66
N CYS E 55 40.65 -44.02 -2.83
CA CYS E 55 39.96 -45.24 -3.25
C CYS E 55 40.89 -46.43 -3.45
N ASP E 56 42.08 -46.15 -3.98
CA ASP E 56 43.10 -47.17 -4.19
C ASP E 56 43.55 -47.79 -2.87
N LEU E 57 43.83 -46.94 -1.88
CA LEU E 57 44.24 -47.38 -0.55
C LEU E 57 43.16 -48.22 0.13
N ALA E 58 41.93 -47.73 0.11
CA ALA E 58 40.82 -48.40 0.76
C ALA E 58 40.52 -49.76 0.12
N ARG E 59 40.51 -49.80 -1.20
CA ARG E 59 40.30 -51.04 -1.96
C ARG E 59 41.36 -52.08 -1.62
N ALA E 60 42.61 -51.64 -1.54
CA ALA E 60 43.75 -52.48 -1.16
C ALA E 60 43.61 -53.04 0.26
N LEU E 61 43.10 -52.20 1.17
CA LEU E 61 42.89 -52.59 2.55
C LEU E 61 41.56 -53.33 2.73
N GLU E 62 40.85 -53.51 1.61
CA GLU E 62 39.56 -54.20 1.56
C GLU E 62 38.45 -53.53 2.39
N PHE E 63 38.41 -52.20 2.31
CA PHE E 63 37.31 -51.40 2.85
C PHE E 63 36.34 -51.08 1.71
N PRO E 64 35.03 -51.09 1.99
CA PRO E 64 34.03 -50.84 0.94
C PRO E 64 34.24 -49.50 0.24
N VAL E 65 34.27 -49.53 -1.10
CA VAL E 65 34.34 -48.31 -1.91
C VAL E 65 33.10 -48.24 -2.77
N ILE E 66 32.32 -47.17 -2.60
CA ILE E 66 31.01 -47.05 -3.24
C ILE E 66 30.87 -45.75 -4.03
N PHE E 67 30.57 -45.89 -5.32
CA PHE E 67 30.33 -44.76 -6.21
C PHE E 67 28.83 -44.57 -6.41
N THR E 68 28.38 -43.32 -6.36
CA THR E 68 26.97 -43.00 -6.59
C THR E 68 26.79 -42.11 -7.82
N THR E 69 25.78 -42.41 -8.62
CA THR E 69 25.47 -41.63 -9.81
C THR E 69 23.96 -41.39 -9.97
N ILE E 70 23.60 -40.31 -10.66
CA ILE E 70 22.21 -40.00 -10.97
C ILE E 70 21.86 -40.39 -12.41
N ALA E 71 20.85 -41.23 -12.57
CA ALA E 71 20.38 -41.68 -13.88
C ALA E 71 18.86 -41.81 -13.91
N TYR E 72 18.26 -41.41 -15.03
CA TYR E 72 16.81 -41.45 -15.17
C TYR E 72 16.34 -42.21 -16.41
N HIS E 73 15.26 -42.97 -16.23
CA HIS E 73 14.45 -43.46 -17.33
C HIS E 73 13.73 -42.28 -17.91
N PRO E 74 13.51 -42.25 -19.25
CA PRO E 74 12.78 -41.14 -19.86
C PRO E 74 11.38 -40.95 -19.27
N GLY E 75 10.78 -42.05 -18.80
CA GLY E 75 9.46 -42.01 -18.17
C GLY E 75 9.42 -41.38 -16.79
N GLU E 76 10.56 -41.39 -16.09
CA GLU E 76 10.67 -40.85 -14.73
C GLU E 76 10.65 -39.32 -14.69
N ILE E 77 11.09 -38.68 -15.77
CA ILE E 77 11.24 -37.22 -15.85
C ILE E 77 9.99 -36.42 -15.43
N PRO E 78 8.80 -36.71 -16.01
CA PRO E 78 7.62 -35.97 -15.59
C PRO E 78 7.09 -36.35 -14.21
N MET E 79 7.55 -37.49 -13.68
CA MET E 79 7.09 -38.01 -12.40
C MET E 79 7.83 -37.41 -11.19
N LEU E 80 8.86 -36.60 -11.45
CA LEU E 80 9.72 -36.09 -10.37
C LEU E 80 9.82 -34.56 -10.32
N PRO E 81 9.27 -33.95 -9.25
CA PRO E 81 9.20 -32.49 -9.09
C PRO E 81 10.56 -31.79 -9.02
N TRP E 82 11.62 -32.55 -8.74
CA TRP E 82 12.98 -32.01 -8.68
C TRP E 82 13.49 -31.63 -10.04
N LEU E 83 13.09 -32.41 -11.04
CA LEU E 83 13.46 -32.18 -12.43
C LEU E 83 12.80 -30.94 -13.02
N GLU E 84 11.68 -30.52 -12.43
CA GLU E 84 11.03 -29.26 -12.79
C GLU E 84 11.86 -28.08 -12.29
N LYS E 85 12.47 -28.24 -11.11
CA LYS E 85 13.27 -27.19 -10.48
C LYS E 85 14.67 -27.14 -11.11
N SER E 86 15.35 -28.28 -11.12
CA SER E 86 16.65 -28.43 -11.76
C SER E 86 16.48 -29.18 -13.07
N SER E 87 16.09 -28.44 -14.11
CA SER E 87 15.76 -29.01 -15.43
C SER E 87 16.95 -29.67 -16.12
N GLY E 88 18.15 -29.20 -15.82
CA GLY E 88 19.37 -29.72 -16.41
C GLY E 88 19.69 -31.16 -16.04
N MET E 89 19.12 -31.61 -14.92
CA MET E 89 19.34 -32.97 -14.42
C MET E 89 18.61 -34.02 -15.27
N ALA E 90 17.70 -33.56 -16.13
CA ALA E 90 16.94 -34.43 -17.02
C ALA E 90 17.80 -35.00 -18.15
N ALA E 91 18.98 -34.42 -18.36
CA ALA E 91 19.93 -34.91 -19.36
C ALA E 91 20.64 -36.19 -18.91
N LEU E 92 20.60 -36.45 -17.61
CA LEU E 92 21.27 -37.61 -17.01
C LEU E 92 20.43 -38.87 -17.23
N LEU E 93 20.44 -39.36 -18.47
CA LEU E 93 19.63 -40.52 -18.87
C LEU E 93 20.46 -41.81 -18.91
N TYR E 94 19.79 -42.93 -18.67
CA TYR E 94 20.41 -44.26 -18.84
C TYR E 94 20.97 -44.41 -20.25
N GLY E 95 22.18 -44.97 -20.34
CA GLY E 95 22.81 -45.25 -21.62
C GLY E 95 23.62 -44.11 -22.20
N SER E 96 23.54 -42.94 -21.57
CA SER E 96 24.30 -41.78 -22.01
C SER E 96 25.68 -41.74 -21.36
N ARG E 97 26.55 -40.89 -21.89
CA ARG E 97 27.91 -40.75 -21.37
C ARG E 97 27.95 -39.98 -20.05
N LEU E 98 26.90 -39.20 -19.77
CA LEU E 98 26.85 -38.34 -18.57
C LEU E 98 26.69 -39.14 -17.29
N VAL E 99 26.11 -40.33 -17.40
CA VAL E 99 25.81 -41.18 -16.24
C VAL E 99 26.96 -42.14 -15.91
N GLU E 100 27.92 -42.26 -16.82
CA GLU E 100 29.08 -43.13 -16.59
C GLU E 100 30.06 -42.47 -15.63
N ILE E 101 30.62 -43.26 -14.70
CA ILE E 101 31.59 -42.73 -13.75
C ILE E 101 32.88 -42.34 -14.48
N ASP E 102 33.37 -41.13 -14.21
CA ASP E 102 34.60 -40.64 -14.82
C ASP E 102 35.77 -41.55 -14.52
N MET E 103 36.48 -41.97 -15.58
CA MET E 103 37.56 -42.94 -15.46
C MET E 103 38.80 -42.41 -14.70
N ALA E 104 38.86 -41.09 -14.52
CA ALA E 104 39.95 -40.45 -13.76
C ALA E 104 39.93 -40.79 -12.27
N THR E 105 38.83 -41.37 -11.80
CA THR E 105 38.69 -41.80 -10.41
C THR E 105 39.32 -43.18 -10.18
N GLY E 106 39.52 -43.91 -11.27
CA GLY E 106 40.10 -45.24 -11.20
C GLY E 106 39.15 -46.30 -10.68
N ILE E 107 37.90 -46.25 -11.13
CA ILE E 107 36.88 -47.24 -10.75
C ILE E 107 37.32 -48.63 -11.21
N GLN E 108 37.22 -49.60 -10.31
CA GLN E 108 37.54 -50.98 -10.64
C GLN E 108 36.23 -51.76 -10.74
N PRO E 109 36.17 -52.76 -11.63
CA PRO E 109 34.91 -53.51 -11.86
C PRO E 109 34.23 -54.09 -10.62
N ASN E 110 34.95 -54.16 -9.50
CA ASN E 110 34.39 -54.70 -8.26
C ASN E 110 33.82 -53.62 -7.32
N ASP E 111 34.13 -52.35 -7.61
CA ASP E 111 33.53 -51.22 -6.89
C ASP E 111 32.02 -51.16 -7.16
N VAL E 112 31.24 -50.92 -6.11
CA VAL E 112 29.78 -50.86 -6.21
C VAL E 112 29.32 -49.50 -6.74
N VAL E 113 28.42 -49.53 -7.73
CA VAL E 113 27.78 -48.33 -8.26
C VAL E 113 26.31 -48.31 -7.87
N VAL E 114 25.92 -47.30 -7.10
CA VAL E 114 24.53 -47.12 -6.69
C VAL E 114 23.86 -45.98 -7.47
N VAL E 115 22.79 -46.34 -8.17
CA VAL E 115 22.03 -45.38 -8.96
C VAL E 115 20.96 -44.73 -8.06
N LYS E 116 20.86 -43.41 -8.15
CA LYS E 116 19.91 -42.64 -7.34
C LYS E 116 19.16 -41.64 -8.22
N LYS E 117 18.05 -41.13 -7.70
CA LYS E 117 17.19 -40.22 -8.46
C LYS E 117 17.12 -38.81 -7.85
N GLY E 118 17.80 -38.62 -6.72
CA GLY E 118 17.83 -37.33 -6.03
C GLY E 118 19.23 -36.82 -5.74
N ALA E 119 19.31 -35.80 -4.89
CA ALA E 119 20.58 -35.23 -4.47
C ALA E 119 21.32 -36.16 -3.51
N SER E 120 20.63 -36.60 -2.44
CA SER E 120 21.23 -37.47 -1.44
C SER E 120 21.49 -38.87 -1.98
N SER E 121 22.64 -39.43 -1.60
CA SER E 121 23.01 -40.78 -2.01
C SER E 121 22.27 -41.85 -1.21
N PHE E 122 21.62 -41.43 -0.12
CA PHE E 122 20.92 -42.35 0.78
C PHE E 122 19.44 -42.46 0.45
N PHE E 123 18.85 -41.36 -0.03
CA PHE E 123 17.41 -41.34 -0.29
C PHE E 123 17.02 -42.23 -1.48
N GLY E 124 16.08 -43.13 -1.23
CA GLY E 124 15.58 -44.04 -2.26
C GLY E 124 16.65 -44.90 -2.89
N SER E 125 17.66 -45.26 -2.11
CA SER E 125 18.76 -46.11 -2.57
C SER E 125 19.12 -47.14 -1.52
N THR E 126 19.98 -48.08 -1.88
CA THR E 126 20.39 -49.16 -0.99
C THR E 126 21.64 -48.85 -0.19
N LEU E 127 22.14 -47.60 -0.29
CA LEU E 127 23.40 -47.21 0.33
C LEU E 127 23.49 -47.55 1.82
N SER E 128 22.43 -47.26 2.57
CA SER E 128 22.38 -47.53 4.00
C SER E 128 22.50 -49.03 4.32
N SER E 129 21.87 -49.85 3.49
CA SER E 129 21.88 -51.30 3.67
C SER E 129 23.27 -51.88 3.43
N LEU E 130 23.96 -51.35 2.42
CA LEU E 130 25.32 -51.73 2.10
C LEU E 130 26.26 -51.37 3.25
N LEU E 131 26.18 -50.13 3.71
CA LEU E 131 26.99 -49.66 4.82
C LEU E 131 26.78 -50.48 6.10
N ALA E 132 25.53 -50.64 6.51
CA ALA E 132 25.20 -51.41 7.71
C ALA E 132 25.55 -52.88 7.56
N GLY E 133 25.42 -53.40 6.34
CA GLY E 133 25.69 -54.81 6.03
C GLY E 133 27.16 -55.17 6.09
N THR E 134 28.03 -54.17 5.92
CA THR E 134 29.48 -54.35 6.03
C THR E 134 30.00 -53.87 7.38
N ASN E 135 29.08 -53.66 8.33
CA ASN E 135 29.38 -53.20 9.69
C ASN E 135 30.16 -51.87 9.77
N THR E 136 29.93 -50.99 8.79
CA THR E 136 30.58 -49.68 8.70
C THR E 136 30.19 -48.77 9.87
N ASP E 137 31.14 -48.00 10.37
CA ASP E 137 30.87 -47.01 11.41
C ASP E 137 31.27 -45.58 11.04
N THR E 138 32.19 -45.44 10.08
CA THR E 138 32.68 -44.14 9.64
C THR E 138 32.74 -44.08 8.12
N VAL E 139 32.20 -43.02 7.54
CA VAL E 139 32.25 -42.83 6.10
C VAL E 139 33.05 -41.60 5.73
N VAL E 140 33.87 -41.73 4.67
CA VAL E 140 34.49 -40.56 4.07
C VAL E 140 33.74 -40.22 2.79
N VAL E 141 33.15 -39.02 2.77
CA VAL E 141 32.30 -38.59 1.67
C VAL E 141 33.09 -37.63 0.79
N THR E 142 33.07 -37.91 -0.51
CA THR E 142 33.79 -37.13 -1.52
C THR E 142 32.89 -36.94 -2.72
N GLY E 143 33.19 -35.95 -3.57
CA GLY E 143 32.54 -35.84 -4.86
C GLY E 143 32.07 -34.46 -5.26
N ALA E 144 30.96 -34.41 -5.99
CA ALA E 144 30.37 -33.17 -6.47
C ALA E 144 28.84 -33.29 -6.50
N THR E 145 28.13 -32.20 -6.26
CA THR E 145 28.70 -30.89 -5.90
C THR E 145 28.66 -30.69 -4.39
N THR E 146 29.59 -29.89 -3.89
CA THR E 146 29.72 -29.64 -2.46
C THR E 146 28.41 -29.21 -1.81
N SER E 147 27.77 -28.19 -2.41
CA SER E 147 26.53 -27.62 -1.88
C SER E 147 25.27 -28.35 -2.34
N GLY E 148 25.45 -29.36 -3.21
CA GLY E 148 24.35 -30.15 -3.71
C GLY E 148 24.30 -31.54 -3.11
N ALA E 149 24.73 -32.53 -3.88
CA ALA E 149 24.63 -33.93 -3.49
C ALA E 149 25.59 -34.32 -2.36
N VAL E 150 26.73 -33.65 -2.27
CA VAL E 150 27.69 -33.93 -1.19
C VAL E 150 27.07 -33.57 0.16
N ARG E 151 26.63 -32.32 0.31
CA ARG E 151 25.99 -31.85 1.54
C ARG E 151 24.81 -32.75 1.94
N ALA E 152 23.93 -33.03 0.99
CA ALA E 152 22.75 -33.86 1.22
C ALA E 152 23.12 -35.27 1.67
N THR E 153 24.20 -35.81 1.11
CA THR E 153 24.69 -37.15 1.45
C THR E 153 25.31 -37.14 2.86
N VAL E 154 26.06 -36.08 3.15
CA VAL E 154 26.68 -35.90 4.47
C VAL E 154 25.61 -35.88 5.56
N VAL E 155 24.60 -35.03 5.39
CA VAL E 155 23.49 -34.92 6.35
C VAL E 155 22.80 -36.26 6.56
N ASP E 156 22.48 -36.94 5.46
CA ASP E 156 21.84 -38.24 5.51
C ASP E 156 22.70 -39.30 6.20
N ALA E 157 24.01 -39.23 5.96
CA ALA E 157 24.97 -40.17 6.56
C ALA E 157 24.96 -40.12 8.09
N VAL E 158 24.98 -38.91 8.65
CA VAL E 158 24.94 -38.74 10.11
C VAL E 158 23.61 -39.20 10.67
N GLN E 159 22.53 -38.80 9.99
CA GLN E 159 21.17 -39.19 10.37
C GLN E 159 20.99 -40.70 10.36
N SER E 160 21.70 -41.37 9.46
CA SER E 160 21.59 -42.81 9.29
C SER E 160 22.43 -43.59 10.30
N GLY E 161 23.23 -42.87 11.07
CA GLY E 161 24.00 -43.47 12.17
C GLY E 161 25.48 -43.67 11.88
N PHE E 162 25.99 -42.94 10.90
CA PHE E 162 27.40 -43.05 10.53
C PHE E 162 28.15 -41.76 10.78
N LYS E 163 29.33 -41.88 11.37
CA LYS E 163 30.21 -40.74 11.58
C LYS E 163 30.78 -40.32 10.22
N VAL E 164 30.98 -39.02 10.03
CA VAL E 164 31.25 -38.48 8.70
C VAL E 164 32.55 -37.67 8.63
N LEU E 165 33.35 -37.97 7.60
CA LEU E 165 34.58 -37.24 7.32
C LEU E 165 34.56 -36.78 5.87
N VAL E 166 34.65 -35.48 5.66
CA VAL E 166 34.69 -34.93 4.29
C VAL E 166 35.99 -34.16 4.04
N PRO E 167 36.85 -34.71 3.18
CA PRO E 167 38.07 -34.01 2.76
C PRO E 167 37.76 -32.93 1.73
N ALA E 168 38.07 -31.68 2.08
CA ALA E 168 37.82 -30.53 1.19
C ALA E 168 38.55 -30.68 -0.15
N ASP E 169 39.63 -31.45 -0.13
CA ASP E 169 40.42 -31.77 -1.32
C ASP E 169 39.61 -32.44 -2.43
N CYS E 170 38.67 -33.29 -2.03
CA CYS E 170 37.93 -34.15 -2.96
C CYS E 170 36.52 -33.65 -3.23
N CYS E 171 36.27 -32.37 -2.94
CA CYS E 171 34.96 -31.78 -3.16
C CYS E 171 35.02 -30.68 -4.22
N ALA E 172 34.27 -30.87 -5.29
CA ALA E 172 34.17 -29.89 -6.37
C ALA E 172 32.77 -29.28 -6.43
N ASP E 173 32.71 -27.98 -6.73
CA ASP E 173 31.45 -27.27 -6.89
C ASP E 173 31.56 -26.27 -8.04
N ARG E 174 30.42 -25.79 -8.53
CA ARG E 174 30.40 -24.86 -9.66
C ARG E 174 30.65 -23.40 -9.28
N ALA E 175 30.55 -23.09 -7.99
CA ALA E 175 30.80 -21.75 -7.47
C ALA E 175 31.42 -21.80 -6.09
N LYS E 176 32.33 -20.86 -5.81
CA LYS E 176 33.08 -20.81 -4.55
C LYS E 176 32.20 -20.52 -3.33
N GLY E 177 31.29 -19.56 -3.47
CA GLY E 177 30.36 -19.18 -2.41
C GLY E 177 29.60 -20.35 -1.78
N PRO E 178 28.70 -21.00 -2.56
CA PRO E 178 27.97 -22.18 -2.09
C PRO E 178 28.90 -23.29 -1.56
N HIS E 179 30.09 -23.40 -2.16
CA HIS E 179 31.08 -24.40 -1.77
C HIS E 179 31.55 -24.22 -0.35
N GLU E 180 31.94 -22.99 -0.01
CA GLU E 180 32.43 -22.67 1.33
C GLU E 180 31.32 -22.72 2.37
N ALA E 181 30.12 -22.29 1.96
CA ALA E 181 28.94 -22.25 2.83
C ALA E 181 28.49 -23.64 3.31
N SER E 182 28.58 -24.63 2.43
CA SER E 182 28.26 -26.01 2.79
C SER E 182 29.36 -26.65 3.65
N LEU E 183 30.62 -26.34 3.34
CA LEU E 183 31.75 -26.81 4.15
C LEU E 183 31.73 -26.21 5.56
N TYR E 184 31.17 -25.00 5.68
CA TYR E 184 31.00 -24.38 6.98
C TYR E 184 29.95 -25.13 7.80
N ASP E 185 28.78 -25.33 7.21
CA ASP E 185 27.66 -26.02 7.87
C ASP E 185 28.02 -27.44 8.29
N ILE E 186 28.76 -28.15 7.43
CA ILE E 186 29.17 -29.53 7.72
C ILE E 186 30.08 -29.58 8.95
N GLN E 187 31.09 -28.72 8.98
CA GLN E 187 32.05 -28.66 10.09
C GLN E 187 31.37 -28.33 11.42
N GLN E 188 30.33 -27.50 11.38
CA GLN E 188 29.60 -27.11 12.58
C GLN E 188 28.55 -28.14 13.02
N LYS E 189 27.89 -28.78 12.05
CA LYS E 189 26.69 -29.57 12.36
C LYS E 189 26.77 -31.08 12.08
N TYR E 190 27.52 -31.48 11.06
CA TYR E 190 27.35 -32.84 10.52
C TYR E 190 28.59 -33.75 10.52
N GLY E 191 29.76 -33.19 10.22
CA GLY E 191 30.98 -33.99 10.15
C GLY E 191 32.26 -33.19 10.20
N ASP E 192 33.40 -33.89 10.19
CA ASP E 192 34.71 -33.24 10.21
C ASP E 192 35.22 -32.97 8.81
N VAL E 193 35.47 -31.69 8.52
CA VAL E 193 36.08 -31.28 7.27
C VAL E 193 37.60 -31.32 7.41
N THR E 194 38.24 -32.12 6.57
CA THR E 194 39.68 -32.35 6.65
C THR E 194 40.31 -32.25 5.26
N ASP E 195 41.50 -32.81 5.08
CA ASP E 195 42.12 -32.94 3.75
C ASP E 195 42.44 -34.39 3.39
N SER E 196 42.73 -34.63 2.12
CA SER E 196 43.04 -35.99 1.63
C SER E 196 44.28 -36.60 2.28
N ASP E 197 45.25 -35.76 2.64
CA ASP E 197 46.45 -36.22 3.33
C ASP E 197 46.15 -36.85 4.69
N ASP E 198 45.14 -36.32 5.37
CA ASP E 198 44.74 -36.80 6.69
C ASP E 198 44.01 -38.14 6.63
N ILE E 199 43.09 -38.28 5.68
CA ILE E 199 42.34 -39.54 5.54
C ILE E 199 43.23 -40.70 5.11
N LEU E 200 44.19 -40.43 4.22
CA LEU E 200 45.17 -41.45 3.79
C LEU E 200 46.00 -41.95 4.97
N LYS E 201 46.51 -41.02 5.77
CA LYS E 201 47.23 -41.36 6.99
C LYS E 201 46.32 -42.13 7.96
N TRP E 202 45.08 -41.67 8.10
CA TRP E 202 44.14 -42.29 9.02
C TRP E 202 43.78 -43.70 8.64
N LEU E 203 43.57 -43.94 7.34
CA LEU E 203 43.20 -45.27 6.84
C LEU E 203 44.25 -46.34 7.15
N ARG E 204 45.53 -45.98 6.99
CA ARG E 204 46.64 -46.89 7.25
C ARG E 204 46.73 -47.28 8.73
N SER E 205 46.47 -46.31 9.60
CA SER E 205 46.54 -46.55 11.04
C SER E 205 45.43 -47.47 11.56
N VAL E 206 44.25 -47.41 10.94
CA VAL E 206 43.15 -48.33 11.31
C VAL E 206 43.45 -49.76 10.87
N ALA E 207 44.15 -49.92 9.75
CA ALA E 207 44.53 -51.24 9.23
C ALA E 207 45.67 -51.88 10.04
N GLY E 208 46.41 -51.05 10.78
CA GLY E 208 47.51 -51.53 11.61
C GLY E 208 47.07 -52.37 12.80
N GLN F 3 6.68 -3.60 -17.75
CA GLN F 3 7.65 -2.67 -18.39
C GLN F 3 6.96 -1.52 -19.10
N LYS F 4 5.90 -1.83 -19.84
CA LYS F 4 5.10 -0.82 -20.55
C LYS F 4 4.51 0.20 -19.58
N GLU F 5 4.12 -0.26 -18.39
CA GLU F 5 3.57 0.61 -17.36
C GLU F 5 4.64 1.44 -16.67
N VAL F 6 5.79 0.81 -16.40
CA VAL F 6 6.93 1.48 -15.76
C VAL F 6 7.45 2.63 -16.61
N TYR F 7 7.58 2.39 -17.91
CA TYR F 7 8.07 3.39 -18.86
C TYR F 7 7.08 4.53 -19.11
N ASP F 8 5.79 4.21 -19.09
CA ASP F 8 4.75 5.20 -19.36
C ASP F 8 4.62 6.21 -18.20
N ALA F 9 4.73 5.71 -16.97
CA ALA F 9 4.68 6.53 -15.76
C ALA F 9 5.92 7.42 -15.64
N ALA F 10 7.05 6.92 -16.12
CA ALA F 10 8.30 7.67 -16.14
C ALA F 10 8.30 8.81 -17.17
N GLY F 11 7.26 8.85 -18.00
CA GLY F 11 7.07 9.94 -18.96
C GLY F 11 7.74 9.71 -20.31
N PHE F 12 7.96 8.44 -20.66
CA PHE F 12 8.62 8.09 -21.92
C PHE F 12 7.61 7.79 -23.04
N GLY F 13 8.12 7.73 -24.27
CA GLY F 13 7.34 7.29 -25.43
C GLY F 13 6.37 8.29 -26.04
N ASN F 14 6.46 9.55 -25.63
CA ASN F 14 5.61 10.60 -26.17
C ASN F 14 5.90 10.86 -27.65
N PRO F 15 4.85 11.15 -28.45
CA PRO F 15 5.10 11.47 -29.86
C PRO F 15 5.81 12.80 -30.00
N VAL F 16 6.63 12.94 -31.04
CA VAL F 16 7.27 14.23 -31.33
C VAL F 16 6.47 14.97 -32.39
N SER F 17 6.12 16.23 -32.09
CA SER F 17 5.48 17.09 -33.08
C SER F 17 6.55 17.56 -34.06
N ARG F 18 6.35 17.24 -35.33
CA ARG F 18 7.32 17.52 -36.38
C ARG F 18 7.37 19.00 -36.79
N GLY F 19 8.54 19.45 -37.20
CA GLY F 19 8.74 20.83 -37.63
C GLY F 19 8.51 21.02 -39.12
N VAL F 20 9.01 22.13 -39.66
CA VAL F 20 8.78 22.48 -41.06
C VAL F 20 10.05 22.66 -41.90
N HIS F 21 11.22 22.40 -41.29
CA HIS F 21 12.49 22.46 -42.00
C HIS F 21 13.28 21.19 -41.84
N PRO F 22 12.94 20.15 -42.63
CA PRO F 22 13.56 18.84 -42.47
C PRO F 22 14.95 18.73 -43.09
N ALA F 23 15.69 17.71 -42.64
CA ALA F 23 16.98 17.34 -43.23
C ALA F 23 17.15 15.84 -43.14
N ILE F 24 17.86 15.27 -44.11
CA ILE F 24 18.12 13.83 -44.09
C ILE F 24 19.57 13.58 -43.74
N ILE F 25 19.79 12.80 -42.69
CA ILE F 25 21.13 12.38 -42.32
C ILE F 25 21.27 10.89 -42.60
N VAL F 26 22.13 10.56 -43.56
CA VAL F 26 22.40 9.18 -43.92
C VAL F 26 23.72 8.78 -43.30
N VAL F 27 23.67 7.80 -42.40
CA VAL F 27 24.82 7.46 -41.57
C VAL F 27 25.53 6.19 -42.04
N ASP F 28 26.79 6.37 -42.44
CA ASP F 28 27.70 5.26 -42.77
C ASP F 28 27.17 4.22 -43.76
N PHE F 29 26.50 4.69 -44.82
CA PHE F 29 26.19 3.84 -45.96
C PHE F 29 27.36 3.83 -46.95
N SER F 30 28.56 3.66 -46.41
CA SER F 30 29.77 3.50 -47.21
C SER F 30 29.95 2.02 -47.52
N TYR F 31 30.76 1.73 -48.54
CA TYR F 31 30.97 0.34 -48.98
C TYR F 31 31.43 -0.58 -47.83
N GLY F 32 32.23 -0.03 -46.92
CA GLY F 32 32.73 -0.78 -45.77
C GLY F 32 31.65 -1.38 -44.88
N PHE F 33 30.45 -0.81 -44.91
CA PHE F 33 29.34 -1.29 -44.09
C PHE F 33 28.21 -1.90 -44.92
N THR F 34 28.32 -1.82 -46.25
CA THR F 34 27.28 -2.33 -47.16
C THR F 34 27.71 -3.47 -48.09
N ASP F 35 28.95 -3.40 -48.59
CA ASP F 35 29.47 -4.44 -49.50
C ASP F 35 29.94 -5.67 -48.71
N LEU F 36 29.17 -6.76 -48.83
CA LEU F 36 29.35 -7.96 -48.00
C LEU F 36 30.72 -8.65 -48.09
N GLN F 37 31.54 -8.25 -49.07
CA GLN F 37 32.91 -8.77 -49.17
C GLN F 37 33.76 -8.41 -47.94
N TYR F 38 33.54 -7.20 -47.41
CA TYR F 38 34.24 -6.74 -46.21
C TYR F 38 33.54 -7.27 -44.96
N PRO F 39 34.32 -7.70 -43.94
CA PRO F 39 33.79 -8.35 -42.74
C PRO F 39 32.99 -7.42 -41.82
N THR F 40 33.15 -6.11 -42.01
CA THR F 40 32.45 -5.10 -41.21
C THR F 40 31.06 -4.77 -41.75
N ALA F 41 30.71 -5.36 -42.90
CA ALA F 41 29.48 -5.00 -43.62
C ALA F 41 28.24 -5.77 -43.21
N SER F 42 27.07 -5.18 -43.49
CA SER F 42 25.77 -5.77 -43.21
C SER F 42 24.93 -5.74 -44.49
N ASP F 43 23.88 -6.57 -44.53
CA ASP F 43 22.95 -6.56 -45.67
C ASP F 43 22.08 -5.31 -45.65
N ALA F 44 22.39 -4.37 -46.54
CA ALA F 44 21.73 -3.06 -46.57
C ALA F 44 21.03 -2.76 -47.91
N SER F 45 20.83 -3.79 -48.73
CA SER F 45 20.27 -3.64 -50.07
C SER F 45 18.88 -2.98 -50.09
N LEU F 46 17.97 -3.49 -49.27
CA LEU F 46 16.59 -2.99 -49.22
C LEU F 46 16.49 -1.59 -48.63
N GLN F 47 17.27 -1.35 -47.57
CA GLN F 47 17.23 -0.08 -46.84
C GLN F 47 17.90 1.08 -47.58
N MET F 48 18.91 0.78 -48.39
CA MET F 48 19.58 1.80 -49.21
C MET F 48 18.67 2.35 -50.30
N SER F 49 18.00 1.46 -51.02
CA SER F 49 17.07 1.85 -52.08
C SER F 49 15.88 2.61 -51.49
N ARG F 50 15.52 2.27 -50.26
CA ARG F 50 14.44 2.93 -49.54
C ARG F 50 14.83 4.35 -49.10
N THR F 51 16.09 4.54 -48.69
CA THR F 51 16.61 5.86 -48.37
C THR F 51 16.84 6.69 -49.64
N LYS F 52 17.23 6.02 -50.71
CA LYS F 52 17.39 6.66 -52.03
C LYS F 52 16.10 7.35 -52.46
N GLU F 53 14.97 6.73 -52.10
CA GLU F 53 13.65 7.28 -52.38
C GLU F 53 13.43 8.54 -51.54
N ILE F 54 13.82 8.48 -50.26
CA ILE F 54 13.68 9.60 -49.32
C ILE F 54 14.58 10.78 -49.68
N CYS F 55 15.83 10.47 -50.04
CA CYS F 55 16.82 11.49 -50.38
C CYS F 55 16.49 12.23 -51.66
N ASP F 56 16.05 11.49 -52.68
CA ASP F 56 15.70 12.08 -53.98
C ASP F 56 14.52 13.04 -53.87
N LEU F 57 13.55 12.66 -53.03
CA LEU F 57 12.40 13.51 -52.73
C LEU F 57 12.86 14.80 -52.07
N ALA F 58 13.60 14.67 -50.97
CA ALA F 58 14.08 15.81 -50.19
C ALA F 58 14.99 16.72 -51.00
N ARG F 59 15.81 16.12 -51.87
CA ARG F 59 16.68 16.88 -52.76
C ARG F 59 15.85 17.71 -53.75
N ALA F 60 14.77 17.12 -54.25
CA ALA F 60 13.85 17.80 -55.17
C ALA F 60 13.03 18.91 -54.49
N LEU F 61 12.71 18.73 -53.21
CA LEU F 61 11.97 19.75 -52.46
C LEU F 61 12.91 20.78 -51.82
N GLU F 62 14.20 20.70 -52.18
CA GLU F 62 15.25 21.60 -51.69
C GLU F 62 15.51 21.53 -50.17
N PHE F 63 15.42 20.32 -49.63
CA PHE F 63 15.81 20.06 -48.25
C PHE F 63 17.24 19.49 -48.22
N PRO F 64 18.03 19.87 -47.18
CA PRO F 64 19.41 19.37 -47.08
C PRO F 64 19.49 17.86 -46.92
N VAL F 65 20.35 17.23 -47.71
CA VAL F 65 20.63 15.80 -47.60
C VAL F 65 22.12 15.68 -47.30
N ILE F 66 22.44 15.01 -46.19
CA ILE F 66 23.81 14.93 -45.71
C ILE F 66 24.23 13.48 -45.46
N PHE F 67 25.34 13.09 -46.07
CA PHE F 67 25.92 11.77 -45.89
C PHE F 67 27.11 11.85 -44.94
N THR F 68 27.23 10.86 -44.06
CA THR F 68 28.35 10.78 -43.13
C THR F 68 29.10 9.46 -43.31
N THR F 69 30.43 9.55 -43.22
CA THR F 69 31.28 8.37 -43.36
C THR F 69 32.40 8.36 -42.30
N ILE F 70 32.83 7.17 -41.93
CA ILE F 70 33.99 7.00 -41.07
C ILE F 70 35.23 6.78 -41.96
N ALA F 71 36.27 7.57 -41.71
CA ALA F 71 37.54 7.46 -42.43
C ALA F 71 38.69 7.84 -41.53
N TYR F 72 39.80 7.12 -41.65
CA TYR F 72 40.98 7.36 -40.82
C TYR F 72 42.26 7.55 -41.62
N HIS F 73 43.14 8.41 -41.09
CA HIS F 73 44.52 8.47 -41.53
C HIS F 73 45.29 7.41 -40.80
N PRO F 74 46.37 6.88 -41.43
CA PRO F 74 47.18 5.83 -40.79
C PRO F 74 47.71 6.21 -39.41
N GLY F 75 48.03 7.49 -39.22
CA GLY F 75 48.55 7.99 -37.95
C GLY F 75 47.54 8.00 -36.81
N GLU F 76 46.26 8.15 -37.16
CA GLU F 76 45.18 8.24 -36.17
C GLU F 76 44.87 6.91 -35.48
N ILE F 77 45.16 5.80 -36.17
CA ILE F 77 44.83 4.46 -35.67
C ILE F 77 45.29 4.21 -34.22
N PRO F 78 46.59 4.39 -33.92
CA PRO F 78 47.04 4.18 -32.53
C PRO F 78 46.62 5.31 -31.56
N MET F 79 46.17 6.43 -32.10
CA MET F 79 45.74 7.57 -31.29
C MET F 79 44.33 7.42 -30.71
N LEU F 80 43.47 6.62 -31.35
CA LEU F 80 42.06 6.49 -30.95
C LEU F 80 41.75 5.16 -30.28
N PRO F 81 41.36 5.20 -28.99
CA PRO F 81 41.09 4.00 -28.17
C PRO F 81 39.89 3.19 -28.64
N TRP F 82 39.04 3.78 -29.46
CA TRP F 82 37.90 3.07 -30.03
C TRP F 82 38.36 2.02 -31.01
N LEU F 83 39.51 2.28 -31.64
CA LEU F 83 40.09 1.34 -32.61
C LEU F 83 40.72 0.11 -31.94
N GLU F 84 41.09 0.25 -30.67
CA GLU F 84 41.54 -0.89 -29.87
C GLU F 84 40.38 -1.85 -29.64
N LYS F 85 39.20 -1.28 -29.37
CA LYS F 85 38.00 -2.05 -29.03
C LYS F 85 37.36 -2.64 -30.27
N SER F 86 37.06 -1.77 -31.24
CA SER F 86 36.53 -2.17 -32.53
C SER F 86 37.65 -2.03 -33.55
N SER F 87 38.47 -3.07 -33.65
CA SER F 87 39.65 -3.06 -34.51
C SER F 87 39.31 -3.13 -36.01
N GLY F 88 38.12 -3.62 -36.32
CA GLY F 88 37.66 -3.73 -37.70
C GLY F 88 37.48 -2.40 -38.39
N MET F 89 37.31 -1.34 -37.58
CA MET F 89 37.15 0.02 -38.09
C MET F 89 38.47 0.58 -38.64
N ALA F 90 39.58 -0.04 -38.25
CA ALA F 90 40.91 0.40 -38.67
C ALA F 90 41.13 0.19 -40.17
N ALA F 91 40.28 -0.63 -40.80
CA ALA F 91 40.33 -0.87 -42.25
C ALA F 91 39.74 0.30 -43.06
N LEU F 92 39.12 1.25 -42.38
CA LEU F 92 38.43 2.36 -43.02
C LEU F 92 39.39 3.52 -43.27
N LEU F 93 40.24 3.37 -44.29
CA LEU F 93 41.33 4.31 -44.57
C LEU F 93 41.00 5.30 -45.67
N TYR F 94 41.54 6.52 -45.54
CA TYR F 94 41.45 7.53 -46.59
C TYR F 94 42.01 6.97 -47.89
N GLY F 95 41.26 7.14 -48.98
CA GLY F 95 41.70 6.74 -50.32
C GLY F 95 41.34 5.33 -50.72
N SER F 96 40.64 4.61 -49.84
CA SER F 96 40.19 3.25 -50.14
C SER F 96 38.73 3.25 -50.60
N ARG F 97 38.24 2.06 -50.98
CA ARG F 97 36.86 1.91 -51.42
C ARG F 97 35.92 1.79 -50.23
N LEU F 98 36.46 1.28 -49.12
CA LEU F 98 35.72 1.10 -47.86
C LEU F 98 35.02 2.37 -47.40
N VAL F 99 35.68 3.51 -47.59
CA VAL F 99 35.19 4.82 -47.11
C VAL F 99 34.21 5.53 -48.04
N GLU F 100 34.28 5.23 -49.34
CA GLU F 100 33.42 5.85 -50.35
C GLU F 100 31.95 5.48 -50.12
N ILE F 101 31.06 6.43 -50.37
CA ILE F 101 29.62 6.22 -50.23
C ILE F 101 29.10 5.32 -51.35
N ASP F 102 28.33 4.30 -50.97
CA ASP F 102 27.68 3.40 -51.93
C ASP F 102 26.78 4.17 -52.90
N MET F 103 26.92 3.87 -54.19
CA MET F 103 26.15 4.55 -55.24
C MET F 103 24.65 4.20 -55.22
N ALA F 104 24.29 3.10 -54.55
CA ALA F 104 22.90 2.67 -54.40
C ALA F 104 22.06 3.62 -53.54
N THR F 105 22.72 4.59 -52.91
CA THR F 105 22.05 5.62 -52.12
C THR F 105 21.53 6.74 -53.02
N GLY F 106 22.10 6.84 -54.21
CA GLY F 106 21.72 7.87 -55.18
C GLY F 106 22.47 9.18 -54.96
N ILE F 107 23.55 9.10 -54.21
CA ILE F 107 24.35 10.28 -53.84
C ILE F 107 24.80 11.11 -55.06
N GLN F 108 24.48 12.40 -55.02
CA GLN F 108 24.79 13.33 -56.09
C GLN F 108 26.09 14.08 -55.75
N PRO F 109 26.84 14.54 -56.77
CA PRO F 109 28.12 15.24 -56.53
C PRO F 109 28.03 16.49 -55.64
N ASN F 110 26.86 17.12 -55.57
CA ASN F 110 26.70 18.35 -54.79
C ASN F 110 26.25 18.10 -53.34
N ASP F 111 25.87 16.87 -53.02
CA ASP F 111 25.52 16.48 -51.65
C ASP F 111 26.75 16.52 -50.75
N VAL F 112 26.55 17.01 -49.53
CA VAL F 112 27.63 17.17 -48.55
C VAL F 112 27.95 15.87 -47.82
N VAL F 113 29.22 15.51 -47.78
CA VAL F 113 29.69 14.33 -47.05
C VAL F 113 30.59 14.78 -45.89
N VAL F 114 30.18 14.46 -44.67
CA VAL F 114 31.01 14.79 -43.50
C VAL F 114 31.80 13.57 -43.02
N VAL F 115 33.07 13.81 -42.73
CA VAL F 115 33.98 12.76 -42.26
C VAL F 115 34.00 12.78 -40.74
N LYS F 116 33.92 11.60 -40.14
CA LYS F 116 33.92 11.46 -38.68
C LYS F 116 34.82 10.29 -38.25
N LYS F 117 35.19 10.29 -36.98
CA LYS F 117 36.15 9.33 -36.44
C LYS F 117 35.53 8.38 -35.41
N GLY F 118 34.27 8.62 -35.07
CA GLY F 118 33.55 7.79 -34.09
C GLY F 118 32.22 7.28 -34.58
N ALA F 119 31.38 6.82 -33.65
CA ALA F 119 30.05 6.33 -33.96
C ALA F 119 29.10 7.47 -34.34
N SER F 120 28.92 8.42 -33.43
CA SER F 120 28.01 9.55 -33.65
C SER F 120 28.46 10.42 -34.82
N SER F 121 27.48 10.87 -35.61
CA SER F 121 27.74 11.76 -36.73
C SER F 121 27.96 13.20 -36.27
N PHE F 122 27.61 13.47 -35.01
CA PHE F 122 27.72 14.82 -34.44
C PHE F 122 29.05 15.06 -33.74
N PHE F 123 29.59 14.01 -33.11
CA PHE F 123 30.79 14.14 -32.29
C PHE F 123 32.04 14.47 -33.11
N GLY F 124 32.67 15.58 -32.74
CA GLY F 124 33.90 16.04 -33.41
C GLY F 124 33.74 16.20 -34.91
N SER F 125 32.57 16.72 -35.31
CA SER F 125 32.25 16.93 -36.72
C SER F 125 31.49 18.24 -36.89
N THR F 126 31.32 18.65 -38.14
CA THR F 126 30.67 19.93 -38.45
C THR F 126 29.14 19.83 -38.57
N LEU F 127 28.60 18.63 -38.30
CA LEU F 127 27.17 18.36 -38.53
C LEU F 127 26.20 19.34 -37.86
N SER F 128 26.47 19.72 -36.61
CA SER F 128 25.65 20.68 -35.88
C SER F 128 25.56 22.02 -36.59
N SER F 129 26.72 22.52 -37.04
CA SER F 129 26.83 23.82 -37.67
C SER F 129 26.11 23.86 -39.01
N LEU F 130 26.20 22.76 -39.76
CA LEU F 130 25.51 22.63 -41.04
C LEU F 130 24.00 22.67 -40.84
N LEU F 131 23.53 21.92 -39.84
CA LEU F 131 22.12 21.89 -39.50
C LEU F 131 21.59 23.23 -39.00
N ALA F 132 22.32 23.86 -38.08
CA ALA F 132 21.93 25.16 -37.53
C ALA F 132 22.01 26.29 -38.56
N GLY F 133 22.96 26.18 -39.50
CA GLY F 133 23.12 27.17 -40.56
C GLY F 133 22.05 27.10 -41.63
N THR F 134 21.37 25.95 -41.71
CA THR F 134 20.26 25.76 -42.65
C THR F 134 18.89 25.91 -41.97
N ASN F 135 18.91 26.32 -40.70
CA ASN F 135 17.71 26.56 -39.90
C ASN F 135 16.86 25.30 -39.67
N THR F 136 17.50 24.13 -39.77
CA THR F 136 16.85 22.82 -39.61
C THR F 136 16.22 22.65 -38.22
N ASP F 137 15.01 22.06 -38.18
CA ASP F 137 14.34 21.79 -36.92
C ASP F 137 14.02 20.30 -36.69
N THR F 138 14.02 19.53 -37.78
CA THR F 138 13.70 18.10 -37.72
C THR F 138 14.64 17.33 -38.64
N VAL F 139 15.26 16.28 -38.10
CA VAL F 139 16.12 15.43 -38.92
C VAL F 139 15.55 14.01 -39.01
N VAL F 140 15.68 13.42 -40.19
CA VAL F 140 15.37 12.00 -40.33
C VAL F 140 16.71 11.28 -40.44
N VAL F 141 16.88 10.28 -39.59
CA VAL F 141 18.15 9.58 -39.47
C VAL F 141 18.02 8.19 -40.06
N THR F 142 18.90 7.88 -41.02
CA THR F 142 18.93 6.59 -41.69
C THR F 142 20.36 6.08 -41.69
N GLY F 143 20.54 4.77 -41.90
CA GLY F 143 21.87 4.23 -42.15
C GLY F 143 22.26 2.95 -41.42
N ALA F 144 23.55 2.82 -41.17
CA ALA F 144 24.10 1.63 -40.51
C ALA F 144 25.25 2.02 -39.56
N THR F 145 25.36 1.35 -38.41
CA THR F 145 24.42 0.31 -37.98
C THR F 145 23.46 0.89 -36.96
N THR F 146 22.27 0.29 -36.86
CA THR F 146 21.20 0.85 -36.04
C THR F 146 21.57 0.93 -34.57
N SER F 147 22.23 -0.11 -34.07
CA SER F 147 22.69 -0.14 -32.68
C SER F 147 24.04 0.54 -32.52
N GLY F 148 24.65 0.91 -33.65
CA GLY F 148 25.93 1.59 -33.64
C GLY F 148 25.78 3.07 -33.91
N ALA F 149 26.29 3.51 -35.06
CA ALA F 149 26.32 4.92 -35.44
C ALA F 149 24.94 5.60 -35.52
N VAL F 150 23.90 4.83 -35.88
CA VAL F 150 22.54 5.36 -35.96
C VAL F 150 22.03 5.79 -34.58
N ARG F 151 22.14 4.91 -33.60
CA ARG F 151 21.73 5.21 -32.23
C ARG F 151 22.53 6.38 -31.65
N ALA F 152 23.84 6.34 -31.88
CA ALA F 152 24.75 7.40 -31.44
C ALA F 152 24.40 8.75 -32.05
N THR F 153 24.01 8.73 -33.32
CA THR F 153 23.60 9.94 -34.03
C THR F 153 22.24 10.42 -33.58
N VAL F 154 21.30 9.50 -33.37
CA VAL F 154 19.95 9.82 -32.89
C VAL F 154 20.02 10.54 -31.53
N VAL F 155 20.75 9.95 -30.58
CA VAL F 155 20.94 10.53 -29.24
C VAL F 155 21.53 11.94 -29.32
N ASP F 156 22.58 12.11 -30.12
CA ASP F 156 23.22 13.41 -30.26
C ASP F 156 22.37 14.42 -31.02
N ALA F 157 21.51 13.92 -31.91
CA ALA F 157 20.59 14.78 -32.65
C ALA F 157 19.57 15.45 -31.73
N VAL F 158 19.02 14.67 -30.80
CA VAL F 158 18.05 15.18 -29.83
C VAL F 158 18.74 16.12 -28.85
N GLN F 159 19.88 15.69 -28.33
CA GLN F 159 20.66 16.48 -27.40
C GLN F 159 21.09 17.82 -28.00
N SER F 160 21.43 17.81 -29.29
CA SER F 160 21.87 19.01 -30.01
C SER F 160 20.72 19.99 -30.30
N GLY F 161 19.49 19.55 -30.08
CA GLY F 161 18.33 20.44 -30.21
C GLY F 161 17.50 20.22 -31.47
N PHE F 162 17.53 19.01 -31.99
CA PHE F 162 16.75 18.67 -33.19
C PHE F 162 15.77 17.53 -32.91
N LYS F 163 14.55 17.67 -33.44
CA LYS F 163 13.54 16.61 -33.34
C LYS F 163 13.91 15.47 -34.29
N VAL F 164 13.78 14.24 -33.83
CA VAL F 164 14.33 13.09 -34.55
C VAL F 164 13.27 12.10 -35.05
N LEU F 165 13.35 11.80 -36.34
CA LEU F 165 12.55 10.73 -36.94
C LEU F 165 13.46 9.66 -37.51
N VAL F 166 13.11 8.40 -37.30
CA VAL F 166 13.89 7.30 -37.85
C VAL F 166 13.00 6.22 -38.49
N PRO F 167 13.17 6.00 -39.80
CA PRO F 167 12.45 4.94 -40.52
C PRO F 167 13.12 3.58 -40.30
N ALA F 168 12.38 2.65 -39.70
CA ALA F 168 12.90 1.32 -39.36
C ALA F 168 13.37 0.53 -40.58
N ASP F 169 12.67 0.70 -41.70
CA ASP F 169 13.02 0.04 -42.96
C ASP F 169 14.18 0.72 -43.70
N CYS F 170 14.83 1.66 -43.02
CA CYS F 170 15.98 2.38 -43.57
C CYS F 170 17.25 2.18 -42.74
N CYS F 171 17.17 1.28 -41.76
CA CYS F 171 18.27 1.04 -40.84
C CYS F 171 18.74 -0.42 -40.92
N ALA F 172 20.04 -0.60 -41.14
CA ALA F 172 20.63 -1.92 -41.32
C ALA F 172 21.60 -2.26 -40.20
N ASP F 173 21.50 -3.50 -39.71
CA ASP F 173 22.41 -3.99 -38.67
C ASP F 173 22.76 -5.46 -38.91
N ARG F 174 23.89 -5.89 -38.35
CA ARG F 174 24.40 -7.25 -38.53
C ARG F 174 23.64 -8.31 -37.72
N ALA F 175 22.85 -7.88 -36.74
CA ALA F 175 22.07 -8.79 -35.91
C ALA F 175 20.73 -8.19 -35.49
N LYS F 176 19.70 -9.04 -35.36
CA LYS F 176 18.34 -8.58 -35.09
C LYS F 176 18.09 -8.17 -33.62
N GLY F 177 18.76 -8.85 -32.69
CA GLY F 177 18.68 -8.53 -31.26
C GLY F 177 19.01 -7.09 -30.93
N PRO F 178 20.25 -6.65 -31.25
CA PRO F 178 20.69 -5.25 -31.10
C PRO F 178 19.85 -4.25 -31.92
N HIS F 179 19.32 -4.70 -33.05
CA HIS F 179 18.50 -3.86 -33.92
C HIS F 179 17.21 -3.45 -33.25
N GLU F 180 16.51 -4.44 -32.71
CA GLU F 180 15.22 -4.22 -32.04
C GLU F 180 15.35 -3.48 -30.71
N ALA F 181 16.38 -3.84 -29.94
CA ALA F 181 16.63 -3.20 -28.65
C ALA F 181 16.98 -1.73 -28.81
N SER F 182 17.73 -1.41 -29.87
CA SER F 182 18.13 -0.05 -30.17
C SER F 182 16.94 0.80 -30.62
N LEU F 183 16.07 0.23 -31.44
CA LEU F 183 14.86 0.91 -31.91
C LEU F 183 13.81 1.07 -30.82
N TYR F 184 13.80 0.15 -29.87
CA TYR F 184 12.92 0.27 -28.69
C TYR F 184 13.33 1.46 -27.84
N ASP F 185 14.64 1.59 -27.58
CA ASP F 185 15.19 2.68 -26.80
C ASP F 185 14.98 4.05 -27.47
N ILE F 186 15.11 4.09 -28.79
CA ILE F 186 14.86 5.31 -29.55
C ILE F 186 13.40 5.74 -29.44
N GLN F 187 12.48 4.81 -29.71
CA GLN F 187 11.04 5.07 -29.64
C GLN F 187 10.61 5.59 -28.28
N GLN F 188 11.29 5.13 -27.24
CA GLN F 188 10.94 5.47 -25.87
C GLN F 188 11.56 6.79 -25.40
N LYS F 189 12.81 7.05 -25.80
CA LYS F 189 13.60 8.12 -25.20
C LYS F 189 14.03 9.26 -26.11
N TYR F 190 14.28 8.97 -27.39
CA TYR F 190 15.03 9.90 -28.24
C TYR F 190 14.34 10.42 -29.50
N GLY F 191 13.52 9.58 -30.14
CA GLY F 191 12.85 9.98 -31.37
C GLY F 191 11.71 9.07 -31.76
N ASP F 192 11.01 9.43 -32.84
CA ASP F 192 9.92 8.61 -33.35
C ASP F 192 10.40 7.62 -34.39
N VAL F 193 10.04 6.37 -34.20
CA VAL F 193 10.39 5.29 -35.12
C VAL F 193 9.16 4.98 -35.99
N THR F 194 9.31 5.23 -37.30
CA THR F 194 8.24 4.96 -38.26
C THR F 194 8.79 4.10 -39.40
N ASP F 195 8.24 4.29 -40.60
CA ASP F 195 8.77 3.67 -41.81
C ASP F 195 8.93 4.70 -42.93
N SER F 196 9.61 4.32 -44.00
CA SER F 196 9.88 5.21 -45.14
C SER F 196 8.62 5.80 -45.77
N ASP F 197 7.56 5.00 -45.84
CA ASP F 197 6.27 5.43 -46.39
C ASP F 197 5.69 6.63 -45.64
N ASP F 198 5.90 6.66 -44.33
CA ASP F 198 5.38 7.74 -43.48
C ASP F 198 6.13 9.06 -43.69
N ILE F 199 7.45 9.01 -43.82
CA ILE F 199 8.25 10.22 -44.01
C ILE F 199 8.09 10.76 -45.43
N LEU F 200 7.81 9.85 -46.37
CA LEU F 200 7.55 10.22 -47.76
C LEU F 200 6.30 11.11 -47.90
N LYS F 201 5.22 10.73 -47.23
CA LYS F 201 3.99 11.54 -47.23
C LYS F 201 4.24 12.85 -46.49
N TRP F 202 4.91 12.75 -45.35
CA TRP F 202 5.18 13.91 -44.50
C TRP F 202 6.03 14.95 -45.17
N LEU F 203 7.02 14.50 -45.95
CA LEU F 203 7.88 15.41 -46.71
C LEU F 203 7.10 16.16 -47.79
N ARG F 204 6.17 15.45 -48.44
CA ARG F 204 5.32 16.06 -49.47
C ARG F 204 4.36 17.09 -48.87
N SER F 205 3.88 16.82 -47.66
CA SER F 205 2.96 17.72 -46.98
C SER F 205 3.59 19.02 -46.48
N VAL F 206 4.88 18.98 -46.15
CA VAL F 206 5.58 20.20 -45.72
C VAL F 206 5.96 21.09 -46.91
N ALA F 207 6.05 20.47 -48.10
CA ALA F 207 6.30 21.20 -49.34
C ALA F 207 5.11 22.07 -49.76
N GLY F 208 3.91 21.64 -49.35
CA GLY F 208 2.68 22.39 -49.63
C GLY F 208 2.01 22.90 -48.37
N GLN G 3 6.05 23.90 -6.45
CA GLN G 3 4.80 23.50 -5.73
C GLN G 3 4.41 22.06 -6.06
N LYS G 4 4.57 21.67 -7.33
CA LYS G 4 4.30 20.31 -7.78
C LYS G 4 5.14 19.28 -7.03
N GLU G 5 6.41 19.64 -6.77
CA GLU G 5 7.33 18.75 -6.06
C GLU G 5 6.93 18.57 -4.59
N VAL G 6 6.44 19.64 -3.98
CA VAL G 6 6.00 19.64 -2.59
C VAL G 6 4.77 18.75 -2.39
N TYR G 7 3.79 18.91 -3.28
CA TYR G 7 2.58 18.08 -3.27
C TYR G 7 2.85 16.61 -3.61
N ASP G 8 3.76 16.36 -4.55
CA ASP G 8 4.17 15.00 -4.89
C ASP G 8 4.85 14.31 -3.71
N ALA G 9 5.77 15.01 -3.06
CA ALA G 9 6.50 14.50 -1.90
C ALA G 9 5.58 14.24 -0.70
N ALA G 10 4.55 15.08 -0.56
CA ALA G 10 3.57 14.94 0.52
C ALA G 10 2.56 13.80 0.27
N GLY G 11 2.67 13.16 -0.90
CA GLY G 11 1.84 12.00 -1.24
C GLY G 11 0.48 12.31 -1.83
N PHE G 12 0.36 13.47 -2.48
CA PHE G 12 -0.89 13.89 -3.10
C PHE G 12 -0.94 13.59 -4.60
N GLY G 13 -2.13 13.80 -5.18
CA GLY G 13 -2.33 13.71 -6.63
C GLY G 13 -2.53 12.32 -7.19
N ASN G 14 -2.55 11.31 -6.32
CA ASN G 14 -2.70 9.91 -6.72
C ASN G 14 -4.03 9.62 -7.43
N PRO G 15 -4.02 8.71 -8.42
CA PRO G 15 -5.27 8.36 -9.09
C PRO G 15 -6.16 7.47 -8.21
N VAL G 16 -7.48 7.57 -8.40
CA VAL G 16 -8.43 6.70 -7.71
C VAL G 16 -8.97 5.61 -8.65
N SER G 17 -8.68 4.35 -8.32
CA SER G 17 -9.24 3.23 -9.05
C SER G 17 -10.72 3.10 -8.70
N ARG G 18 -11.55 3.19 -9.73
CA ARG G 18 -12.99 3.30 -9.57
C ARG G 18 -13.67 1.98 -9.21
N GLY G 19 -14.85 2.08 -8.60
CA GLY G 19 -15.62 0.90 -8.19
C GLY G 19 -16.65 0.46 -9.21
N VAL G 20 -17.52 -0.46 -8.80
CA VAL G 20 -18.49 -1.07 -9.71
C VAL G 20 -19.95 -0.75 -9.35
N HIS G 21 -20.15 0.02 -8.28
CA HIS G 21 -21.49 0.48 -7.89
C HIS G 21 -21.52 1.98 -7.78
N PRO G 22 -21.76 2.66 -8.90
CA PRO G 22 -21.74 4.13 -8.95
C PRO G 22 -23.04 4.77 -8.47
N ALA G 23 -22.94 6.02 -8.02
CA ALA G 23 -24.11 6.83 -7.70
C ALA G 23 -23.85 8.27 -8.13
N ILE G 24 -24.91 8.98 -8.48
CA ILE G 24 -24.81 10.38 -8.87
C ILE G 24 -25.35 11.27 -7.77
N ILE G 25 -24.58 12.29 -7.39
CA ILE G 25 -25.06 13.31 -6.47
C ILE G 25 -25.08 14.66 -7.17
N VAL G 26 -26.27 15.21 -7.31
CA VAL G 26 -26.46 16.54 -7.90
C VAL G 26 -26.72 17.51 -6.76
N VAL G 27 -25.72 18.33 -6.44
CA VAL G 27 -25.83 19.19 -5.27
C VAL G 27 -26.28 20.61 -5.63
N ASP G 28 -27.33 21.04 -4.94
CA ASP G 28 -27.87 22.39 -5.03
C ASP G 28 -28.00 22.97 -6.45
N PHE G 29 -28.59 22.19 -7.35
CA PHE G 29 -29.05 22.73 -8.63
C PHE G 29 -30.50 23.18 -8.50
N SER G 30 -30.76 23.95 -7.45
CA SER G 30 -32.06 24.58 -7.23
C SER G 30 -32.08 25.94 -7.90
N TYR G 31 -33.27 26.50 -8.07
CA TYR G 31 -33.44 27.80 -8.74
C TYR G 31 -32.70 28.94 -8.05
N GLY G 32 -32.53 28.83 -6.72
CA GLY G 32 -31.80 29.81 -5.92
C GLY G 32 -30.33 29.95 -6.31
N PHE G 33 -29.77 28.89 -6.91
CA PHE G 33 -28.37 28.89 -7.32
C PHE G 33 -28.19 28.82 -8.85
N THR G 34 -29.29 28.66 -9.58
CA THR G 34 -29.24 28.53 -11.04
C THR G 34 -29.92 29.66 -11.82
N ASP G 35 -31.03 30.17 -11.30
CA ASP G 35 -31.80 31.24 -11.95
C ASP G 35 -31.18 32.61 -11.65
N LEU G 36 -30.58 33.22 -12.68
CA LEU G 36 -29.86 34.51 -12.54
C LEU G 36 -30.71 35.66 -12.00
N GLN G 37 -32.00 35.42 -11.86
CA GLN G 37 -32.95 36.36 -11.24
C GLN G 37 -32.59 36.66 -9.78
N TYR G 38 -32.11 35.64 -9.07
CA TYR G 38 -31.76 35.76 -7.67
C TYR G 38 -30.28 36.08 -7.51
N PRO G 39 -29.91 36.85 -6.46
CA PRO G 39 -28.53 37.30 -6.28
C PRO G 39 -27.55 36.17 -5.91
N THR G 40 -28.09 35.05 -5.42
CA THR G 40 -27.30 33.90 -4.99
C THR G 40 -27.01 32.90 -6.12
N ALA G 41 -27.26 33.30 -7.36
CA ALA G 41 -27.22 32.37 -8.49
C ALA G 41 -26.01 32.54 -9.41
N SER G 42 -25.70 31.47 -10.15
CA SER G 42 -24.60 31.46 -11.11
C SER G 42 -25.11 30.96 -12.47
N ASP G 43 -24.32 31.19 -13.52
CA ASP G 43 -24.64 30.66 -14.84
C ASP G 43 -24.35 29.17 -14.88
N ALA G 44 -25.41 28.37 -14.83
CA ALA G 44 -25.29 26.91 -14.75
C ALA G 44 -25.95 26.17 -15.92
N SER G 45 -26.28 26.91 -16.98
CA SER G 45 -27.00 26.37 -18.14
C SER G 45 -26.30 25.19 -18.84
N LEU G 46 -25.00 25.35 -19.10
CA LEU G 46 -24.22 24.32 -19.78
C LEU G 46 -23.98 23.10 -18.88
N GLN G 47 -23.65 23.37 -17.61
CA GLN G 47 -23.37 22.31 -16.65
C GLN G 47 -24.62 21.51 -16.26
N MET G 48 -25.77 22.17 -16.23
CA MET G 48 -27.05 21.49 -15.99
C MET G 48 -27.40 20.56 -17.15
N SER G 49 -27.05 20.99 -18.36
CA SER G 49 -27.28 20.21 -19.57
C SER G 49 -26.48 18.92 -19.56
N ARG G 50 -25.24 18.98 -19.08
CA ARG G 50 -24.36 17.82 -19.06
C ARG G 50 -24.67 16.87 -17.89
N THR G 51 -25.15 17.43 -16.77
CA THR G 51 -25.60 16.61 -15.65
C THR G 51 -26.89 15.86 -15.99
N LYS G 52 -27.72 16.48 -16.83
CA LYS G 52 -28.96 15.88 -17.32
C LYS G 52 -28.68 14.61 -18.11
N GLU G 53 -27.67 14.65 -18.96
CA GLU G 53 -27.26 13.49 -19.75
C GLU G 53 -26.68 12.37 -18.88
N ILE G 54 -25.96 12.75 -17.82
CA ILE G 54 -25.41 11.80 -16.86
C ILE G 54 -26.51 11.11 -16.05
N CYS G 55 -27.44 11.89 -15.52
CA CYS G 55 -28.55 11.37 -14.71
C CYS G 55 -29.46 10.45 -15.51
N ASP G 56 -29.72 10.82 -16.77
CA ASP G 56 -30.54 10.02 -17.67
C ASP G 56 -29.93 8.65 -17.90
N LEU G 57 -28.63 8.63 -18.17
CA LEU G 57 -27.88 7.38 -18.32
C LEU G 57 -27.95 6.55 -17.04
N ALA G 58 -27.75 7.20 -15.90
CA ALA G 58 -27.77 6.52 -14.60
C ALA G 58 -29.13 5.93 -14.27
N ARG G 59 -30.20 6.63 -14.66
CA ARG G 59 -31.57 6.13 -14.50
C ARG G 59 -31.90 4.98 -15.45
N ALA G 60 -31.18 4.93 -16.57
CA ALA G 60 -31.31 3.85 -17.54
C ALA G 60 -30.52 2.60 -17.14
N LEU G 61 -29.39 2.81 -16.45
CA LEU G 61 -28.53 1.71 -15.99
C LEU G 61 -28.89 1.23 -14.58
N GLU G 62 -29.90 1.86 -13.98
CA GLU G 62 -30.38 1.56 -12.61
C GLU G 62 -29.37 1.89 -11.51
N PHE G 63 -28.73 3.05 -11.64
CA PHE G 63 -27.84 3.57 -10.61
C PHE G 63 -28.54 4.69 -9.84
N PRO G 64 -28.45 4.69 -8.51
CA PRO G 64 -29.10 5.72 -7.70
C PRO G 64 -28.72 7.14 -8.12
N VAL G 65 -29.74 7.99 -8.28
CA VAL G 65 -29.55 9.41 -8.57
C VAL G 65 -30.19 10.21 -7.43
N ILE G 66 -29.38 11.03 -6.77
CA ILE G 66 -29.82 11.77 -5.59
C ILE G 66 -29.53 13.26 -5.72
N PHE G 67 -30.59 14.06 -5.62
CA PHE G 67 -30.49 15.51 -5.66
C PHE G 67 -30.50 16.06 -4.24
N THR G 68 -29.78 17.16 -4.03
CA THR G 68 -29.77 17.82 -2.72
C THR G 68 -30.17 19.28 -2.84
N THR G 69 -30.82 19.80 -1.82
CA THR G 69 -31.22 21.22 -1.78
C THR G 69 -31.18 21.81 -0.37
N ILE G 70 -30.87 23.10 -0.30
CA ILE G 70 -30.89 23.85 0.95
C ILE G 70 -32.27 24.48 1.14
N ALA G 71 -32.84 24.29 2.32
CA ALA G 71 -34.18 24.80 2.64
C ALA G 71 -34.32 25.02 4.14
N TYR G 72 -35.01 26.10 4.52
CA TYR G 72 -35.18 26.46 5.93
C TYR G 72 -36.63 26.78 6.30
N HIS G 73 -36.97 26.49 7.56
CA HIS G 73 -38.17 27.04 8.20
C HIS G 73 -37.81 28.38 8.78
N PRO G 74 -38.78 29.32 8.85
CA PRO G 74 -38.51 30.66 9.39
C PRO G 74 -37.89 30.64 10.79
N GLY G 75 -38.22 29.62 11.58
CA GLY G 75 -37.70 29.48 12.94
C GLY G 75 -36.25 29.01 13.02
N GLU G 76 -35.76 28.43 11.93
CA GLU G 76 -34.39 27.93 11.86
C GLU G 76 -33.35 29.03 11.64
N ILE G 77 -33.79 30.14 11.04
CA ILE G 77 -32.90 31.27 10.71
C ILE G 77 -32.05 31.77 11.90
N PRO G 78 -32.69 32.15 13.03
CA PRO G 78 -31.90 32.64 14.18
C PRO G 78 -31.00 31.58 14.80
N MET G 79 -31.37 30.30 14.62
CA MET G 79 -30.68 29.19 15.26
C MET G 79 -29.37 28.77 14.59
N LEU G 80 -29.17 29.17 13.34
CA LEU G 80 -28.00 28.71 12.57
C LEU G 80 -26.97 29.80 12.28
N PRO G 81 -25.76 29.66 12.83
CA PRO G 81 -24.65 30.63 12.71
C PRO G 81 -24.16 30.86 11.27
N TRP G 82 -24.46 29.93 10.37
CA TRP G 82 -24.02 30.04 8.98
C TRP G 82 -24.76 31.14 8.27
N LEU G 83 -26.00 31.38 8.70
CA LEU G 83 -26.90 32.33 8.05
C LEU G 83 -26.55 33.78 8.35
N GLU G 84 -25.89 34.04 9.48
CA GLU G 84 -25.43 35.40 9.76
C GLU G 84 -24.19 35.75 8.93
N LYS G 85 -23.41 34.73 8.56
CA LYS G 85 -22.28 34.89 7.64
C LYS G 85 -22.77 34.98 6.21
N SER G 86 -23.46 33.93 5.76
CA SER G 86 -24.05 33.87 4.44
C SER G 86 -25.54 34.21 4.55
N SER G 87 -25.82 35.51 4.68
CA SER G 87 -27.18 36.00 4.92
C SER G 87 -28.14 35.74 3.76
N GLY G 88 -27.59 35.62 2.56
CA GLY G 88 -28.39 35.34 1.35
C GLY G 88 -29.09 33.99 1.39
N MET G 89 -28.60 33.08 2.22
CA MET G 89 -29.17 31.74 2.35
C MET G 89 -30.51 31.76 3.10
N ALA G 90 -30.80 32.85 3.79
CA ALA G 90 -32.05 33.02 4.51
C ALA G 90 -33.26 33.09 3.56
N ALA G 91 -32.99 33.40 2.29
CA ALA G 91 -34.01 33.45 1.25
C ALA G 91 -34.55 32.05 0.87
N LEU G 92 -33.74 31.02 1.10
CA LEU G 92 -34.09 29.64 0.75
C LEU G 92 -35.11 29.02 1.72
N LEU G 93 -36.36 29.48 1.63
CA LEU G 93 -37.43 29.00 2.51
C LEU G 93 -38.20 27.84 1.91
N TYR G 94 -38.73 26.97 2.77
CA TYR G 94 -39.68 25.93 2.37
C TYR G 94 -40.87 26.57 1.66
N GLY G 95 -41.35 25.94 0.59
CA GLY G 95 -42.52 26.42 -0.14
C GLY G 95 -42.27 27.59 -1.07
N SER G 96 -41.01 27.96 -1.25
CA SER G 96 -40.64 28.99 -2.22
C SER G 96 -40.06 28.35 -3.49
N ARG G 97 -39.90 29.16 -4.54
CA ARG G 97 -39.34 28.68 -5.80
C ARG G 97 -37.84 28.43 -5.68
N LEU G 98 -37.19 29.20 -4.82
CA LEU G 98 -35.74 29.10 -4.55
C LEU G 98 -35.31 27.66 -4.19
N VAL G 99 -36.18 26.96 -3.49
CA VAL G 99 -35.90 25.64 -2.93
C VAL G 99 -36.16 24.50 -3.93
N GLU G 100 -36.83 24.83 -5.04
CA GLU G 100 -37.18 23.84 -6.06
C GLU G 100 -36.00 23.56 -7.00
N ILE G 101 -35.82 22.29 -7.37
CA ILE G 101 -34.76 21.89 -8.27
C ILE G 101 -35.08 22.35 -9.70
N ASP G 102 -34.07 22.89 -10.37
CA ASP G 102 -34.22 23.39 -11.75
C ASP G 102 -34.55 22.26 -12.70
N MET G 103 -35.61 22.47 -13.50
CA MET G 103 -36.09 21.45 -14.46
C MET G 103 -35.08 21.14 -15.56
N ALA G 104 -34.09 22.02 -15.74
CA ALA G 104 -33.02 21.83 -16.73
C ALA G 104 -32.16 20.59 -16.45
N THR G 105 -32.10 20.18 -15.18
CA THR G 105 -31.41 18.95 -14.78
C THR G 105 -32.21 17.70 -15.15
N GLY G 106 -33.53 17.84 -15.14
CA GLY G 106 -34.42 16.75 -15.54
C GLY G 106 -34.84 15.84 -14.41
N ILE G 107 -35.10 16.40 -13.24
CA ILE G 107 -35.63 15.64 -12.11
C ILE G 107 -36.90 14.90 -12.49
N GLN G 108 -36.96 13.62 -12.11
CA GLN G 108 -38.17 12.84 -12.29
C GLN G 108 -38.81 12.66 -10.92
N PRO G 109 -40.16 12.70 -10.86
CA PRO G 109 -40.88 12.58 -9.59
C PRO G 109 -40.31 11.55 -8.61
N ASN G 110 -39.77 10.44 -9.13
CA ASN G 110 -39.24 9.37 -8.28
C ASN G 110 -37.84 9.63 -7.71
N ASP G 111 -37.13 10.61 -8.30
CA ASP G 111 -35.79 10.99 -7.82
C ASP G 111 -35.82 11.49 -6.39
N VAL G 112 -34.84 11.04 -5.61
CA VAL G 112 -34.75 11.39 -4.19
C VAL G 112 -34.12 12.77 -4.01
N VAL G 113 -34.82 13.64 -3.29
CA VAL G 113 -34.31 14.95 -2.91
C VAL G 113 -34.07 15.00 -1.40
N VAL G 114 -32.84 15.27 -1.00
CA VAL G 114 -32.55 15.43 0.44
C VAL G 114 -32.37 16.89 0.82
N VAL G 115 -32.94 17.25 1.97
CA VAL G 115 -32.88 18.63 2.44
C VAL G 115 -31.78 18.78 3.50
N LYS G 116 -30.95 19.79 3.31
CA LYS G 116 -29.82 20.06 4.19
C LYS G 116 -29.80 21.52 4.63
N LYS G 117 -29.19 21.78 5.78
CA LYS G 117 -29.16 23.12 6.34
C LYS G 117 -27.77 23.76 6.24
N GLY G 118 -26.82 23.03 5.66
CA GLY G 118 -25.46 23.52 5.48
C GLY G 118 -24.98 23.43 4.05
N ALA G 119 -23.67 23.54 3.86
CA ALA G 119 -23.05 23.43 2.55
C ALA G 119 -22.89 21.97 2.15
N SER G 120 -22.30 21.17 3.03
CA SER G 120 -22.07 19.75 2.76
C SER G 120 -23.39 18.98 2.70
N SER G 121 -23.51 18.14 1.68
CA SER G 121 -24.69 17.33 1.48
C SER G 121 -24.76 16.14 2.43
N PHE G 122 -23.66 15.89 3.15
CA PHE G 122 -23.58 14.77 4.09
C PHE G 122 -23.89 15.19 5.52
N PHE G 123 -23.64 16.47 5.83
CA PHE G 123 -23.82 16.96 7.18
C PHE G 123 -25.29 17.10 7.56
N GLY G 124 -25.67 16.48 8.68
CA GLY G 124 -27.03 16.55 9.19
C GLY G 124 -28.06 16.09 8.18
N SER G 125 -27.67 15.12 7.35
CA SER G 125 -28.52 14.61 6.29
C SER G 125 -28.48 13.10 6.24
N THR G 126 -29.36 12.53 5.43
CA THR G 126 -29.47 11.08 5.30
C THR G 126 -28.63 10.50 4.16
N LEU G 127 -27.90 11.37 3.44
CA LEU G 127 -27.18 10.97 2.23
C LEU G 127 -26.23 9.79 2.41
N SER G 128 -25.53 9.77 3.54
CA SER G 128 -24.62 8.68 3.86
C SER G 128 -25.34 7.32 3.96
N SER G 129 -26.51 7.31 4.59
CA SER G 129 -27.31 6.09 4.75
C SER G 129 -27.85 5.57 3.42
N LEU G 130 -28.28 6.49 2.56
CA LEU G 130 -28.80 6.16 1.23
C LEU G 130 -27.72 5.49 0.38
N LEU G 131 -26.52 6.07 0.39
CA LEU G 131 -25.38 5.55 -0.36
C LEU G 131 -24.97 4.17 0.13
N ALA G 132 -24.82 4.02 1.45
CA ALA G 132 -24.39 2.76 2.05
C ALA G 132 -25.47 1.69 1.95
N GLY G 133 -26.73 2.12 2.04
CA GLY G 133 -27.88 1.22 1.91
C GLY G 133 -28.10 0.71 0.50
N THR G 134 -27.53 1.40 -0.48
CA THR G 134 -27.55 0.94 -1.86
C THR G 134 -26.20 0.32 -2.25
N ASN G 135 -25.37 0.08 -1.23
CA ASN G 135 -24.06 -0.58 -1.39
C ASN G 135 -23.11 0.17 -2.33
N THR G 136 -23.25 1.48 -2.39
CA THR G 136 -22.44 2.34 -3.25
C THR G 136 -20.97 2.38 -2.82
N ASP G 137 -20.07 2.40 -3.80
CA ASP G 137 -18.64 2.55 -3.54
C ASP G 137 -18.02 3.80 -4.16
N THR G 138 -18.61 4.28 -5.26
CA THR G 138 -18.09 5.42 -5.99
C THR G 138 -19.19 6.44 -6.24
N VAL G 139 -18.90 7.72 -6.01
CA VAL G 139 -19.87 8.78 -6.27
C VAL G 139 -19.34 9.79 -7.28
N VAL G 140 -20.18 10.15 -8.24
CA VAL G 140 -19.89 11.29 -9.10
C VAL G 140 -20.68 12.50 -8.60
N VAL G 141 -19.94 13.53 -8.20
CA VAL G 141 -20.51 14.71 -7.57
C VAL G 141 -20.54 15.86 -8.56
N THR G 142 -21.71 16.49 -8.68
CA THR G 142 -21.92 17.61 -9.59
C THR G 142 -22.72 18.68 -8.88
N GLY G 143 -22.72 19.90 -9.44
CA GLY G 143 -23.63 20.93 -8.95
C GLY G 143 -23.07 22.33 -8.79
N ALA G 144 -23.66 23.07 -7.86
CA ALA G 144 -23.24 24.43 -7.52
C ALA G 144 -23.28 24.64 -6.01
N THR G 145 -22.32 25.36 -5.44
CA THR G 145 -21.19 25.94 -6.18
C THR G 145 -19.93 25.15 -5.91
N THR G 146 -18.98 25.22 -6.83
CA THR G 146 -17.75 24.43 -6.75
C THR G 146 -16.95 24.72 -5.46
N SER G 147 -16.86 26.00 -5.10
CA SER G 147 -16.13 26.42 -3.90
C SER G 147 -16.93 26.25 -2.61
N GLY G 148 -18.23 26.00 -2.75
CA GLY G 148 -19.12 25.87 -1.61
C GLY G 148 -19.57 24.44 -1.39
N ALA G 149 -20.83 24.19 -1.73
CA ALA G 149 -21.47 22.89 -1.47
C ALA G 149 -20.79 21.71 -2.16
N VAL G 150 -20.27 21.93 -3.37
CA VAL G 150 -19.60 20.88 -4.12
C VAL G 150 -18.38 20.38 -3.35
N ARG G 151 -17.42 21.28 -3.10
CA ARG G 151 -16.19 20.92 -2.38
C ARG G 151 -16.49 20.31 -1.01
N ALA G 152 -17.41 20.95 -0.28
CA ALA G 152 -17.85 20.45 1.02
C ALA G 152 -18.36 19.01 0.92
N THR G 153 -19.15 18.74 -0.11
CA THR G 153 -19.72 17.41 -0.34
C THR G 153 -18.62 16.41 -0.71
N VAL G 154 -17.73 16.81 -1.60
CA VAL G 154 -16.59 16.00 -2.03
C VAL G 154 -15.71 15.57 -0.84
N VAL G 155 -15.37 16.51 0.04
CA VAL G 155 -14.57 16.22 1.22
C VAL G 155 -15.31 15.26 2.15
N ASP G 156 -16.58 15.56 2.41
CA ASP G 156 -17.42 14.70 3.23
C ASP G 156 -17.60 13.31 2.63
N ALA G 157 -17.59 13.25 1.29
CA ALA G 157 -17.77 11.98 0.57
C ALA G 157 -16.60 11.02 0.78
N VAL G 158 -15.37 11.50 0.58
CA VAL G 158 -14.18 10.66 0.80
C VAL G 158 -14.03 10.25 2.26
N GLN G 159 -14.34 11.17 3.16
CA GLN G 159 -14.28 10.91 4.58
C GLN G 159 -15.29 9.84 4.98
N SER G 160 -16.44 9.86 4.33
CA SER G 160 -17.50 8.87 4.59
C SER G 160 -17.18 7.49 4.01
N GLY G 161 -16.15 7.42 3.17
CA GLY G 161 -15.68 6.16 2.62
C GLY G 161 -16.06 5.88 1.18
N PHE G 162 -16.31 6.95 0.43
CA PHE G 162 -16.67 6.83 -0.99
C PHE G 162 -15.63 7.49 -1.88
N LYS G 163 -15.23 6.77 -2.94
CA LYS G 163 -14.34 7.32 -3.95
C LYS G 163 -15.08 8.36 -4.77
N VAL G 164 -14.45 9.49 -5.03
CA VAL G 164 -15.15 10.64 -5.62
C VAL G 164 -14.62 11.03 -6.99
N LEU G 165 -15.53 11.15 -7.95
CA LEU G 165 -15.20 11.68 -9.28
C LEU G 165 -15.97 12.97 -9.52
N VAL G 166 -15.25 14.02 -9.92
CA VAL G 166 -15.88 15.31 -10.18
C VAL G 166 -15.72 15.70 -11.65
N PRO G 167 -16.84 15.80 -12.38
CA PRO G 167 -16.78 16.34 -13.73
C PRO G 167 -16.76 17.86 -13.69
N ALA G 168 -15.64 18.45 -14.11
CA ALA G 168 -15.49 19.92 -14.15
C ALA G 168 -16.53 20.56 -15.06
N ASP G 169 -16.90 19.83 -16.12
CA ASP G 169 -17.99 20.18 -17.04
C ASP G 169 -19.33 20.45 -16.33
N CYS G 170 -19.51 19.81 -15.18
CA CYS G 170 -20.80 19.83 -14.46
C CYS G 170 -20.78 20.68 -13.19
N CYS G 171 -19.78 21.55 -13.06
CA CYS G 171 -19.62 22.36 -11.87
C CYS G 171 -19.70 23.85 -12.20
N ALA G 172 -20.53 24.56 -11.43
CA ALA G 172 -20.75 25.99 -11.64
C ALA G 172 -20.39 26.82 -10.42
N ASP G 173 -19.79 27.99 -10.66
CA ASP G 173 -19.44 28.92 -9.60
C ASP G 173 -19.55 30.37 -10.06
N ARG G 174 -19.74 31.27 -9.10
CA ARG G 174 -19.96 32.69 -9.36
C ARG G 174 -18.67 33.49 -9.63
N ALA G 175 -17.52 32.82 -9.56
CA ALA G 175 -16.21 33.45 -9.82
C ALA G 175 -15.18 32.42 -10.26
N LYS G 176 -14.27 32.85 -11.12
CA LYS G 176 -13.28 31.97 -11.74
C LYS G 176 -12.20 31.48 -10.75
N GLY G 177 -11.73 32.39 -9.89
CA GLY G 177 -10.67 32.10 -8.92
C GLY G 177 -11.01 30.98 -7.94
N PRO G 178 -12.10 31.12 -7.17
CA PRO G 178 -12.58 30.08 -6.26
C PRO G 178 -12.89 28.75 -6.96
N HIS G 179 -13.18 28.81 -8.25
CA HIS G 179 -13.49 27.64 -9.06
C HIS G 179 -12.26 26.79 -9.30
N GLU G 180 -11.19 27.41 -9.79
CA GLU G 180 -9.92 26.71 -10.05
C GLU G 180 -9.28 26.17 -8.77
N ALA G 181 -9.32 26.97 -7.71
CA ALA G 181 -8.71 26.62 -6.43
C ALA G 181 -9.33 25.37 -5.81
N SER G 182 -10.67 25.31 -5.84
CA SER G 182 -11.39 24.14 -5.33
C SER G 182 -11.11 22.88 -6.13
N LEU G 183 -11.07 23.00 -7.46
CA LEU G 183 -10.80 21.87 -8.34
C LEU G 183 -9.36 21.38 -8.22
N TYR G 184 -8.43 22.30 -8.01
CA TYR G 184 -7.04 21.94 -7.75
C TYR G 184 -6.95 21.13 -6.47
N ASP G 185 -7.53 21.67 -5.40
CA ASP G 185 -7.54 21.02 -4.09
C ASP G 185 -8.22 19.65 -4.12
N ILE G 186 -9.32 19.54 -4.87
CA ILE G 186 -10.02 18.26 -5.04
C ILE G 186 -9.12 17.24 -5.73
N GLN G 187 -8.48 17.66 -6.83
CA GLN G 187 -7.58 16.79 -7.61
C GLN G 187 -6.40 16.26 -6.78
N GLN G 188 -5.89 17.08 -5.87
CA GLN G 188 -4.74 16.71 -5.05
C GLN G 188 -5.13 15.86 -3.83
N LYS G 189 -6.13 16.33 -3.10
CA LYS G 189 -6.46 15.77 -1.78
C LYS G 189 -7.62 14.79 -1.74
N TYR G 190 -8.64 15.02 -2.55
CA TYR G 190 -9.96 14.44 -2.29
C TYR G 190 -10.55 13.49 -3.35
N GLY G 191 -10.40 13.80 -4.63
CA GLY G 191 -10.96 12.95 -5.69
C GLY G 191 -10.46 13.30 -7.08
N ASP G 192 -10.91 12.54 -8.08
CA ASP G 192 -10.47 12.78 -9.46
C ASP G 192 -11.33 13.79 -10.19
N VAL G 193 -10.67 14.81 -10.74
CA VAL G 193 -11.33 15.81 -11.56
C VAL G 193 -11.19 15.43 -13.03
N THR G 194 -12.33 15.27 -13.69
CA THR G 194 -12.37 14.88 -15.09
C THR G 194 -13.48 15.63 -15.84
N ASP G 195 -13.89 15.13 -17.00
CA ASP G 195 -14.98 15.74 -17.77
C ASP G 195 -16.19 14.82 -17.88
N SER G 196 -17.30 15.34 -18.41
CA SER G 196 -18.56 14.60 -18.51
C SER G 196 -18.49 13.41 -19.49
N ASP G 197 -17.75 13.58 -20.58
CA ASP G 197 -17.58 12.51 -21.57
C ASP G 197 -16.93 11.26 -20.98
N ASP G 198 -16.05 11.46 -20.00
CA ASP G 198 -15.36 10.37 -19.34
C ASP G 198 -16.28 9.56 -18.42
N ILE G 199 -17.15 10.25 -17.67
CA ILE G 199 -18.06 9.57 -16.75
C ILE G 199 -19.14 8.78 -17.49
N LEU G 200 -19.62 9.33 -18.61
CA LEU G 200 -20.60 8.66 -19.47
C LEU G 200 -20.02 7.37 -20.06
N LYS G 201 -18.76 7.45 -20.49
CA LYS G 201 -18.03 6.30 -21.01
C LYS G 201 -17.76 5.25 -19.92
N TRP G 202 -17.44 5.73 -18.72
CA TRP G 202 -17.16 4.84 -17.59
C TRP G 202 -18.39 4.13 -17.10
N LEU G 203 -19.50 4.86 -17.00
CA LEU G 203 -20.77 4.28 -16.53
C LEU G 203 -21.24 3.11 -17.39
N ARG G 204 -21.07 3.22 -18.71
CA ARG G 204 -21.45 2.16 -19.64
C ARG G 204 -20.56 0.92 -19.50
N SER G 205 -19.28 1.13 -19.18
CA SER G 205 -18.34 0.02 -19.04
C SER G 205 -18.57 -0.80 -17.77
N VAL G 206 -18.88 -0.12 -16.66
CA VAL G 206 -19.25 -0.81 -15.40
C VAL G 206 -20.58 -1.54 -15.56
N ALA G 207 -21.49 -0.97 -16.34
CA ALA G 207 -22.80 -1.57 -16.62
C ALA G 207 -22.70 -2.81 -17.52
N GLY G 208 -21.59 -2.92 -18.26
CA GLY G 208 -21.34 -4.08 -19.11
C GLY G 208 -21.44 -3.72 -20.59
N GLN H 3 -29.21 -6.78 41.60
CA GLN H 3 -29.25 -5.88 40.41
C GLN H 3 -29.08 -4.41 40.78
N LYS H 4 -29.85 -3.96 41.78
CA LYS H 4 -29.75 -2.59 42.28
C LYS H 4 -28.36 -2.33 42.86
N GLU H 5 -27.77 -3.36 43.47
CA GLU H 5 -26.40 -3.28 44.00
C GLU H 5 -25.36 -3.31 42.89
N VAL H 6 -25.59 -4.16 41.88
CA VAL H 6 -24.69 -4.30 40.73
C VAL H 6 -24.58 -2.99 39.94
N TYR H 7 -25.72 -2.38 39.63
CA TYR H 7 -25.76 -1.10 38.92
C TYR H 7 -25.18 0.06 39.72
N ASP H 8 -25.34 -0.01 41.05
CA ASP H 8 -24.76 0.98 41.95
C ASP H 8 -23.24 0.95 41.93
N ALA H 9 -22.69 -0.26 42.08
CA ALA H 9 -21.24 -0.47 42.05
C ALA H 9 -20.64 -0.13 40.68
N ALA H 10 -21.45 -0.31 39.62
CA ALA H 10 -21.04 0.05 38.27
C ALA H 10 -21.13 1.57 38.00
N GLY H 11 -21.59 2.32 38.99
CA GLY H 11 -21.62 3.78 38.93
C GLY H 11 -22.76 4.36 38.11
N PHE H 12 -23.87 3.63 38.02
CA PHE H 12 -25.06 4.11 37.30
C PHE H 12 -26.07 4.79 38.24
N GLY H 13 -27.09 5.39 37.65
CA GLY H 13 -28.23 5.95 38.39
C GLY H 13 -28.00 7.26 39.13
N ASN H 14 -26.96 8.00 38.76
CA ASN H 14 -26.67 9.29 39.37
C ASN H 14 -27.61 10.40 38.87
N PRO H 15 -27.94 11.37 39.74
CA PRO H 15 -28.79 12.48 39.30
C PRO H 15 -28.03 13.42 38.36
N VAL H 16 -28.74 14.00 37.39
CA VAL H 16 -28.16 15.00 36.50
C VAL H 16 -28.46 16.40 37.00
N SER H 17 -27.42 17.20 37.19
CA SER H 17 -27.59 18.60 37.57
C SER H 17 -28.00 19.40 36.34
N ARG H 18 -29.16 20.04 36.44
CA ARG H 18 -29.77 20.73 35.31
C ARG H 18 -29.13 22.08 35.02
N GLY H 19 -29.14 22.46 33.75
CA GLY H 19 -28.58 23.74 33.33
C GLY H 19 -29.60 24.86 33.29
N VAL H 20 -29.28 25.92 32.54
CA VAL H 20 -30.11 27.13 32.51
C VAL H 20 -30.60 27.49 31.10
N HIS H 21 -30.23 26.69 30.10
CA HIS H 21 -30.73 26.86 28.73
C HIS H 21 -31.42 25.60 28.26
N PRO H 22 -32.72 25.44 28.62
CA PRO H 22 -33.45 24.23 28.28
C PRO H 22 -34.09 24.27 26.89
N ALA H 23 -34.23 23.10 26.28
CA ALA H 23 -34.97 22.94 25.04
C ALA H 23 -35.90 21.73 25.13
N ILE H 24 -36.98 21.77 24.35
CA ILE H 24 -37.93 20.67 24.32
C ILE H 24 -37.87 19.96 22.97
N ILE H 25 -37.52 18.67 23.01
CA ILE H 25 -37.54 17.83 21.82
C ILE H 25 -38.79 16.96 21.86
N VAL H 26 -39.68 17.17 20.91
CA VAL H 26 -40.91 16.38 20.83
C VAL H 26 -40.76 15.38 19.68
N VAL H 27 -40.56 14.11 20.06
CA VAL H 27 -40.18 13.05 19.12
C VAL H 27 -41.38 12.30 18.55
N ASP H 28 -41.57 12.42 17.24
CA ASP H 28 -42.57 11.67 16.47
C ASP H 28 -43.96 11.61 17.11
N PHE H 29 -44.51 12.79 17.44
CA PHE H 29 -45.91 12.90 17.78
C PHE H 29 -46.72 13.28 16.55
N SER H 30 -46.51 12.53 15.47
CA SER H 30 -47.26 12.71 14.24
C SER H 30 -48.48 11.80 14.28
N TYR H 31 -49.39 11.99 13.32
CA TYR H 31 -50.63 11.20 13.27
C TYR H 31 -50.37 9.71 13.13
N GLY H 32 -49.34 9.35 12.37
CA GLY H 32 -48.94 7.96 12.19
C GLY H 32 -48.65 7.19 13.48
N PHE H 33 -48.40 7.92 14.57
CA PHE H 33 -48.10 7.31 15.85
C PHE H 33 -49.11 7.65 16.95
N THR H 34 -50.04 8.56 16.65
CA THR H 34 -51.00 9.06 17.65
C THR H 34 -52.46 8.76 17.32
N ASP H 35 -52.76 8.61 16.03
CA ASP H 35 -54.13 8.31 15.57
C ASP H 35 -54.32 6.80 15.51
N LEU H 36 -55.12 6.26 16.44
CA LEU H 36 -55.32 4.80 16.57
C LEU H 36 -55.92 4.11 15.34
N GLN H 37 -56.26 4.91 14.32
CA GLN H 37 -56.69 4.41 13.02
C GLN H 37 -55.59 3.61 12.32
N TYR H 38 -54.34 4.07 12.45
CA TYR H 38 -53.20 3.44 11.79
C TYR H 38 -52.58 2.36 12.67
N PRO H 39 -52.08 1.27 12.04
CA PRO H 39 -51.55 0.11 12.79
C PRO H 39 -50.28 0.41 13.59
N THR H 40 -49.60 1.51 13.23
CA THR H 40 -48.32 1.89 13.85
C THR H 40 -48.50 2.81 15.06
N ALA H 41 -49.76 3.11 15.41
CA ALA H 41 -50.05 4.10 16.44
C ALA H 41 -50.31 3.50 17.83
N SER H 42 -50.07 4.32 18.85
CA SER H 42 -50.36 3.97 20.24
C SER H 42 -51.31 5.01 20.86
N ASP H 43 -51.91 4.67 22.00
CA ASP H 43 -52.74 5.61 22.73
C ASP H 43 -51.86 6.70 23.34
N ALA H 44 -51.88 7.88 22.70
CA ALA H 44 -51.01 8.99 23.07
C ALA H 44 -51.77 10.24 23.48
N SER H 45 -53.05 10.08 23.85
CA SER H 45 -53.91 11.21 24.19
C SER H 45 -53.51 11.97 25.46
N LEU H 46 -53.36 11.23 26.58
CA LEU H 46 -52.97 11.82 27.86
C LEU H 46 -51.61 12.50 27.80
N GLN H 47 -50.63 11.81 27.20
CA GLN H 47 -49.25 12.28 27.12
C GLN H 47 -49.05 13.47 26.18
N MET H 48 -49.88 13.57 25.15
CA MET H 48 -49.84 14.71 24.24
C MET H 48 -50.27 16.00 24.92
N SER H 49 -51.29 15.90 25.77
CA SER H 49 -51.79 17.06 26.50
C SER H 49 -50.83 17.52 27.59
N ARG H 50 -50.07 16.59 28.15
CA ARG H 50 -49.02 16.91 29.12
C ARG H 50 -47.88 17.67 28.45
N THR H 51 -47.49 17.24 27.25
CA THR H 51 -46.43 17.90 26.48
C THR H 51 -46.86 19.28 25.99
N LYS H 52 -48.16 19.43 25.74
CA LYS H 52 -48.72 20.72 25.33
C LYS H 52 -48.47 21.81 26.37
N GLU H 53 -48.66 21.46 27.64
CA GLU H 53 -48.41 22.38 28.76
C GLU H 53 -46.93 22.73 28.86
N ILE H 54 -46.06 21.74 28.64
CA ILE H 54 -44.62 21.93 28.67
C ILE H 54 -44.16 22.86 27.54
N CYS H 55 -44.69 22.63 26.35
CA CYS H 55 -44.32 23.41 25.17
C CYS H 55 -44.82 24.84 25.21
N ASP H 56 -45.99 25.05 25.80
CA ASP H 56 -46.56 26.38 25.95
C ASP H 56 -45.76 27.21 26.96
N LEU H 57 -45.31 26.57 28.04
CA LEU H 57 -44.47 27.22 29.03
C LEU H 57 -43.14 27.64 28.41
N ALA H 58 -42.47 26.67 27.77
CA ALA H 58 -41.17 26.90 27.15
C ALA H 58 -41.21 27.96 26.06
N ARG H 59 -42.25 27.91 25.24
CA ARG H 59 -42.45 28.87 24.14
C ARG H 59 -42.60 30.29 24.67
N ALA H 60 -43.36 30.43 25.75
CA ALA H 60 -43.59 31.72 26.40
C ALA H 60 -42.35 32.24 27.13
N LEU H 61 -41.50 31.31 27.57
CA LEU H 61 -40.22 31.64 28.17
C LEU H 61 -39.11 31.76 27.13
N GLU H 62 -39.50 31.66 25.85
CA GLU H 62 -38.59 31.78 24.69
C GLU H 62 -37.54 30.68 24.56
N PHE H 63 -37.78 29.55 25.21
CA PHE H 63 -36.94 28.37 25.09
C PHE H 63 -37.27 27.61 23.79
N PRO H 64 -36.26 27.02 23.14
CA PRO H 64 -36.49 26.33 21.86
C PRO H 64 -37.40 25.12 21.99
N VAL H 65 -38.44 25.07 21.16
CA VAL H 65 -39.33 23.91 21.07
C VAL H 65 -39.21 23.31 19.68
N ILE H 66 -38.75 22.06 19.62
CA ILE H 66 -38.48 21.40 18.35
C ILE H 66 -39.21 20.07 18.21
N PHE H 67 -39.95 19.95 17.10
CA PHE H 67 -40.72 18.74 16.77
C PHE H 67 -40.00 17.92 15.71
N THR H 68 -39.90 16.61 15.91
CA THR H 68 -39.29 15.73 14.91
C THR H 68 -40.31 14.76 14.33
N THR H 69 -40.18 14.48 13.04
CA THR H 69 -41.08 13.57 12.33
C THR H 69 -40.32 12.66 11.35
N ILE H 70 -40.86 11.47 11.13
CA ILE H 70 -40.34 10.54 10.13
C ILE H 70 -41.15 10.69 8.84
N ALA H 71 -40.45 10.87 7.73
CA ALA H 71 -41.08 11.00 6.41
C ALA H 71 -40.15 10.49 5.33
N TYR H 72 -40.71 9.85 4.31
CA TYR H 72 -39.93 9.28 3.21
C TYR H 72 -40.47 9.66 1.84
N HIS H 73 -39.57 9.72 0.85
CA HIS H 73 -39.95 9.72 -0.55
C HIS H 73 -40.07 8.28 -0.98
N PRO H 74 -40.90 8.01 -2.01
CA PRO H 74 -41.08 6.62 -2.48
C PRO H 74 -39.77 5.94 -2.91
N GLY H 75 -38.87 6.70 -3.49
CA GLY H 75 -37.57 6.19 -3.94
C GLY H 75 -36.63 5.78 -2.82
N GLU H 76 -36.86 6.34 -1.63
CA GLU H 76 -36.03 6.06 -0.45
C GLU H 76 -36.35 4.72 0.20
N ILE H 77 -37.58 4.23 -0.02
CA ILE H 77 -38.06 2.99 0.59
C ILE H 77 -37.12 1.78 0.36
N PRO H 78 -36.76 1.49 -0.90
CA PRO H 78 -35.86 0.35 -1.14
C PRO H 78 -34.39 0.60 -0.77
N MET H 79 -34.06 1.84 -0.40
CA MET H 79 -32.69 2.22 -0.08
C MET H 79 -32.33 2.03 1.40
N LEU H 80 -33.29 2.25 2.28
CA LEU H 80 -33.05 2.20 3.73
C LEU H 80 -33.43 0.84 4.33
N PRO H 81 -32.41 0.08 4.78
CA PRO H 81 -32.61 -1.29 5.32
C PRO H 81 -33.43 -1.34 6.62
N TRP H 82 -33.71 -0.18 7.21
CA TRP H 82 -34.58 -0.13 8.38
C TRP H 82 -36.01 -0.43 8.00
N LEU H 83 -36.35 -0.09 6.76
CA LEU H 83 -37.69 -0.32 6.22
C LEU H 83 -37.94 -1.78 5.83
N GLU H 84 -36.86 -2.54 5.69
CA GLU H 84 -36.96 -3.99 5.50
C GLU H 84 -37.43 -4.66 6.79
N LYS H 85 -36.87 -4.22 7.92
CA LYS H 85 -37.25 -4.70 9.24
C LYS H 85 -38.60 -4.14 9.69
N SER H 86 -38.68 -2.81 9.77
CA SER H 86 -39.89 -2.12 10.20
C SER H 86 -40.63 -1.61 8.98
N SER H 87 -41.34 -2.52 8.30
CA SER H 87 -42.02 -2.22 7.03
C SER H 87 -43.18 -1.23 7.16
N GLY H 88 -43.74 -1.11 8.37
CA GLY H 88 -44.82 -0.16 8.65
C GLY H 88 -44.42 1.29 8.50
N MET H 89 -43.13 1.57 8.68
CA MET H 89 -42.57 2.92 8.54
C MET H 89 -42.61 3.42 7.09
N ALA H 90 -42.73 2.46 6.15
CA ALA H 90 -42.81 2.79 4.73
C ALA H 90 -44.12 3.53 4.40
N ALA H 91 -45.08 3.46 5.33
CA ALA H 91 -46.36 4.14 5.20
C ALA H 91 -46.30 5.64 5.52
N LEU H 92 -45.11 6.11 5.96
CA LEU H 92 -44.92 7.51 6.32
C LEU H 92 -44.23 8.29 5.20
N LEU H 93 -45.03 8.84 4.29
CA LEU H 93 -44.49 9.52 3.10
C LEU H 93 -44.88 10.99 3.07
N TYR H 94 -44.06 11.78 2.36
CA TYR H 94 -44.37 13.18 2.11
C TYR H 94 -45.74 13.33 1.45
N GLY H 95 -46.49 14.35 1.87
CA GLY H 95 -47.80 14.63 1.29
C GLY H 95 -48.94 13.83 1.91
N SER H 96 -48.62 12.89 2.78
CA SER H 96 -49.63 12.10 3.47
C SER H 96 -49.98 12.72 4.83
N ARG H 97 -51.06 12.22 5.44
CA ARG H 97 -51.54 12.74 6.71
C ARG H 97 -50.71 12.22 7.90
N LEU H 98 -50.19 11.00 7.79
CA LEU H 98 -49.50 10.33 8.91
C LEU H 98 -48.20 11.05 9.29
N VAL H 99 -47.67 11.84 8.36
CA VAL H 99 -46.45 12.61 8.55
C VAL H 99 -46.65 13.86 9.42
N GLU H 100 -47.80 14.51 9.24
CA GLU H 100 -48.14 15.77 9.93
C GLU H 100 -48.18 15.63 11.46
N ILE H 101 -47.71 16.66 12.16
CA ILE H 101 -47.70 16.69 13.62
C ILE H 101 -49.13 16.81 14.17
N ASP H 102 -49.45 15.96 15.15
CA ASP H 102 -50.77 15.96 15.78
C ASP H 102 -51.05 17.30 16.46
N MET H 103 -52.22 17.85 16.20
CA MET H 103 -52.60 19.18 16.70
C MET H 103 -52.80 19.23 18.22
N ALA H 104 -53.05 18.08 18.83
CA ALA H 104 -53.18 17.95 20.29
C ALA H 104 -51.92 18.39 21.04
N THR H 105 -50.80 18.46 20.31
CA THR H 105 -49.52 18.92 20.87
C THR H 105 -49.48 20.43 20.99
N GLY H 106 -50.31 21.10 20.20
CA GLY H 106 -50.40 22.56 20.21
C GLY H 106 -49.26 23.22 19.47
N ILE H 107 -48.70 22.50 18.48
CA ILE H 107 -47.61 23.01 17.66
C ILE H 107 -47.97 24.34 16.99
N GLN H 108 -47.06 25.31 17.14
CA GLN H 108 -47.24 26.66 16.59
C GLN H 108 -46.51 26.80 15.26
N PRO H 109 -47.10 27.53 14.29
CA PRO H 109 -46.51 27.79 12.97
C PRO H 109 -45.03 28.13 12.94
N ASN H 110 -44.49 28.67 14.03
CA ASN H 110 -43.08 29.07 14.08
C ASN H 110 -42.16 28.01 14.70
N ASP H 111 -42.75 26.96 15.26
CA ASP H 111 -41.99 25.85 15.83
C ASP H 111 -41.27 25.05 14.74
N VAL H 112 -40.01 24.70 15.00
CA VAL H 112 -39.19 23.99 14.03
C VAL H 112 -39.54 22.50 13.98
N VAL H 113 -39.78 22.01 12.77
CA VAL H 113 -40.03 20.59 12.53
C VAL H 113 -38.86 19.99 11.76
N VAL H 114 -38.14 19.07 12.39
CA VAL H 114 -37.05 18.37 11.71
C VAL H 114 -37.54 17.03 11.17
N VAL H 115 -37.20 16.77 9.91
CA VAL H 115 -37.55 15.51 9.26
C VAL H 115 -36.35 14.57 9.33
N LYS H 116 -36.59 13.37 9.83
CA LYS H 116 -35.55 12.35 9.98
C LYS H 116 -35.96 11.04 9.31
N LYS H 117 -34.98 10.15 9.10
CA LYS H 117 -35.24 8.90 8.40
C LYS H 117 -35.14 7.66 9.30
N GLY H 118 -34.50 7.82 10.45
CA GLY H 118 -34.31 6.72 11.40
C GLY H 118 -35.06 6.89 12.70
N ALA H 119 -34.69 6.09 13.70
CA ALA H 119 -35.30 6.17 15.03
C ALA H 119 -34.85 7.42 15.78
N SER H 120 -33.54 7.62 15.91
CA SER H 120 -32.99 8.78 16.61
C SER H 120 -33.28 10.09 15.90
N SER H 121 -33.60 11.11 16.68
CA SER H 121 -33.86 12.45 16.18
C SER H 121 -32.57 13.19 15.82
N PHE H 122 -31.43 12.63 16.19
CA PHE H 122 -30.13 13.23 15.92
C PHE H 122 -29.47 12.67 14.67
N PHE H 123 -29.74 11.39 14.36
CA PHE H 123 -29.11 10.73 13.23
C PHE H 123 -29.55 11.30 11.89
N GLY H 124 -28.59 11.84 11.14
CA GLY H 124 -28.82 12.37 9.80
C GLY H 124 -29.79 13.53 9.78
N SER H 125 -29.75 14.33 10.84
CA SER H 125 -30.63 15.49 10.97
C SER H 125 -29.84 16.69 11.46
N THR H 126 -30.47 17.86 11.41
CA THR H 126 -29.85 19.11 11.81
C THR H 126 -30.05 19.45 13.30
N LEU H 127 -30.70 18.54 14.02
CA LEU H 127 -31.10 18.77 15.42
C LEU H 127 -29.95 19.23 16.32
N SER H 128 -28.78 18.61 16.15
CA SER H 128 -27.58 18.94 16.92
C SER H 128 -27.11 20.37 16.68
N SER H 129 -27.12 20.78 15.41
CA SER H 129 -26.71 22.13 15.01
C SER H 129 -27.64 23.20 15.53
N LEU H 130 -28.92 22.85 15.66
CA LEU H 130 -29.93 23.76 16.20
C LEU H 130 -29.76 23.94 17.70
N LEU H 131 -29.50 22.83 18.38
CA LEU H 131 -29.29 22.83 19.82
C LEU H 131 -28.03 23.58 20.23
N ALA H 132 -26.95 23.40 19.46
CA ALA H 132 -25.69 24.07 19.74
C ALA H 132 -25.72 25.55 19.35
N GLY H 133 -26.45 25.87 18.28
CA GLY H 133 -26.60 27.25 17.83
C GLY H 133 -27.43 28.12 18.76
N THR H 134 -28.24 27.47 19.61
CA THR H 134 -29.07 28.17 20.59
C THR H 134 -28.50 28.09 22.00
N ASN H 135 -27.30 27.50 22.11
CA ASN H 135 -26.53 27.42 23.36
C ASN H 135 -27.19 26.53 24.43
N THR H 136 -28.00 25.57 23.96
CA THR H 136 -28.73 24.64 24.82
C THR H 136 -27.79 23.77 25.66
N ASP H 137 -28.10 23.64 26.95
CA ASP H 137 -27.34 22.75 27.83
C ASP H 137 -28.14 21.53 28.32
N THR H 138 -29.47 21.67 28.41
CA THR H 138 -30.34 20.61 28.87
C THR H 138 -31.53 20.42 27.93
N VAL H 139 -31.86 19.17 27.64
CA VAL H 139 -33.02 18.86 26.79
C VAL H 139 -34.05 18.01 27.53
N VAL H 140 -35.32 18.32 27.32
CA VAL H 140 -36.40 17.45 27.79
C VAL H 140 -36.99 16.74 26.58
N VAL H 141 -36.90 15.41 26.60
CA VAL H 141 -37.31 14.59 25.46
C VAL H 141 -38.65 13.94 25.77
N THR H 142 -39.60 14.13 24.86
CA THR H 142 -40.94 13.59 24.97
C THR H 142 -41.34 12.96 23.63
N GLY H 143 -42.37 12.12 23.64
CA GLY H 143 -42.93 11.63 22.38
C GLY H 143 -43.23 10.14 22.27
N ALA H 144 -43.11 9.63 21.04
CA ALA H 144 -43.37 8.22 20.75
C ALA H 144 -42.33 7.68 19.76
N THR H 145 -41.87 6.45 19.96
CA THR H 145 -42.25 5.63 21.11
C THR H 145 -41.09 5.50 22.08
N THR H 146 -41.41 5.23 23.34
CA THR H 146 -40.42 5.27 24.42
C THR H 146 -39.34 4.20 24.28
N SER H 147 -39.67 3.07 23.67
CA SER H 147 -38.69 2.02 23.41
C SER H 147 -37.97 2.18 22.06
N GLY H 148 -38.47 3.09 21.23
CA GLY H 148 -37.94 3.30 19.88
C GLY H 148 -37.28 4.65 19.72
N ALA H 149 -37.97 5.55 19.01
CA ALA H 149 -37.43 6.87 18.68
C ALA H 149 -37.06 7.72 19.91
N VAL H 150 -37.84 7.61 20.98
CA VAL H 150 -37.55 8.36 22.22
C VAL H 150 -36.23 7.91 22.84
N ARG H 151 -36.10 6.60 23.10
CA ARG H 151 -34.87 6.03 23.66
C ARG H 151 -33.64 6.34 22.79
N ALA H 152 -33.80 6.17 21.48
CA ALA H 152 -32.72 6.43 20.53
C ALA H 152 -32.32 7.91 20.50
N THR H 153 -33.29 8.80 20.74
CA THR H 153 -33.05 10.23 20.80
C THR H 153 -32.33 10.60 22.09
N VAL H 154 -32.77 10.01 23.21
CA VAL H 154 -32.16 10.22 24.52
C VAL H 154 -30.69 9.82 24.52
N VAL H 155 -30.39 8.63 24.02
CA VAL H 155 -29.01 8.13 23.93
C VAL H 155 -28.14 9.08 23.11
N ASP H 156 -28.64 9.47 21.94
CA ASP H 156 -27.92 10.39 21.06
C ASP H 156 -27.77 11.79 21.65
N ALA H 157 -28.75 12.21 22.45
CA ALA H 157 -28.71 13.53 23.10
C ALA H 157 -27.60 13.64 24.13
N VAL H 158 -27.44 12.63 24.97
CA VAL H 158 -26.37 12.57 25.98
C VAL H 158 -25.00 12.47 25.32
N GLN H 159 -24.91 11.63 24.29
CA GLN H 159 -23.69 11.44 23.52
C GLN H 159 -23.26 12.74 22.82
N SER H 160 -24.24 13.51 22.37
CA SER H 160 -24.00 14.79 21.70
C SER H 160 -23.54 15.91 22.64
N GLY H 161 -23.64 15.66 23.94
CA GLY H 161 -23.16 16.60 24.96
C GLY H 161 -24.25 17.37 25.69
N PHE H 162 -25.47 16.84 25.67
CA PHE H 162 -26.60 17.50 26.32
C PHE H 162 -27.13 16.68 27.48
N LYS H 163 -27.39 17.35 28.59
CA LYS H 163 -28.03 16.72 29.75
C LYS H 163 -29.50 16.47 29.40
N VAL H 164 -30.00 15.29 29.76
CA VAL H 164 -31.30 14.84 29.29
C VAL H 164 -32.27 14.60 30.46
N LEU H 165 -33.47 15.14 30.31
CA LEU H 165 -34.57 14.86 31.22
C LEU H 165 -35.71 14.26 30.40
N VAL H 166 -36.29 13.17 30.89
CA VAL H 166 -37.46 12.59 30.23
C VAL H 166 -38.63 12.47 31.22
N PRO H 167 -39.77 13.09 30.88
CA PRO H 167 -40.98 12.94 31.68
C PRO H 167 -41.73 11.67 31.27
N ALA H 168 -41.86 10.73 32.22
CA ALA H 168 -42.47 9.42 31.98
C ALA H 168 -43.90 9.51 31.45
N ASP H 169 -44.69 10.42 32.01
CA ASP H 169 -46.08 10.60 31.59
C ASP H 169 -46.22 11.41 30.29
N CYS H 170 -45.10 11.57 29.58
CA CYS H 170 -45.08 12.27 28.29
C CYS H 170 -44.65 11.37 27.15
N CYS H 171 -44.35 10.12 27.49
CA CYS H 171 -43.91 9.13 26.51
C CYS H 171 -44.98 8.04 26.33
N ALA H 172 -45.32 7.76 25.08
CA ALA H 172 -46.30 6.73 24.75
C ALA H 172 -45.67 5.55 24.02
N ASP H 173 -46.18 4.35 24.28
CA ASP H 173 -45.72 3.14 23.60
C ASP H 173 -46.87 2.17 23.32
N ARG H 174 -46.62 1.21 22.44
CA ARG H 174 -47.62 0.21 22.06
C ARG H 174 -47.71 -0.96 23.04
N ALA H 175 -46.73 -1.09 23.93
CA ALA H 175 -46.71 -2.16 24.94
C ALA H 175 -46.05 -1.70 26.24
N LYS H 176 -46.57 -2.20 27.36
CA LYS H 176 -46.11 -1.84 28.71
C LYS H 176 -44.68 -2.30 29.01
N GLY H 177 -44.36 -3.53 28.60
CA GLY H 177 -43.04 -4.14 28.85
C GLY H 177 -41.83 -3.35 28.36
N PRO H 178 -41.76 -3.07 27.04
CA PRO H 178 -40.69 -2.25 26.47
C PRO H 178 -40.67 -0.82 26.99
N HIS H 179 -41.82 -0.32 27.44
CA HIS H 179 -41.95 1.01 28.03
C HIS H 179 -41.19 1.11 29.33
N GLU H 180 -41.44 0.16 30.24
CA GLU H 180 -40.73 0.11 31.52
C GLU H 180 -39.23 -0.14 31.34
N ALA H 181 -38.90 -1.08 30.46
CA ALA H 181 -37.51 -1.50 30.22
C ALA H 181 -36.65 -0.37 29.65
N SER H 182 -37.22 0.46 28.79
CA SER H 182 -36.50 1.60 28.23
C SER H 182 -36.32 2.72 29.26
N LEU H 183 -37.37 3.00 30.02
CA LEU H 183 -37.30 4.00 31.09
C LEU H 183 -36.32 3.59 32.19
N TYR H 184 -36.22 2.29 32.46
CA TYR H 184 -35.25 1.78 33.42
C TYR H 184 -33.82 2.00 32.95
N ASP H 185 -33.55 1.71 31.67
CA ASP H 185 -32.23 1.91 31.08
C ASP H 185 -31.84 3.40 31.06
N ILE H 186 -32.79 4.27 30.69
CA ILE H 186 -32.56 5.71 30.65
C ILE H 186 -32.17 6.24 32.04
N GLN H 187 -32.95 5.87 33.05
CA GLN H 187 -32.71 6.31 34.43
C GLN H 187 -31.33 5.89 34.95
N GLN H 188 -30.89 4.71 34.55
CA GLN H 188 -29.59 4.19 34.98
C GLN H 188 -28.44 4.77 34.17
N LYS H 189 -28.63 4.90 32.86
CA LYS H 189 -27.51 5.12 31.95
C LYS H 189 -27.44 6.48 31.27
N TYR H 190 -28.58 7.07 30.94
CA TYR H 190 -28.61 8.18 29.99
C TYR H 190 -29.14 9.52 30.50
N GLY H 191 -30.27 9.50 31.21
CA GLY H 191 -30.90 10.73 31.69
C GLY H 191 -31.85 10.51 32.84
N ASP H 192 -32.32 11.60 33.45
CA ASP H 192 -33.24 11.49 34.57
C ASP H 192 -34.68 11.28 34.11
N VAL H 193 -35.32 10.26 34.68
CA VAL H 193 -36.73 9.99 34.45
C VAL H 193 -37.55 10.65 35.55
N THR H 194 -38.51 11.48 35.13
CA THR H 194 -39.35 12.24 36.06
C THR H 194 -40.74 12.43 35.42
N ASP H 195 -41.56 13.31 35.99
CA ASP H 195 -42.91 13.58 35.46
C ASP H 195 -43.06 15.03 34.97
N SER H 196 -44.15 15.28 34.23
CA SER H 196 -44.40 16.60 33.64
C SER H 196 -44.59 17.72 34.67
N ASP H 197 -45.07 17.37 35.85
CA ASP H 197 -45.22 18.33 36.95
C ASP H 197 -43.88 18.84 37.46
N ASP H 198 -42.87 17.97 37.41
CA ASP H 198 -41.53 18.31 37.86
C ASP H 198 -40.82 19.26 36.89
N ILE H 199 -40.97 19.03 35.58
CA ILE H 199 -40.34 19.91 34.59
C ILE H 199 -41.04 21.26 34.49
N LEU H 200 -42.35 21.27 34.78
CA LEU H 200 -43.14 22.50 34.81
C LEU H 200 -42.65 23.43 35.93
N LYS H 201 -42.51 22.88 37.13
CA LYS H 201 -42.00 23.62 38.27
C LYS H 201 -40.54 24.05 38.04
N TRP H 202 -39.76 23.16 37.43
CA TRP H 202 -38.35 23.44 37.14
C TRP H 202 -38.16 24.54 36.13
N LEU H 203 -38.88 24.47 35.02
CA LEU H 203 -38.80 25.51 33.99
C LEU H 203 -39.17 26.89 34.51
N ARG H 204 -40.09 26.94 35.46
CA ARG H 204 -40.49 28.19 36.10
C ARG H 204 -39.40 28.72 37.05
N SER H 205 -38.62 27.82 37.62
CA SER H 205 -37.50 28.19 38.50
C SER H 205 -36.35 28.86 37.74
N VAL H 206 -36.07 28.40 36.53
CA VAL H 206 -34.97 28.96 35.74
C VAL H 206 -35.38 30.29 35.08
N ALA H 207 -36.70 30.50 34.98
CA ALA H 207 -37.27 31.71 34.37
C ALA H 207 -36.72 33.01 34.97
N GLY H 208 -36.42 32.99 36.27
CA GLY H 208 -35.81 34.13 36.95
C GLY H 208 -34.50 33.77 37.64
C1 MAE I . 20.15 -27.60 13.07
O1 MAE I . 20.36 -26.36 13.23
O2 MAE I . 20.53 -28.23 12.06
C2 MAE I . 19.42 -28.34 14.13
C3 MAE I . 18.12 -28.22 14.38
C4 MAE I . 17.18 -27.33 13.65
O3 MAE I . 17.56 -26.68 12.65
O4 MAE I . 16.00 -27.27 14.06
C1 MAE J . -4.07 18.40 7.13
O1 MAE J . -4.17 19.60 6.76
O2 MAE J . -3.50 18.10 8.21
C2 MAE J . -4.66 17.33 6.31
C3 MAE J . -4.41 17.21 5.00
C4 MAE J . -3.52 18.12 4.26
O3 MAE J . -2.28 18.05 4.45
O4 MAE J . -4.02 18.96 3.48
C1 MAE K . 19.34 8.39 -17.41
O1 MAE K . 19.74 7.28 -17.86
O2 MAE K . 19.55 8.75 -16.24
C2 MAE K . 18.57 9.29 -18.31
C3 MAE K . 17.46 8.87 -18.92
C4 MAE K . 16.98 7.49 -18.71
O3 MAE K . 17.12 6.65 -19.63
O4 MAE K . 16.45 7.19 -17.61
C1 MAE L . -22.97 0.31 29.52
O1 MAE L . -24.20 0.27 29.32
O2 MAE L . -22.42 -0.43 30.37
C2 MAE L . -22.14 1.24 28.72
C3 MAE L . -21.35 0.79 27.75
C4 MAE L . -21.25 -0.64 27.38
O3 MAE L . -22.30 -1.31 27.24
O4 MAE L . -20.12 -1.14 27.20
C1 MAE M . 23.54 -30.47 -7.94
O1 MAE M . 24.25 -30.29 -8.96
O2 MAE M . 23.43 -29.60 -7.05
C2 MAE M . 22.78 -31.73 -7.79
C3 MAE M . 23.38 -32.93 -7.65
C4 MAE M . 24.85 -33.12 -7.64
O3 MAE M . 25.56 -32.36 -6.94
O4 MAE M . 25.33 -34.05 -8.33
C1 MAE N . 28.62 1.93 -37.32
O1 MAE N . 27.49 1.81 -36.79
O2 MAE N . 28.76 2.17 -38.54
C2 MAE N . 29.82 1.80 -36.48
C3 MAE N . 30.07 0.69 -35.80
C4 MAE N . 29.15 -0.48 -35.87
O3 MAE N . 29.08 -1.13 -36.92
O4 MAE N . 28.48 -0.75 -34.85
C1 MAE O . -22.40 28.84 -1.89
O1 MAE O . -21.22 29.00 -2.30
O2 MAE O . -23.36 29.41 -2.45
C2 MAE O . -22.63 27.98 -0.72
C3 MAE O . -23.29 26.82 -0.80
C4 MAE O . -23.85 26.31 -2.07
O3 MAE O . -25.07 26.12 -2.17
O4 MAE O . -23.07 26.06 -3.02
C1 MAE P . -40.68 5.46 16.49
O1 MAE P . -41.28 6.27 15.77
O2 MAE P . -40.89 5.42 17.74
C2 MAE P . -39.71 4.53 15.89
C3 MAE P . -39.76 3.21 16.06
C4 MAE P . -40.82 2.57 16.85
O3 MAE P . -42.02 2.63 16.47
O4 MAE P . -40.49 1.99 17.92
#